data_9CUP
#
_entry.id   9CUP
#
_cell.length_a   1.00
_cell.length_b   1.00
_cell.length_c   1.00
_cell.angle_alpha   90.00
_cell.angle_beta   90.00
_cell.angle_gamma   90.00
#
_symmetry.space_group_name_H-M   'P 1'
#
loop_
_entity.id
_entity.type
_entity.pdbx_description
1 polymer 'Probable multidrug resistance ABC transporter ATP-binding/permease protein YheH'
2 polymer 'Probable multidrug resistance ABC transporter ATP-binding/permease protein YheI'
3 non-polymer '(2S)-3-(hexadecanoyloxy)-2-[(9Z)-octadec-9-enoyloxy]propyl 2-(trimethylammonio)ethyl phosphate'
4 non-polymer "ADENOSINE-5'-TRIPHOSPHATE"
5 non-polymer 'MAGNESIUM ION'
6 non-polymer "2'-(4-ETHOXYPHENYL)-5-(4-METHYL-1-PIPERAZINYL)-2,5'-BI-BENZIMIDAZOLE"
#
loop_
_entity_poly.entity_id
_entity_poly.type
_entity_poly.pdbx_seq_one_letter_code
_entity_poly.pdbx_strand_id
1 'polypeptide(L)'
;MKIGKTLWRYALLYRKLLITAVLLLTVAVGAELTGPFIGKKMIDDHILGIEKTWYEAAEKDKNAVQFHGVSYVREDRLQE
PVSKAKEAHIYQVGMAFYFVDQAVSFDGNRTVSDGKLTITNGDKSRAYAAEKLTKQELFQFYQPEIKGMVLLICLYGGLL
VFSVFFQYGQHYLLQMSANRIIQKMRQDVFSHIQKMPIRYFDNLPAGKVVARITNDTEAIRDLYVTVLSTFVTSGIYMFG
IFTALFLLDVKLAFVCLAIVPIIWLWSVIYRRYASYYNQKIRSINSDINAKMNESIQGMTIIQAFRHQKETMREFEELNE
SHFYFQNRMLNLNSLMSHNLVNVIRNLAFVCLIWHFGGASLNAAGIVSIGVLYAFVDYLNRLFQPITGIVNQFSKLELAR
VSAGRVFELLEEKNTEEAGEPAKERALGRVEFRDVSFAYQEGEEVLKHISFTAQKGETVALVGHTGSGKSSILNLLFRFY
DAQKGDVLIDGKSIYNMSRQELRSHMGIVLQDPYLFSGTIGSNVSLDDERMTEEEIKNALRQVGAEPLLKKLPKGINEPV
IEKGSTLSSGERQLISFARALAFDPAILILDEATAHIDTETEAVIQKALDVVKQGRTTFVIAHRLSTIRNADQILVLDKG
EIVERGNHEELMALEGQYYQMYELQKGQKHSIALEHHHHHH
;
D
2 'polypeptide(L)'
;MGSSHHHHHHSSGLVPRGSHMLEFSVLKKLGWFFKAYWLRYTIAIVLLLAVNVIEMFPPKLLGNAIDDMKAGAFTAEGLL
FYIGIFFVLTAAVYIMSYFWMHQLFGGANLMEKILRTKLMGHLLTMSPPFYEKNRTGDLMARGTNDLQAVSLTTGFGILT
LVDSTMFMMTIFLTMGFLISWKLTFAAIIPLPVMAIAISLYGSKIHERFTEAQNAFGALNDRVLESVSGVRVIRAYVQET
NDVRRFNEMTADVYQKNMKVAFIDSLFEPTVKLLVGASYLIGLGYGAFLVFRNELTLGELVSFNVYLGMMIWPMFAIGEL
INVMQRGNASLDRVNETLSYETDVTDPKQPADLKEPGDIVFSHVSFTYPSSTSDNLQDISFTVRKGQTVGIAGKTGSGKT
TIIKQLLRQYPPGEGSITFSGVPIQQIPLDRLRGWIGYVPQDHLLFSRTVKENILYGKQDATDKEVQQAIAEAHFEKDLH
MLPSGLETMVGEKGVALSGGQKQRISIARALMANPEILILDDSLSAVDAKTEAAIIKNIRENRKGKTTFILTHRLSAVEH
ADLILVMDGGVIAERGTHQELLANNGWYREQYERQQLFTAEEGGAGA
;
C
#
loop_
_chem_comp.id
_chem_comp.type
_chem_comp.name
_chem_comp.formula
ATP non-polymer ADENOSINE-5'-TRIPHOSPHATE 'C10 H16 N5 O13 P3'
HT1 non-polymer 2'-(4-ETHOXYPHENYL)-5-(4-METHYL-1-PIPERAZINYL)-2,5'-BI-BENZIMIDAZOLE 'C27 H28 N6 O'
MG non-polymer 'MAGNESIUM ION' 'Mg 2'
POV non-polymer '(2S)-3-(hexadecanoyloxy)-2-[(9Z)-octadec-9-enoyloxy]propyl 2-(trimethylammonio)ethyl phosphate' 'C42 H82 N O8 P'
#
# COMPACT_ATOMS: atom_id res chain seq x y z
N LYS A 2 26.22 -4.99 3.50
CA LYS A 2 25.24 -5.90 4.15
C LYS A 2 24.05 -5.12 4.69
N ILE A 3 23.15 -5.83 5.36
CA ILE A 3 21.95 -5.24 5.96
C ILE A 3 21.96 -5.43 7.47
N GLY A 4 22.25 -6.64 7.92
CA GLY A 4 22.27 -6.91 9.34
C GLY A 4 23.27 -6.04 10.09
N LYS A 5 24.43 -5.78 9.47
CA LYS A 5 25.44 -4.97 10.14
C LYS A 5 24.91 -3.58 10.45
N THR A 6 24.31 -2.92 9.46
CA THR A 6 23.83 -1.56 9.68
C THR A 6 22.59 -1.54 10.57
N LEU A 7 21.70 -2.51 10.42
CA LEU A 7 20.54 -2.58 11.31
C LEU A 7 21.00 -2.75 12.75
N TRP A 8 21.98 -3.61 12.99
CA TRP A 8 22.50 -3.81 14.34
C TRP A 8 23.22 -2.57 14.85
N ARG A 9 23.97 -1.89 13.97
CA ARG A 9 24.63 -0.66 14.39
C ARG A 9 23.62 0.39 14.82
N TYR A 10 22.53 0.53 14.07
CA TYR A 10 21.50 1.48 14.48
C TYR A 10 20.74 1.00 15.71
N ALA A 11 20.69 -0.31 15.94
CA ALA A 11 20.01 -0.83 17.12
C ALA A 11 20.85 -0.65 18.39
N LEU A 12 22.18 -0.70 18.27
CA LEU A 12 23.02 -0.47 19.44
C LEU A 12 22.76 0.91 20.01
N LEU A 13 22.60 1.91 19.15
CA LEU A 13 22.00 3.15 19.58
C LEU A 13 20.60 2.84 20.11
N TYR A 14 20.26 3.42 21.25
CA TYR A 14 19.02 3.08 21.95
C TYR A 14 19.06 1.63 22.43
N ARG A 15 20.13 1.26 23.14
CA ARG A 15 20.25 -0.07 23.70
C ARG A 15 19.64 -0.18 25.09
N LYS A 16 19.54 0.93 25.83
CA LYS A 16 18.90 0.87 27.14
C LYS A 16 17.45 0.40 27.02
N LEU A 17 16.72 0.95 26.06
CA LEU A 17 15.33 0.55 25.89
C LEU A 17 15.22 -0.91 25.51
N LEU A 18 16.07 -1.37 24.60
CA LEU A 18 16.01 -2.77 24.17
C LEU A 18 16.33 -3.71 25.32
N ILE A 19 17.35 -3.39 26.12
CA ILE A 19 17.71 -4.25 27.23
C ILE A 19 16.59 -4.28 28.26
N THR A 20 16.01 -3.13 28.58
CA THR A 20 14.89 -3.10 29.51
C THR A 20 13.73 -3.94 28.99
N ALA A 21 13.42 -3.82 27.70
CA ALA A 21 12.35 -4.62 27.11
C ALA A 21 12.65 -6.11 27.22
N VAL A 22 13.89 -6.50 26.94
CA VAL A 22 14.25 -7.91 27.02
C VAL A 22 14.07 -8.43 28.43
N LEU A 23 14.53 -7.66 29.42
CA LEU A 23 14.44 -8.11 30.81
C LEU A 23 12.98 -8.19 31.28
N LEU A 24 12.18 -7.19 30.96
CA LEU A 24 10.77 -7.24 31.35
C LEU A 24 10.06 -8.40 30.67
N LEU A 25 10.38 -8.65 29.40
CA LEU A 25 9.81 -9.82 28.72
C LEU A 25 10.21 -11.10 29.42
N THR A 26 11.48 -11.21 29.83
CA THR A 26 11.93 -12.42 30.51
C THR A 26 11.17 -12.62 31.82
N VAL A 27 10.96 -11.55 32.58
CA VAL A 27 10.27 -11.67 33.85
C VAL A 27 8.82 -12.12 33.63
N ALA A 28 8.12 -11.47 32.70
CA ALA A 28 6.74 -11.86 32.42
C ALA A 28 6.68 -13.29 31.93
N VAL A 29 7.62 -13.70 31.09
CA VAL A 29 7.66 -15.06 30.59
C VAL A 29 7.84 -16.04 31.73
N GLY A 30 8.75 -15.74 32.65
CA GLY A 30 8.96 -16.61 33.80
C GLY A 30 7.69 -16.78 34.62
N ALA A 31 6.99 -15.68 34.87
CA ALA A 31 5.74 -15.77 35.63
C ALA A 31 4.72 -16.64 34.89
N GLU A 32 4.54 -16.39 33.61
CA GLU A 32 3.56 -17.16 32.84
C GLU A 32 3.89 -18.65 32.87
N LEU A 33 5.17 -18.98 32.70
CA LEU A 33 5.55 -20.39 32.61
C LEU A 33 5.54 -21.08 33.98
N THR A 34 5.74 -20.33 35.06
CA THR A 34 5.60 -20.94 36.37
C THR A 34 4.13 -21.17 36.74
N GLY A 35 3.22 -20.44 36.11
CA GLY A 35 1.81 -20.74 36.27
C GLY A 35 1.47 -22.22 36.16
N PRO A 36 1.78 -22.83 35.02
CA PRO A 36 1.52 -24.27 34.86
C PRO A 36 2.23 -25.15 35.87
N PHE A 37 3.35 -24.72 36.46
CA PHE A 37 3.92 -25.50 37.57
C PHE A 37 3.01 -25.42 38.78
N ILE A 38 2.38 -24.27 39.03
CA ILE A 38 1.35 -24.21 40.06
C ILE A 38 0.26 -25.21 39.74
N GLY A 39 -0.12 -25.31 38.46
CA GLY A 39 -1.13 -26.29 38.08
C GLY A 39 -0.71 -27.71 38.36
N LYS A 40 0.52 -28.06 37.97
CA LYS A 40 1.00 -29.43 38.20
C LYS A 40 1.06 -29.76 39.68
N LYS A 41 1.58 -28.84 40.50
CA LYS A 41 1.65 -29.09 41.93
C LYS A 41 0.27 -29.21 42.53
N MET A 42 -0.66 -28.35 42.10
CA MET A 42 -2.02 -28.41 42.59
C MET A 42 -2.69 -29.73 42.22
N ILE A 43 -2.31 -30.31 41.09
CA ILE A 43 -2.84 -31.62 40.72
C ILE A 43 -2.20 -32.71 41.57
N ASP A 44 -0.89 -32.82 41.51
CA ASP A 44 -0.20 -33.94 42.16
C ASP A 44 -0.42 -33.90 43.68
N ASP A 45 0.02 -32.83 44.33
CA ASP A 45 0.11 -32.84 45.78
C ASP A 45 -1.26 -32.82 46.44
N HIS A 46 -2.26 -32.21 45.80
CA HIS A 46 -3.57 -32.03 46.44
C HIS A 46 -4.62 -33.00 45.91
N ILE A 47 -4.87 -33.01 44.60
CA ILE A 47 -5.89 -33.89 44.05
C ILE A 47 -5.43 -35.34 44.11
N LEU A 48 -4.17 -35.60 43.73
CA LEU A 48 -3.63 -36.95 43.73
C LEU A 48 -2.90 -37.29 45.02
N GLY A 49 -3.05 -36.48 46.06
CA GLY A 49 -2.36 -36.77 47.30
C GLY A 49 -2.95 -37.94 48.06
N ILE A 50 -4.24 -38.22 47.83
CA ILE A 50 -4.90 -39.29 48.57
C ILE A 50 -4.23 -40.63 48.29
N GLU A 51 -3.79 -40.84 47.05
CA GLU A 51 -3.21 -42.12 46.69
C GLU A 51 -1.95 -42.43 47.51
N LYS A 52 -1.23 -41.40 47.94
CA LYS A 52 -0.05 -41.63 48.75
C LYS A 52 -0.42 -42.45 49.99
N THR A 53 0.60 -43.02 50.61
CA THR A 53 0.38 -43.87 51.77
C THR A 53 -0.18 -43.05 52.94
N TRP A 54 -0.96 -43.72 53.77
CA TRP A 54 -1.48 -43.13 55.00
C TRP A 54 -1.02 -43.96 56.19
N TYR A 55 -0.74 -43.28 57.30
CA TYR A 55 -0.26 -43.91 58.52
C TYR A 55 -1.24 -43.59 59.64
N GLU A 56 -1.50 -44.59 60.48
CA GLU A 56 -2.41 -44.43 61.59
C GLU A 56 -1.74 -43.67 62.72
N ALA A 57 -2.46 -42.72 63.30
CA ALA A 57 -1.95 -41.94 64.41
C ALA A 57 -3.13 -41.51 65.27
N ALA A 58 -2.82 -41.19 66.53
CA ALA A 58 -3.85 -40.76 67.46
C ALA A 58 -4.38 -39.38 67.07
N GLU A 59 -5.49 -39.00 67.69
CA GLU A 59 -6.06 -37.68 67.47
C GLU A 59 -5.20 -36.64 68.17
N LYS A 60 -4.02 -36.36 67.61
CA LYS A 60 -3.07 -35.45 68.24
C LYS A 60 -2.61 -34.38 67.25
N ASP A 61 -2.60 -34.71 65.96
CA ASP A 61 -2.07 -33.81 64.94
C ASP A 61 -3.21 -33.31 64.06
N LYS A 62 -3.19 -32.01 63.78
CA LYS A 62 -4.14 -31.44 62.85
C LYS A 62 -3.91 -31.99 61.45
N ASN A 63 -4.98 -32.05 60.66
CA ASN A 63 -5.03 -32.60 59.31
C ASN A 63 -5.09 -34.12 59.33
N ALA A 64 -5.03 -34.76 60.49
CA ALA A 64 -5.12 -36.21 60.58
C ALA A 64 -6.57 -36.61 60.36
N VAL A 65 -6.88 -37.13 59.18
CA VAL A 65 -8.26 -37.40 58.82
C VAL A 65 -8.81 -38.52 59.69
N GLN A 66 -10.12 -38.46 59.96
CA GLN A 66 -10.81 -39.39 60.84
C GLN A 66 -11.76 -40.23 60.01
N PHE A 67 -11.59 -41.55 60.06
CA PHE A 67 -12.44 -42.49 59.36
C PHE A 67 -12.99 -43.49 60.38
N HIS A 68 -14.31 -43.72 60.33
CA HIS A 68 -14.98 -44.62 61.27
C HIS A 68 -14.62 -44.16 62.67
N GLY A 69 -13.86 -44.93 63.45
CA GLY A 69 -13.44 -44.50 64.77
C GLY A 69 -11.96 -44.19 64.87
N VAL A 70 -11.21 -44.47 63.81
CA VAL A 70 -9.77 -44.28 63.79
C VAL A 70 -9.44 -43.08 62.91
N SER A 71 -8.29 -42.46 63.18
CA SER A 71 -7.82 -41.32 62.43
C SER A 71 -6.43 -41.61 61.85
N TYR A 72 -6.29 -41.42 60.54
CA TYR A 72 -5.03 -41.57 59.84
C TYR A 72 -4.55 -40.20 59.37
N VAL A 73 -3.31 -40.17 58.86
CA VAL A 73 -2.77 -38.97 58.26
C VAL A 73 -1.70 -39.37 57.25
N ARG A 74 -1.48 -38.50 56.26
CA ARG A 74 -0.67 -38.85 55.11
C ARG A 74 0.78 -39.03 55.51
N GLU A 75 1.62 -39.33 54.53
CA GLU A 75 3.06 -39.40 54.73
C GLU A 75 3.75 -38.07 54.52
N ASP A 76 3.00 -37.01 54.20
CA ASP A 76 3.57 -35.68 53.97
C ASP A 76 3.14 -34.69 55.04
N ARG A 77 1.84 -34.52 55.26
CA ARG A 77 1.37 -33.63 56.31
C ARG A 77 1.41 -34.37 57.65
N LEU A 78 2.56 -34.94 57.97
CA LEU A 78 2.70 -35.85 59.11
C LEU A 78 3.98 -35.52 59.84
N GLN A 79 3.87 -35.20 61.13
CA GLN A 79 5.03 -35.21 62.01
C GLN A 79 5.39 -36.67 62.30
N GLU A 80 6.61 -36.88 62.80
CA GLU A 80 7.10 -38.25 62.93
C GLU A 80 7.15 -38.69 64.38
N PRO A 81 6.02 -39.10 64.98
CA PRO A 81 6.08 -39.76 66.29
C PRO A 81 6.70 -41.15 66.16
N VAL A 82 6.16 -41.95 65.24
CA VAL A 82 6.69 -43.27 64.92
C VAL A 82 6.22 -43.66 63.52
N SER A 83 7.15 -44.10 62.68
CA SER A 83 6.78 -44.56 61.35
C SER A 83 6.17 -45.95 61.40
N LYS A 84 6.72 -46.82 62.25
CA LYS A 84 6.23 -48.18 62.46
C LYS A 84 5.87 -48.86 61.14
N ALA A 85 4.86 -49.73 61.16
CA ALA A 85 4.48 -50.46 59.95
C ALA A 85 2.98 -50.56 59.74
N LYS A 86 2.16 -49.84 60.50
CA LYS A 86 0.70 -49.86 60.32
C LYS A 86 0.34 -48.81 59.28
N GLU A 87 0.31 -49.23 58.02
CA GLU A 87 0.06 -48.35 56.90
C GLU A 87 -1.28 -48.69 56.25
N ALA A 88 -2.00 -47.65 55.84
CA ALA A 88 -3.28 -47.80 55.15
C ALA A 88 -3.25 -46.99 53.86
N HIS A 89 -3.98 -47.47 52.86
CA HIS A 89 -3.98 -46.87 51.54
C HIS A 89 -5.41 -46.54 51.13
N ILE A 90 -5.53 -45.59 50.22
CA ILE A 90 -6.79 -45.31 49.54
C ILE A 90 -6.54 -45.63 48.07
N TYR A 91 -6.83 -46.86 47.67
CA TYR A 91 -6.60 -47.30 46.30
C TYR A 91 -7.78 -46.91 45.42
N GLN A 92 -7.52 -46.85 44.11
CA GLN A 92 -8.53 -46.53 43.13
C GLN A 92 -8.61 -47.66 42.12
N VAL A 93 -9.81 -48.20 41.92
CA VAL A 93 -10.06 -49.19 40.89
C VAL A 93 -11.35 -48.79 40.17
N GLY A 94 -11.30 -48.73 38.85
CA GLY A 94 -12.43 -48.20 38.11
C GLY A 94 -12.71 -46.79 38.56
N MET A 95 -13.97 -46.52 38.89
CA MET A 95 -14.39 -45.23 39.43
C MET A 95 -14.56 -45.27 40.95
N ALA A 96 -14.06 -46.32 41.60
CA ALA A 96 -14.29 -46.55 43.01
C ALA A 96 -13.01 -46.36 43.80
N PHE A 97 -13.14 -45.77 44.98
CA PHE A 97 -12.04 -45.60 45.93
C PHE A 97 -12.24 -46.57 47.08
N TYR A 98 -11.26 -47.44 47.30
CA TYR A 98 -11.33 -48.49 48.30
C TYR A 98 -10.28 -48.26 49.37
N PHE A 99 -10.70 -48.42 50.62
CA PHE A 99 -9.85 -48.19 51.79
C PHE A 99 -9.22 -49.51 52.21
N VAL A 100 -7.89 -49.54 52.30
CA VAL A 100 -7.15 -50.72 52.70
C VAL A 100 -6.47 -50.41 54.02
N ASP A 101 -6.79 -51.19 55.05
CA ASP A 101 -6.23 -50.97 56.38
C ASP A 101 -4.82 -51.55 56.52
N GLN A 102 -4.32 -52.27 55.53
CA GLN A 102 -2.97 -52.82 55.57
C GLN A 102 -2.58 -53.24 54.16
N ALA A 103 -1.44 -52.75 53.69
CA ALA A 103 -0.95 -53.13 52.37
C ALA A 103 0.53 -52.84 52.31
N VAL A 104 1.34 -53.90 52.20
CA VAL A 104 2.79 -53.78 52.03
C VAL A 104 3.14 -54.63 50.81
N SER A 105 3.17 -54.02 49.64
CA SER A 105 3.46 -54.73 48.40
C SER A 105 3.47 -53.71 47.27
N PHE A 106 3.79 -54.19 46.08
CA PHE A 106 3.81 -53.34 44.90
C PHE A 106 2.38 -53.00 44.47
N ASP A 107 2.26 -52.24 43.39
CA ASP A 107 0.99 -51.88 42.80
C ASP A 107 0.95 -52.33 41.36
N GLY A 108 -0.18 -52.86 40.93
CA GLY A 108 -0.38 -53.31 39.57
C GLY A 108 -1.82 -53.15 39.17
N ASN A 109 -2.30 -54.05 38.32
CA ASN A 109 -3.71 -54.04 37.95
C ASN A 109 -4.54 -54.53 39.12
N ARG A 110 -5.59 -53.77 39.45
CA ARG A 110 -6.39 -54.02 40.64
C ARG A 110 -7.83 -54.30 40.23
N THR A 111 -8.41 -55.36 40.78
CA THR A 111 -9.79 -55.73 40.52
C THR A 111 -10.45 -56.13 41.81
N VAL A 112 -11.77 -55.94 41.88
CA VAL A 112 -12.54 -56.26 43.07
C VAL A 112 -13.77 -57.06 42.68
N SER A 113 -13.88 -58.28 43.21
CA SER A 113 -15.13 -59.03 43.23
C SER A 113 -15.63 -59.25 44.64
N ASP A 114 -14.76 -59.22 45.63
CA ASP A 114 -15.09 -59.30 47.04
C ASP A 114 -14.24 -58.25 47.75
N GLY A 115 -14.09 -58.38 49.07
CA GLY A 115 -13.17 -57.53 49.78
C GLY A 115 -11.71 -57.79 49.49
N LYS A 116 -11.41 -58.74 48.59
CA LYS A 116 -10.03 -59.13 48.32
C LYS A 116 -9.21 -57.95 47.77
N LEU A 117 -9.79 -57.20 46.83
CA LEU A 117 -9.06 -56.10 46.15
C LEU A 117 -7.70 -56.63 45.72
N THR A 118 -7.65 -57.73 44.95
CA THR A 118 -6.39 -58.33 44.54
C THR A 118 -5.66 -57.44 43.56
N ILE A 119 -4.33 -57.47 43.64
CA ILE A 119 -3.45 -56.78 42.70
C ILE A 119 -2.74 -57.84 41.87
N THR A 120 -2.91 -57.78 40.56
CA THR A 120 -2.38 -58.82 39.68
C THR A 120 -0.93 -58.54 39.30
N ASN A 121 -0.67 -57.42 38.64
CA ASN A 121 0.68 -57.09 38.16
C ASN A 121 1.10 -58.24 37.23
N GLY A 122 2.38 -58.63 37.23
CA GLY A 122 2.79 -59.78 36.43
C GLY A 122 2.14 -61.07 36.91
N ASP A 123 2.11 -61.28 38.23
CA ASP A 123 1.45 -62.44 38.81
C ASP A 123 0.84 -62.02 40.13
N LYS A 124 -0.31 -62.60 40.46
CA LYS A 124 -1.00 -62.23 41.69
C LYS A 124 -0.10 -62.44 42.89
N SER A 125 -0.14 -61.49 43.83
CA SER A 125 0.70 -61.52 45.02
C SER A 125 -0.09 -61.69 46.30
N ARG A 126 -1.08 -60.85 46.55
CA ARG A 126 -1.82 -60.89 47.80
C ARG A 126 -3.21 -60.30 47.59
N ALA A 127 -4.11 -60.60 48.53
CA ALA A 127 -5.45 -60.04 48.55
C ALA A 127 -5.68 -59.42 49.93
N TYR A 128 -6.14 -58.16 49.94
CA TYR A 128 -6.29 -57.39 51.17
C TYR A 128 -7.75 -57.00 51.36
N ALA A 129 -8.22 -57.12 52.60
CA ALA A 129 -9.61 -56.76 52.90
C ALA A 129 -9.82 -55.27 52.67
N ALA A 130 -10.53 -54.93 51.60
CA ALA A 130 -10.75 -53.56 51.19
C ALA A 130 -12.20 -53.16 51.47
N GLU A 131 -12.41 -51.86 51.68
CA GLU A 131 -13.72 -51.31 51.95
C GLU A 131 -13.97 -50.11 51.04
N LYS A 132 -15.19 -50.03 50.51
CA LYS A 132 -15.56 -48.89 49.69
C LYS A 132 -15.74 -47.65 50.54
N LEU A 133 -15.32 -46.50 50.00
CA LEU A 133 -15.40 -45.23 50.70
C LEU A 133 -16.60 -44.45 50.21
N THR A 134 -17.38 -43.93 51.15
CA THR A 134 -18.52 -43.09 50.81
C THR A 134 -18.02 -41.78 50.19
N LYS A 135 -18.93 -41.08 49.51
CA LYS A 135 -18.57 -39.80 48.92
C LYS A 135 -18.11 -38.82 49.99
N GLN A 136 -18.80 -38.78 51.12
CA GLN A 136 -18.42 -37.86 52.19
C GLN A 136 -17.10 -38.26 52.83
N GLU A 137 -16.89 -39.57 53.03
CA GLU A 137 -15.64 -40.03 53.61
C GLU A 137 -14.46 -39.69 52.72
N LEU A 138 -14.61 -39.87 51.41
CA LEU A 138 -13.54 -39.50 50.49
C LEU A 138 -13.22 -38.02 50.61
N PHE A 139 -14.25 -37.18 50.71
CA PHE A 139 -13.99 -35.75 50.88
C PHE A 139 -13.24 -35.48 52.17
N GLN A 140 -13.63 -36.14 53.27
CA GLN A 140 -12.88 -35.99 54.51
C GLN A 140 -11.42 -36.35 54.29
N PHE A 141 -11.16 -37.36 53.47
CA PHE A 141 -9.78 -37.68 53.11
C PHE A 141 -9.18 -36.66 52.17
N TYR A 142 -9.98 -35.79 51.56
CA TYR A 142 -9.50 -34.74 50.68
C TYR A 142 -9.43 -33.37 51.34
N GLN A 143 -10.10 -33.17 52.47
CA GLN A 143 -10.24 -31.82 53.03
C GLN A 143 -8.91 -31.17 53.37
N PRO A 144 -7.97 -31.83 54.04
CA PRO A 144 -6.76 -31.14 54.51
C PRO A 144 -6.04 -30.31 53.46
N GLU A 145 -6.26 -30.57 52.18
CA GLU A 145 -5.54 -29.90 51.11
C GLU A 145 -6.28 -28.69 50.55
N ILE A 146 -7.42 -28.33 51.13
CA ILE A 146 -8.16 -27.17 50.65
C ILE A 146 -7.34 -25.89 50.83
N LYS A 147 -6.62 -25.78 51.94
CA LYS A 147 -5.85 -24.57 52.19
C LYS A 147 -4.69 -24.44 51.22
N GLY A 148 -4.00 -25.55 50.93
CA GLY A 148 -2.99 -25.52 49.89
C GLY A 148 -3.57 -25.17 48.54
N MET A 149 -4.77 -25.70 48.25
CA MET A 149 -5.48 -25.29 47.05
C MET A 149 -5.61 -23.77 46.99
N VAL A 150 -6.08 -23.17 48.09
CA VAL A 150 -6.32 -21.73 48.11
C VAL A 150 -5.02 -20.98 47.90
N LEU A 151 -3.95 -21.41 48.57
CA LEU A 151 -2.68 -20.69 48.46
C LEU A 151 -2.11 -20.78 47.05
N LEU A 152 -2.17 -21.96 46.43
CA LEU A 152 -1.68 -22.10 45.06
C LEU A 152 -2.51 -21.26 44.09
N ILE A 153 -3.83 -21.20 44.29
CA ILE A 153 -4.66 -20.38 43.43
C ILE A 153 -4.30 -18.90 43.57
N CYS A 154 -4.12 -18.44 44.80
CA CYS A 154 -3.77 -17.03 45.01
C CYS A 154 -2.40 -16.70 44.42
N LEU A 155 -1.43 -17.61 44.59
CA LEU A 155 -0.13 -17.42 43.96
C LEU A 155 -0.26 -17.31 42.45
N TYR A 156 -1.10 -18.18 41.88
CA TYR A 156 -1.35 -18.21 40.41
C TYR A 156 -1.94 -16.89 39.96
N GLY A 157 -2.85 -16.27 40.73
CA GLY A 157 -3.43 -14.99 40.38
C GLY A 157 -2.45 -13.83 40.50
N GLY A 158 -1.65 -13.82 41.57
CA GLY A 158 -0.66 -12.76 41.73
C GLY A 158 0.35 -12.77 40.60
N LEU A 159 0.89 -13.94 40.28
CA LEU A 159 1.80 -14.02 39.15
C LEU A 159 1.13 -13.57 37.87
N LEU A 160 -0.17 -13.84 37.73
CA LEU A 160 -0.89 -13.41 36.54
C LEU A 160 -0.88 -11.90 36.41
N VAL A 161 -1.22 -11.19 37.48
CA VAL A 161 -1.26 -9.73 37.38
C VAL A 161 0.14 -9.17 37.13
N PHE A 162 1.16 -9.72 37.79
CA PHE A 162 2.51 -9.23 37.55
C PHE A 162 2.93 -9.45 36.10
N SER A 163 2.61 -10.62 35.53
CA SER A 163 2.91 -10.87 34.13
C SER A 163 2.19 -9.89 33.24
N VAL A 164 0.94 -9.54 33.59
CA VAL A 164 0.21 -8.56 32.81
C VAL A 164 0.98 -7.24 32.75
N PHE A 165 1.37 -6.73 33.92
CA PHE A 165 2.07 -5.46 33.95
C PHE A 165 3.36 -5.51 33.15
N PHE A 166 4.13 -6.58 33.31
CA PHE A 166 5.43 -6.63 32.65
C PHE A 166 5.29 -6.83 31.15
N GLN A 167 4.29 -7.58 30.70
CA GLN A 167 4.05 -7.70 29.26
C GLN A 167 3.70 -6.36 28.65
N TYR A 168 2.80 -5.61 29.31
CA TYR A 168 2.46 -4.29 28.79
C TYR A 168 3.71 -3.41 28.70
N GLY A 169 4.52 -3.42 29.75
CA GLY A 169 5.72 -2.59 29.76
C GLY A 169 6.68 -2.96 28.65
N GLN A 170 6.94 -4.26 28.48
CA GLN A 170 7.95 -4.75 27.51
C GLN A 170 7.45 -4.51 26.08
N HIS A 171 6.14 -4.57 25.80
CA HIS A 171 5.62 -4.23 24.47
C HIS A 171 5.75 -2.74 24.19
N TYR A 172 5.36 -1.91 25.18
CA TYR A 172 5.45 -0.47 24.99
C TYR A 172 6.90 -0.04 24.75
N LEU A 173 7.84 -0.63 25.48
CA LEU A 173 9.24 -0.23 25.32
C LEU A 173 9.81 -0.69 23.99
N LEU A 174 9.43 -1.90 23.53
CA LEU A 174 9.85 -2.32 22.21
C LEU A 174 9.35 -1.37 21.13
N GLN A 175 8.09 -0.96 21.21
CA GLN A 175 7.54 -0.07 20.19
C GLN A 175 8.18 1.31 20.27
N MET A 176 8.44 1.81 21.49
CA MET A 176 9.13 3.08 21.64
C MET A 176 10.53 3.02 21.05
N SER A 177 11.24 1.91 21.27
CA SER A 177 12.56 1.76 20.69
C SER A 177 12.50 1.76 19.16
N ALA A 178 11.54 1.02 18.60
CA ALA A 178 11.41 0.99 17.15
C ALA A 178 11.15 2.37 16.58
N ASN A 179 10.22 3.10 17.19
CA ASN A 179 9.86 4.42 16.68
C ASN A 179 10.95 5.46 16.90
N ARG A 180 11.79 5.31 17.92
CA ARG A 180 12.92 6.21 18.07
C ARG A 180 14.01 5.90 17.05
N ILE A 181 14.27 4.61 16.81
CA ILE A 181 15.28 4.25 15.81
C ILE A 181 14.87 4.76 14.44
N ILE A 182 13.59 4.60 14.08
CA ILE A 182 13.17 5.03 12.75
C ILE A 182 13.20 6.55 12.65
N GLN A 183 12.86 7.26 13.72
CA GLN A 183 12.97 8.70 13.70
C GLN A 183 14.41 9.12 13.47
N LYS A 184 15.36 8.47 14.13
CA LYS A 184 16.77 8.76 13.89
C LYS A 184 17.15 8.49 12.44
N MET A 185 16.71 7.36 11.90
CA MET A 185 17.04 7.02 10.52
C MET A 185 16.49 8.06 9.55
N ARG A 186 15.25 8.48 9.76
CA ARG A 186 14.65 9.48 8.88
C ARG A 186 15.40 10.80 8.97
N GLN A 187 15.77 11.22 10.19
CA GLN A 187 16.52 12.47 10.33
C GLN A 187 17.84 12.39 9.57
N ASP A 188 18.55 11.27 9.71
CA ASP A 188 19.84 11.12 9.03
C ASP A 188 19.67 11.11 7.52
N VAL A 189 18.67 10.39 7.02
CA VAL A 189 18.45 10.31 5.58
C VAL A 189 18.10 11.68 5.02
N PHE A 190 17.25 12.44 5.71
CA PHE A 190 16.90 13.76 5.21
C PHE A 190 18.11 14.69 5.23
N SER A 191 18.93 14.62 6.27
CA SER A 191 20.14 15.44 6.29
C SER A 191 21.05 15.09 5.12
N HIS A 192 21.21 13.80 4.85
CA HIS A 192 22.03 13.39 3.70
C HIS A 192 21.43 13.91 2.40
N ILE A 193 20.10 13.86 2.27
CA ILE A 193 19.45 14.42 1.09
C ILE A 193 19.82 15.89 0.95
N GLN A 194 19.82 16.63 2.06
CA GLN A 194 20.23 18.02 2.03
C GLN A 194 21.71 18.19 1.72
N LYS A 195 22.52 17.15 1.89
CA LYS A 195 23.94 17.21 1.56
C LYS A 195 24.28 16.42 0.31
N MET A 196 23.33 16.27 -0.61
CA MET A 196 23.50 15.50 -1.83
C MET A 196 23.74 16.41 -3.02
N PRO A 197 24.57 16.02 -3.98
CA PRO A 197 24.74 16.83 -5.19
C PRO A 197 23.47 16.87 -6.02
N ILE A 198 23.30 17.98 -6.74
CA ILE A 198 22.12 18.16 -7.56
C ILE A 198 22.09 17.19 -8.74
N ARG A 199 23.24 16.65 -9.13
CA ARG A 199 23.27 15.68 -10.23
C ARG A 199 22.45 14.45 -9.89
N TYR A 200 22.58 13.95 -8.66
CA TYR A 200 21.75 12.83 -8.23
C TYR A 200 20.28 13.20 -8.27
N PHE A 201 19.94 14.43 -7.90
CA PHE A 201 18.55 14.87 -7.92
C PHE A 201 18.00 14.90 -9.33
N ASP A 202 18.81 15.33 -10.30
CA ASP A 202 18.30 15.51 -11.66
C ASP A 202 17.85 14.17 -12.25
N ASN A 203 18.66 13.13 -12.11
CA ASN A 203 18.37 11.87 -12.78
C ASN A 203 17.16 11.18 -12.16
N LEU A 204 17.14 11.06 -10.83
CA LEU A 204 16.06 10.32 -10.19
C LEU A 204 14.83 11.22 -10.03
N PRO A 205 13.64 10.71 -10.32
CA PRO A 205 12.42 11.50 -10.08
C PRO A 205 12.18 11.73 -8.60
N ALA A 206 11.31 12.71 -8.31
CA ALA A 206 11.00 13.04 -6.93
C ALA A 206 10.39 11.85 -6.20
N GLY A 207 9.54 11.09 -6.88
CA GLY A 207 8.87 9.97 -6.23
C GLY A 207 9.85 8.97 -5.65
N LYS A 208 10.91 8.64 -6.39
CA LYS A 208 11.86 7.65 -5.92
C LYS A 208 12.55 8.11 -4.64
N VAL A 209 13.00 9.37 -4.60
CA VAL A 209 13.71 9.85 -3.42
C VAL A 209 12.76 9.97 -2.24
N VAL A 210 11.52 10.44 -2.48
CA VAL A 210 10.56 10.50 -1.38
C VAL A 210 10.29 9.11 -0.83
N ALA A 211 10.14 8.12 -1.71
CA ALA A 211 9.97 6.75 -1.26
C ALA A 211 11.15 6.33 -0.40
N ARG A 212 12.36 6.55 -0.89
CA ARG A 212 13.56 6.19 -0.14
C ARG A 212 13.55 6.81 1.25
N ILE A 213 13.09 8.07 1.35
CA ILE A 213 13.12 8.75 2.63
C ILE A 213 12.08 8.16 3.58
N THR A 214 10.87 7.88 3.09
CA THR A 214 9.75 7.60 3.98
C THR A 214 9.25 6.16 3.92
N ASN A 215 8.93 5.66 2.73
CA ASN A 215 8.34 4.33 2.65
C ASN A 215 9.34 3.25 3.05
N ASP A 216 10.59 3.37 2.60
CA ASP A 216 11.58 2.38 2.96
C ASP A 216 11.85 2.39 4.45
N THR A 217 11.83 3.58 5.08
CA THR A 217 12.03 3.62 6.52
C THR A 217 10.83 3.06 7.27
N GLU A 218 9.62 3.18 6.72
CA GLU A 218 8.50 2.43 7.32
C GLU A 218 8.71 0.94 7.17
N ALA A 219 9.26 0.50 6.04
CA ALA A 219 9.59 -0.92 5.90
C ALA A 219 10.58 -1.35 6.97
N ILE A 220 11.57 -0.50 7.25
CA ILE A 220 12.51 -0.77 8.34
C ILE A 220 11.79 -0.83 9.67
N ARG A 221 10.83 0.08 9.88
CA ARG A 221 10.04 0.05 11.11
C ARG A 221 9.35 -1.29 11.27
N ASP A 222 8.70 -1.77 10.21
CA ASP A 222 8.02 -3.05 10.27
C ASP A 222 9.01 -4.18 10.51
N LEU A 223 10.20 -4.09 9.94
CA LEU A 223 11.21 -5.13 10.17
C LEU A 223 11.64 -5.16 11.63
N TYR A 224 11.89 -3.99 12.22
CA TYR A 224 12.30 -3.95 13.62
C TYR A 224 11.18 -4.47 14.51
N VAL A 225 9.93 -4.09 14.22
CA VAL A 225 8.81 -4.60 15.00
C VAL A 225 8.74 -6.11 14.88
N THR A 226 8.88 -6.64 13.67
CA THR A 226 8.79 -8.08 13.46
C THR A 226 9.91 -8.81 14.19
N VAL A 227 11.16 -8.40 13.97
CA VAL A 227 12.28 -9.10 14.59
C VAL A 227 12.20 -9.01 16.09
N LEU A 228 11.76 -7.86 16.62
CA LEU A 228 11.66 -7.69 18.06
C LEU A 228 10.48 -8.46 18.62
N SER A 229 9.28 -8.17 18.12
CA SER A 229 8.05 -8.66 18.72
C SER A 229 7.58 -9.98 18.13
N THR A 230 8.37 -10.62 17.27
CA THR A 230 8.00 -11.93 16.72
C THR A 230 9.10 -12.96 16.74
N PHE A 231 10.38 -12.58 16.78
CA PHE A 231 11.48 -13.54 16.80
C PHE A 231 12.22 -13.57 18.13
N VAL A 232 12.54 -12.42 18.71
CA VAL A 232 13.15 -12.40 20.03
C VAL A 232 12.13 -12.84 21.08
N THR A 233 10.93 -12.30 21.01
CA THR A 233 9.89 -12.69 21.95
C THR A 233 9.60 -14.19 21.87
N SER A 234 9.41 -14.69 20.65
CA SER A 234 9.13 -16.12 20.48
C SER A 234 10.33 -16.96 20.89
N GLY A 235 11.54 -16.50 20.57
CA GLY A 235 12.72 -17.24 21.00
C GLY A 235 12.79 -17.39 22.51
N ILE A 236 12.49 -16.30 23.23
CA ILE A 236 12.51 -16.29 24.73
C ILE A 236 11.28 -17.06 25.23
N TYR A 237 10.22 -17.15 24.43
CA TYR A 237 8.97 -17.86 24.80
C TYR A 237 9.14 -19.35 24.57
N MET A 238 10.11 -19.73 23.71
CA MET A 238 10.38 -21.16 23.37
C MET A 238 11.50 -21.68 24.26
N PHE A 239 12.46 -20.83 24.65
CA PHE A 239 13.53 -21.21 25.57
C PHE A 239 12.97 -21.48 26.97
N GLY A 240 12.09 -20.61 27.44
CA GLY A 240 11.49 -20.84 28.75
C GLY A 240 10.62 -22.07 28.77
N ILE A 241 9.85 -22.29 27.70
CA ILE A 241 9.00 -23.48 27.64
C ILE A 241 9.85 -24.74 27.71
N PHE A 242 10.95 -24.76 26.97
CA PHE A 242 11.83 -25.93 26.99
C PHE A 242 12.46 -26.10 28.36
N THR A 243 12.84 -25.00 29.01
CA THR A 243 13.34 -25.08 30.38
C THR A 243 12.33 -25.76 31.29
N ALA A 244 11.07 -25.31 31.23
CA ALA A 244 10.05 -25.88 32.10
C ALA A 244 9.85 -27.36 31.79
N LEU A 245 9.78 -27.72 30.50
CA LEU A 245 9.57 -29.11 30.14
C LEU A 245 10.70 -29.98 30.66
N PHE A 246 11.95 -29.52 30.50
CA PHE A 246 13.09 -30.30 30.99
C PHE A 246 13.06 -30.43 32.50
N LEU A 247 12.68 -29.36 33.20
CA LEU A 247 12.48 -29.47 34.64
C LEU A 247 11.43 -30.51 34.97
N LEU A 248 10.42 -30.67 34.11
CA LEU A 248 9.38 -31.64 34.38
C LEU A 248 9.85 -33.06 34.06
N ASP A 249 10.19 -33.32 32.80
CA ASP A 249 10.57 -34.67 32.36
C ASP A 249 11.66 -34.56 31.31
N VAL A 250 12.84 -35.11 31.63
CA VAL A 250 13.97 -35.01 30.71
C VAL A 250 13.75 -35.88 29.49
N LYS A 251 13.24 -37.10 29.68
CA LYS A 251 13.13 -38.04 28.57
C LYS A 251 12.20 -37.51 27.49
N LEU A 252 11.07 -36.93 27.89
CA LEU A 252 10.07 -36.53 26.92
C LEU A 252 10.49 -35.27 26.16
N ALA A 253 11.15 -34.34 26.84
CA ALA A 253 11.46 -33.05 26.21
C ALA A 253 12.31 -33.22 24.96
N PHE A 254 13.04 -34.34 24.84
CA PHE A 254 13.79 -34.59 23.63
C PHE A 254 12.86 -34.67 22.42
N VAL A 255 11.60 -35.03 22.64
CA VAL A 255 10.63 -35.01 21.55
C VAL A 255 10.49 -33.61 20.97
N CYS A 256 10.42 -32.60 21.83
CA CYS A 256 10.32 -31.24 21.33
C CYS A 256 11.66 -30.76 20.75
N LEU A 257 12.77 -31.17 21.36
CA LEU A 257 14.06 -30.88 20.74
C LEU A 257 14.09 -31.40 19.31
N ALA A 258 13.44 -32.54 19.06
CA ALA A 258 13.31 -33.05 17.70
C ALA A 258 12.26 -32.29 16.89
N ILE A 259 11.27 -31.70 17.57
CA ILE A 259 10.27 -30.92 16.83
C ILE A 259 10.92 -29.71 16.18
N VAL A 260 11.92 -29.12 16.83
CA VAL A 260 12.53 -27.89 16.29
C VAL A 260 12.94 -28.05 14.84
N PRO A 261 13.65 -29.12 14.43
CA PRO A 261 13.94 -29.30 13.00
C PRO A 261 12.70 -29.31 12.13
N ILE A 262 11.56 -29.77 12.65
CA ILE A 262 10.32 -29.68 11.89
C ILE A 262 10.02 -28.23 11.56
N ILE A 263 10.15 -27.35 12.56
CA ILE A 263 9.91 -25.94 12.33
C ILE A 263 10.86 -25.41 11.27
N TRP A 264 12.15 -25.76 11.39
CA TRP A 264 13.13 -25.27 10.42
C TRP A 264 12.76 -25.69 9.01
N LEU A 265 12.53 -26.98 8.80
CA LEU A 265 12.26 -27.49 7.46
C LEU A 265 10.96 -26.92 6.89
N TRP A 266 9.92 -26.86 7.72
CA TRP A 266 8.63 -26.32 7.27
C TRP A 266 8.77 -24.86 6.88
N SER A 267 9.47 -24.06 7.69
CA SER A 267 9.67 -22.67 7.33
C SER A 267 10.43 -22.56 6.01
N VAL A 268 11.46 -23.39 5.82
CA VAL A 268 12.23 -23.33 4.60
C VAL A 268 11.36 -23.61 3.39
N ILE A 269 10.58 -24.69 3.44
CA ILE A 269 9.76 -25.08 2.28
C ILE A 269 8.69 -24.04 2.01
N TYR A 270 8.02 -23.57 3.07
CA TYR A 270 6.98 -22.58 2.89
C TYR A 270 7.54 -21.30 2.31
N ARG A 271 8.73 -20.88 2.76
CA ARG A 271 9.36 -19.70 2.16
C ARG A 271 9.62 -19.95 0.69
N ARG A 272 10.24 -21.09 0.37
CA ARG A 272 10.59 -21.38 -1.01
C ARG A 272 9.38 -21.23 -1.93
N TYR A 273 8.23 -21.75 -1.51
CA TYR A 273 7.07 -21.72 -2.40
C TYR A 273 6.31 -20.40 -2.34
N ALA A 274 6.10 -19.87 -1.13
CA ALA A 274 5.35 -18.63 -0.99
C ALA A 274 6.06 -17.45 -1.65
N SER A 275 7.39 -17.45 -1.65
CA SER A 275 8.11 -16.37 -2.34
C SER A 275 7.71 -16.34 -3.81
N TYR A 276 7.76 -17.52 -4.46
CA TYR A 276 7.42 -17.63 -5.89
C TYR A 276 5.99 -17.18 -6.08
N TYR A 277 5.02 -17.68 -5.30
CA TYR A 277 3.62 -17.40 -5.56
C TYR A 277 3.27 -15.95 -5.28
N ASN A 278 3.82 -15.38 -4.20
CA ASN A 278 3.54 -13.99 -3.89
C ASN A 278 4.20 -13.05 -4.89
N GLN A 279 5.39 -13.40 -5.38
CA GLN A 279 6.02 -12.58 -6.41
C GLN A 279 5.14 -12.52 -7.64
N LYS A 280 4.68 -13.68 -8.11
CA LYS A 280 3.84 -13.69 -9.31
C LYS A 280 2.51 -12.99 -9.07
N ILE A 281 1.91 -13.19 -7.90
CA ILE A 281 0.64 -12.53 -7.60
C ILE A 281 0.82 -11.02 -7.62
N ARG A 282 1.88 -10.52 -6.98
CA ARG A 282 2.10 -9.08 -6.94
C ARG A 282 2.36 -8.52 -8.33
N SER A 283 3.19 -9.22 -9.10
CA SER A 283 3.58 -8.78 -10.47
C SER A 283 2.36 -8.75 -11.39
N ILE A 284 1.45 -9.72 -11.28
CA ILE A 284 0.27 -9.76 -12.13
C ILE A 284 -0.78 -8.77 -11.64
N ASN A 285 -0.88 -8.56 -10.32
CA ASN A 285 -1.83 -7.56 -9.83
C ASN A 285 -1.40 -6.16 -10.24
N SER A 286 -0.10 -5.89 -10.21
CA SER A 286 0.39 -4.61 -10.70
C SER A 286 0.09 -4.43 -12.18
N ASP A 287 0.26 -5.50 -12.97
CA ASP A 287 -0.10 -5.45 -14.38
C ASP A 287 -1.59 -5.16 -14.55
N ILE A 288 -2.43 -5.80 -13.73
CA ILE A 288 -3.86 -5.57 -13.82
C ILE A 288 -4.18 -4.10 -13.54
N ASN A 289 -3.58 -3.55 -12.48
CA ASN A 289 -3.86 -2.17 -12.13
C ASN A 289 -3.34 -1.21 -13.21
N ALA A 290 -2.17 -1.48 -13.77
CA ALA A 290 -1.65 -0.63 -14.84
C ALA A 290 -2.52 -0.69 -16.08
N LYS A 291 -2.98 -1.88 -16.46
CA LYS A 291 -3.87 -2.01 -17.60
C LYS A 291 -5.19 -1.29 -17.35
N MET A 292 -5.75 -1.43 -16.14
CA MET A 292 -6.98 -0.72 -15.81
C MET A 292 -6.79 0.78 -15.89
N ASN A 293 -5.67 1.28 -15.36
CA ASN A 293 -5.42 2.71 -15.38
C ASN A 293 -5.24 3.23 -16.79
N GLU A 294 -4.49 2.50 -17.63
CA GLU A 294 -4.28 2.95 -19.00
C GLU A 294 -5.52 2.75 -19.87
N SER A 295 -6.46 1.92 -19.43
CA SER A 295 -7.72 1.79 -20.15
C SER A 295 -8.69 2.89 -19.76
N ILE A 296 -8.77 3.25 -18.47
CA ILE A 296 -9.54 4.43 -18.09
C ILE A 296 -8.90 5.67 -18.69
N GLN A 297 -7.59 5.78 -18.60
CA GLN A 297 -6.83 6.89 -19.18
C GLN A 297 -6.52 6.52 -20.63
N GLY A 298 -7.47 6.80 -21.51
CA GLY A 298 -7.34 6.40 -22.90
C GLY A 298 -8.52 5.59 -23.39
N MET A 299 -9.65 5.70 -22.69
CA MET A 299 -10.84 4.95 -23.08
C MET A 299 -11.37 5.42 -24.42
N THR A 300 -11.23 6.71 -24.73
CA THR A 300 -11.89 7.28 -25.89
C THR A 300 -11.44 6.59 -27.17
N ILE A 301 -10.13 6.46 -27.37
CA ILE A 301 -9.66 5.85 -28.61
C ILE A 301 -9.83 4.34 -28.58
N ILE A 302 -9.80 3.73 -27.39
CA ILE A 302 -10.10 2.30 -27.30
C ILE A 302 -11.50 2.04 -27.85
N GLN A 303 -12.45 2.91 -27.52
CA GLN A 303 -13.80 2.76 -28.05
C GLN A 303 -13.88 3.16 -29.51
N ALA A 304 -13.20 4.24 -29.90
CA ALA A 304 -13.31 4.74 -31.26
C ALA A 304 -12.79 3.72 -32.26
N PHE A 305 -11.70 3.04 -31.93
CA PHE A 305 -11.10 2.07 -32.83
C PHE A 305 -11.62 0.65 -32.58
N ARG A 306 -12.70 0.51 -31.82
CA ARG A 306 -13.34 -0.78 -31.60
C ARG A 306 -12.36 -1.81 -31.04
N HIS A 307 -11.52 -1.36 -30.10
CA HIS A 307 -10.55 -2.22 -29.44
C HIS A 307 -11.03 -2.72 -28.10
N GLN A 308 -12.35 -2.85 -27.93
CA GLN A 308 -12.90 -3.33 -26.67
C GLN A 308 -12.87 -4.85 -26.57
N LYS A 309 -12.67 -5.55 -27.68
CA LYS A 309 -12.63 -7.00 -27.68
C LYS A 309 -11.22 -7.56 -27.60
N GLU A 310 -10.20 -6.71 -27.67
CA GLU A 310 -8.80 -7.13 -27.56
C GLU A 310 -8.16 -6.70 -26.26
N THR A 311 -8.46 -5.49 -25.78
CA THR A 311 -7.96 -5.09 -24.46
C THR A 311 -8.56 -5.97 -23.38
N MET A 312 -9.84 -6.33 -23.51
CA MET A 312 -10.46 -7.23 -22.54
C MET A 312 -9.83 -8.60 -22.58
N ARG A 313 -9.40 -9.06 -23.75
CA ARG A 313 -8.73 -10.35 -23.85
C ARG A 313 -7.42 -10.36 -23.07
N GLU A 314 -6.61 -9.30 -23.24
CA GLU A 314 -5.37 -9.20 -22.49
C GLU A 314 -5.62 -9.08 -21.00
N PHE A 315 -6.63 -8.28 -20.63
CA PHE A 315 -6.97 -8.14 -19.22
C PHE A 315 -7.39 -9.48 -18.64
N GLU A 316 -8.14 -10.26 -19.39
CA GLU A 316 -8.55 -11.58 -18.91
C GLU A 316 -7.37 -12.52 -18.81
N GLU A 317 -6.41 -12.42 -19.72
CA GLU A 317 -5.21 -13.24 -19.58
C GLU A 317 -4.53 -12.94 -18.25
N LEU A 318 -4.33 -11.66 -17.95
CA LEU A 318 -3.70 -11.29 -16.68
C LEU A 318 -4.54 -11.74 -15.50
N ASN A 319 -5.86 -11.55 -15.57
CA ASN A 319 -6.74 -11.92 -14.47
C ASN A 319 -6.70 -13.42 -14.22
N GLU A 320 -6.76 -14.23 -15.29
CA GLU A 320 -6.71 -15.67 -15.14
C GLU A 320 -5.38 -16.12 -14.56
N SER A 321 -4.27 -15.52 -15.01
CA SER A 321 -2.97 -15.90 -14.47
C SER A 321 -2.89 -15.58 -12.97
N HIS A 322 -3.32 -14.38 -12.60
CA HIS A 322 -3.29 -13.98 -11.20
C HIS A 322 -4.18 -14.87 -10.35
N PHE A 323 -5.35 -15.22 -10.88
CA PHE A 323 -6.27 -16.11 -10.17
C PHE A 323 -5.67 -17.51 -10.01
N TYR A 324 -4.99 -18.00 -11.04
CA TYR A 324 -4.34 -19.30 -10.96
C TYR A 324 -3.27 -19.30 -9.89
N PHE A 325 -2.45 -18.25 -9.83
CA PHE A 325 -1.42 -18.21 -8.81
C PHE A 325 -2.02 -18.02 -7.42
N GLN A 326 -3.12 -17.29 -7.32
CA GLN A 326 -3.83 -17.21 -6.05
C GLN A 326 -4.26 -18.58 -5.58
N ASN A 327 -4.81 -19.39 -6.50
CA ASN A 327 -5.23 -20.74 -6.14
C ASN A 327 -4.05 -21.59 -5.68
N ARG A 328 -2.93 -21.52 -6.40
CA ARG A 328 -1.77 -22.29 -6.00
C ARG A 328 -1.29 -21.88 -4.62
N MET A 329 -1.24 -20.58 -4.35
CA MET A 329 -0.84 -20.11 -3.04
C MET A 329 -1.82 -20.58 -1.97
N LEU A 330 -3.10 -20.61 -2.28
CA LEU A 330 -4.08 -21.10 -1.32
C LEU A 330 -3.84 -22.56 -0.97
N ASN A 331 -3.59 -23.39 -1.99
CA ASN A 331 -3.30 -24.80 -1.74
C ASN A 331 -2.09 -24.95 -0.83
N LEU A 332 -0.98 -24.30 -1.19
CA LEU A 332 0.22 -24.37 -0.36
C LEU A 332 -0.04 -23.86 1.04
N ASN A 333 -0.75 -22.74 1.16
CA ASN A 333 -0.97 -22.14 2.46
C ASN A 333 -1.72 -23.09 3.38
N SER A 334 -2.86 -23.59 2.91
CA SER A 334 -3.60 -24.58 3.70
C SER A 334 -2.67 -25.68 4.16
N LEU A 335 -2.10 -26.40 3.19
CA LEU A 335 -1.33 -27.61 3.48
C LEU A 335 -0.21 -27.34 4.48
N MET A 336 0.62 -26.35 4.19
CA MET A 336 1.82 -26.15 5.00
C MET A 336 1.48 -25.56 6.35
N SER A 337 0.54 -24.62 6.41
CA SER A 337 0.34 -23.92 7.68
C SER A 337 -0.55 -24.70 8.64
N HIS A 338 -1.83 -24.84 8.31
CA HIS A 338 -2.75 -25.01 9.42
C HIS A 338 -3.12 -26.46 9.69
N ASN A 339 -3.43 -27.20 8.64
CA ASN A 339 -3.55 -28.64 8.81
C ASN A 339 -2.27 -29.21 9.42
N LEU A 340 -1.11 -28.62 9.11
CA LEU A 340 0.13 -29.12 9.68
C LEU A 340 0.24 -28.78 11.16
N VAL A 341 -0.11 -27.56 11.56
CA VAL A 341 -0.11 -27.25 12.99
C VAL A 341 -0.97 -28.26 13.74
N ASN A 342 -2.18 -28.51 13.23
CA ASN A 342 -3.09 -29.41 13.95
C ASN A 342 -2.59 -30.85 13.93
N VAL A 343 -1.99 -31.28 12.81
CA VAL A 343 -1.45 -32.62 12.73
C VAL A 343 -0.33 -32.80 13.74
N ILE A 344 0.54 -31.81 13.88
CA ILE A 344 1.64 -31.92 14.83
C ILE A 344 1.12 -31.89 16.26
N ARG A 345 0.07 -31.11 16.52
CA ARG A 345 -0.54 -31.13 17.85
C ARG A 345 -1.08 -32.52 18.17
N ASN A 346 -1.78 -33.15 17.22
CA ASN A 346 -2.31 -34.49 17.46
C ASN A 346 -1.17 -35.49 17.63
N LEU A 347 -0.10 -35.34 16.86
CA LEU A 347 1.05 -36.22 17.03
C LEU A 347 1.66 -36.05 18.42
N ALA A 348 1.66 -34.82 18.94
CA ALA A 348 2.15 -34.61 20.30
C ALA A 348 1.26 -35.31 21.31
N PHE A 349 -0.06 -35.23 21.13
CA PHE A 349 -0.95 -35.96 22.04
C PHE A 349 -0.68 -37.46 21.97
N VAL A 350 -0.46 -37.98 20.77
CA VAL A 350 -0.17 -39.41 20.62
C VAL A 350 1.12 -39.76 21.33
N CYS A 351 2.14 -38.90 21.22
CA CYS A 351 3.40 -39.16 21.90
C CYS A 351 3.23 -39.14 23.41
N LEU A 352 2.46 -38.18 23.93
CA LEU A 352 2.18 -38.16 25.36
C LEU A 352 1.53 -39.47 25.79
N ILE A 353 0.48 -39.88 25.09
CA ILE A 353 -0.22 -41.10 25.47
C ILE A 353 0.72 -42.30 25.38
N TRP A 354 1.51 -42.38 24.32
CA TRP A 354 2.39 -43.52 24.15
C TRP A 354 3.42 -43.60 25.27
N HIS A 355 4.07 -42.48 25.58
CA HIS A 355 5.10 -42.48 26.62
C HIS A 355 4.50 -42.81 27.97
N PHE A 356 3.43 -42.11 28.36
CA PHE A 356 2.86 -42.36 29.67
C PHE A 356 2.26 -43.75 29.76
N GLY A 357 1.71 -44.28 28.68
CA GLY A 357 1.21 -45.65 28.70
C GLY A 357 2.32 -46.66 28.87
N GLY A 358 3.43 -46.47 28.15
CA GLY A 358 4.57 -47.33 28.36
C GLY A 358 5.04 -47.29 29.80
N ALA A 359 5.03 -46.09 30.40
CA ALA A 359 5.38 -45.98 31.81
C ALA A 359 4.40 -46.74 32.69
N SER A 360 3.10 -46.62 32.41
CA SER A 360 2.07 -47.19 33.27
C SER A 360 1.95 -48.71 33.12
N LEU A 361 2.42 -49.27 32.01
CA LEU A 361 2.40 -50.72 31.84
C LEU A 361 3.56 -51.41 32.55
N ASN A 362 4.56 -50.66 32.99
CA ASN A 362 5.73 -51.25 33.67
C ASN A 362 5.44 -51.31 35.16
N ALA A 363 4.76 -52.37 35.57
CA ALA A 363 4.44 -52.61 36.97
C ALA A 363 3.69 -51.42 37.58
N ALA A 364 2.86 -50.76 36.77
CA ALA A 364 2.02 -49.66 37.24
C ALA A 364 2.87 -48.55 37.88
N GLY A 365 4.05 -48.30 37.32
CA GLY A 365 4.84 -47.16 37.70
C GLY A 365 4.57 -45.99 36.79
N ILE A 366 3.70 -45.08 37.23
CA ILE A 366 3.20 -44.00 36.37
C ILE A 366 3.93 -42.71 36.69
N VAL A 367 4.33 -42.01 35.63
CA VAL A 367 4.78 -40.63 35.79
C VAL A 367 3.57 -39.76 36.06
N SER A 368 3.66 -38.92 37.09
CA SER A 368 2.51 -38.17 37.57
C SER A 368 1.72 -37.57 36.43
N ILE A 369 0.39 -37.63 36.55
CA ILE A 369 -0.49 -36.97 35.58
C ILE A 369 -0.27 -35.47 35.60
N GLY A 370 0.28 -34.92 36.69
CA GLY A 370 0.61 -33.51 36.70
C GLY A 370 1.61 -33.15 35.63
N VAL A 371 2.62 -34.00 35.43
CA VAL A 371 3.55 -33.80 34.32
C VAL A 371 2.80 -33.76 33.01
N LEU A 372 1.81 -34.65 32.85
CA LEU A 372 1.04 -34.69 31.60
C LEU A 372 0.27 -33.40 31.40
N TYR A 373 -0.38 -32.89 32.45
CA TYR A 373 -1.13 -31.65 32.32
C TYR A 373 -0.20 -30.49 31.97
N ALA A 374 0.95 -30.42 32.65
CA ALA A 374 1.91 -29.35 32.35
C ALA A 374 2.40 -29.46 30.91
N PHE A 375 2.67 -30.67 30.44
CA PHE A 375 3.09 -30.85 29.07
C PHE A 375 2.02 -30.41 28.09
N VAL A 376 0.76 -30.76 28.37
CA VAL A 376 -0.40 -30.41 27.50
C VAL A 376 -0.60 -28.90 27.53
N ASP A 377 -0.25 -28.24 28.64
CA ASP A 377 -0.43 -26.78 28.81
C ASP A 377 0.76 -26.03 28.19
N TYR A 378 1.93 -26.68 28.09
CA TYR A 378 3.15 -26.05 27.55
C TYR A 378 3.22 -26.22 26.05
N LEU A 379 2.76 -27.37 25.54
CA LEU A 379 2.74 -27.63 24.11
C LEU A 379 1.64 -26.84 23.41
N ASN A 380 0.50 -26.63 24.06
CA ASN A 380 -0.50 -25.73 23.49
C ASN A 380 0.06 -24.33 23.36
N ARG A 381 0.82 -23.88 24.36
CA ARG A 381 1.49 -22.57 24.25
C ARG A 381 2.48 -22.55 23.10
N LEU A 382 3.24 -23.62 22.94
CA LEU A 382 4.36 -23.62 22.00
C LEU A 382 3.89 -23.45 20.56
N PHE A 383 2.77 -24.08 20.20
CA PHE A 383 2.35 -24.14 18.80
C PHE A 383 1.64 -22.89 18.33
N GLN A 384 1.32 -21.95 19.21
CA GLN A 384 0.57 -20.77 18.79
C GLN A 384 1.32 -19.91 17.78
N PRO A 385 2.59 -19.55 17.99
CA PRO A 385 3.24 -18.55 17.12
C PRO A 385 3.97 -19.12 15.91
N ILE A 386 3.78 -20.38 15.55
CA ILE A 386 4.56 -20.96 14.45
C ILE A 386 4.14 -20.35 13.12
N THR A 387 2.84 -20.24 12.88
CA THR A 387 2.36 -19.72 11.60
C THR A 387 2.85 -18.30 11.37
N GLY A 388 2.74 -17.45 12.39
CA GLY A 388 3.26 -16.10 12.25
C GLY A 388 4.75 -16.08 11.99
N ILE A 389 5.49 -16.97 12.66
CA ILE A 389 6.94 -17.02 12.46
C ILE A 389 7.27 -17.32 11.01
N VAL A 390 6.61 -18.32 10.43
CA VAL A 390 6.91 -18.67 9.03
C VAL A 390 6.47 -17.55 8.11
N ASN A 391 5.31 -16.94 8.37
CA ASN A 391 4.84 -15.85 7.53
C ASN A 391 5.87 -14.72 7.50
N GLN A 392 6.33 -14.28 8.67
CA GLN A 392 7.30 -13.19 8.73
C GLN A 392 8.62 -13.60 8.09
N PHE A 393 9.05 -14.84 8.32
CA PHE A 393 10.29 -15.31 7.73
C PHE A 393 10.23 -15.24 6.22
N SER A 394 9.08 -15.59 5.64
CA SER A 394 8.92 -15.47 4.19
C SER A 394 8.84 -14.01 3.76
N LYS A 395 8.24 -13.14 4.57
CA LYS A 395 7.99 -11.76 4.17
C LYS A 395 9.17 -10.82 4.38
N LEU A 396 10.24 -11.27 5.04
CA LEU A 396 11.35 -10.37 5.36
C LEU A 396 12.03 -9.77 4.12
N GLU A 397 11.83 -10.36 2.93
CA GLU A 397 12.64 -9.96 1.77
C GLU A 397 12.36 -8.53 1.33
N LEU A 398 11.08 -8.11 1.36
CA LEU A 398 10.77 -6.74 0.94
C LEU A 398 11.44 -5.73 1.87
N ALA A 399 11.39 -5.98 3.17
CA ALA A 399 12.08 -5.11 4.12
C ALA A 399 13.57 -5.12 3.87
N ARG A 400 14.12 -6.29 3.51
CA ARG A 400 15.55 -6.36 3.21
C ARG A 400 15.89 -5.48 2.02
N VAL A 401 15.06 -5.50 0.98
CA VAL A 401 15.33 -4.68 -0.20
C VAL A 401 15.22 -3.19 0.15
N SER A 402 14.21 -2.81 0.92
CA SER A 402 14.08 -1.40 1.32
C SER A 402 15.28 -0.96 2.14
N ALA A 403 15.73 -1.82 3.06
CA ALA A 403 16.92 -1.51 3.84
C ALA A 403 18.13 -1.33 2.94
N GLY A 404 18.29 -2.20 1.94
CA GLY A 404 19.37 -2.03 1.01
C GLY A 404 19.34 -0.67 0.33
N ARG A 405 18.16 -0.27 -0.14
CA ARG A 405 18.04 1.01 -0.81
C ARG A 405 18.40 2.17 0.11
N VAL A 406 17.86 2.15 1.34
CA VAL A 406 18.12 3.25 2.26
C VAL A 406 19.60 3.31 2.61
N PHE A 407 20.21 2.15 2.90
CA PHE A 407 21.61 2.14 3.32
C PHE A 407 22.55 2.38 2.16
N GLU A 408 22.11 2.18 0.92
CA GLU A 408 22.93 2.61 -0.22
C GLU A 408 22.82 4.11 -0.42
N LEU A 409 21.65 4.70 -0.16
CA LEU A 409 21.57 6.15 -0.17
C LEU A 409 22.46 6.77 0.90
N LEU A 410 22.45 6.18 2.10
CA LEU A 410 23.22 6.73 3.22
C LEU A 410 24.72 6.59 3.03
N GLU A 411 25.17 5.62 2.24
CA GLU A 411 26.60 5.35 2.08
C GLU A 411 27.17 6.00 0.82
N GLU A 412 26.39 6.80 0.11
CA GLU A 412 26.90 7.46 -1.08
C GLU A 412 28.03 8.42 -0.70
N LYS A 413 29.20 8.22 -1.31
CA LYS A 413 30.38 9.00 -0.92
C LYS A 413 30.28 10.43 -1.41
N ASN A 414 29.87 10.63 -2.66
CA ASN A 414 29.78 11.97 -3.22
C ASN A 414 28.80 12.81 -2.41
N THR A 415 29.26 13.98 -1.93
CA THR A 415 28.43 14.86 -1.14
C THR A 415 28.97 16.28 -1.27
N GLU A 416 28.16 17.25 -0.87
CA GLU A 416 28.53 18.65 -0.84
C GLU A 416 28.70 19.10 0.61
N GLU A 417 29.93 19.41 1.00
CA GLU A 417 30.23 19.87 2.35
C GLU A 417 30.24 21.40 2.35
N ALA A 418 29.35 21.99 3.14
CA ALA A 418 29.18 23.44 3.18
C ALA A 418 28.30 23.77 4.38
N GLY A 419 27.77 25.00 4.38
CA GLY A 419 26.91 25.45 5.46
C GLY A 419 27.36 26.73 6.12
N GLU A 420 28.13 27.55 5.39
CA GLU A 420 28.62 28.81 5.91
C GLU A 420 28.04 29.96 5.12
N PRO A 421 27.17 30.79 5.72
CA PRO A 421 26.60 31.92 4.98
C PRO A 421 27.63 32.97 4.61
N ALA A 422 27.19 34.03 3.94
CA ALA A 422 28.07 35.12 3.53
C ALA A 422 28.25 36.12 4.66
N LYS A 423 29.29 36.96 4.51
CA LYS A 423 29.63 37.96 5.51
C LYS A 423 29.21 39.37 5.11
N GLU A 424 29.57 39.80 3.90
CA GLU A 424 29.25 41.14 3.43
C GLU A 424 28.71 41.08 2.02
N ARG A 425 27.84 42.04 1.69
CA ARG A 425 27.24 42.11 0.37
C ARG A 425 28.29 42.44 -0.68
N ALA A 426 28.16 41.85 -1.86
CA ALA A 426 29.14 42.01 -2.92
C ALA A 426 28.80 43.12 -3.90
N LEU A 427 27.61 43.71 -3.81
CA LEU A 427 27.21 44.83 -4.65
C LEU A 427 26.92 44.40 -6.08
N GLY A 428 27.15 43.14 -6.40
CA GLY A 428 26.73 42.60 -7.69
C GLY A 428 27.76 42.68 -8.81
N ARG A 429 28.94 42.13 -8.57
CA ARG A 429 29.94 41.95 -9.63
C ARG A 429 30.09 40.47 -9.91
N VAL A 430 29.84 40.06 -11.15
CA VAL A 430 29.91 38.67 -11.56
C VAL A 430 30.49 38.60 -12.96
N GLU A 431 31.35 37.63 -13.20
CA GLU A 431 32.01 37.47 -14.48
C GLU A 431 32.17 35.99 -14.80
N PHE A 432 32.29 35.71 -16.10
CA PHE A 432 32.62 34.37 -16.61
C PHE A 432 33.79 34.57 -17.56
N ARG A 433 35.00 34.56 -17.02
CA ARG A 433 36.17 34.87 -17.85
C ARG A 433 36.47 33.73 -18.82
N ASP A 434 36.44 32.49 -18.35
CA ASP A 434 36.65 31.34 -19.22
C ASP A 434 36.10 30.10 -18.52
N VAL A 435 35.13 29.45 -19.14
CA VAL A 435 34.50 28.26 -18.58
C VAL A 435 34.18 27.29 -19.72
N SER A 436 33.85 26.06 -19.34
CA SER A 436 33.42 25.03 -20.27
C SER A 436 32.77 23.92 -19.47
N PHE A 437 31.53 23.58 -19.83
CA PHE A 437 30.72 22.67 -19.03
C PHE A 437 30.20 21.54 -19.89
N ALA A 438 30.45 20.31 -19.46
CA ALA A 438 29.85 19.13 -20.05
C ALA A 438 29.16 18.35 -18.95
N TYR A 439 27.90 17.97 -19.19
CA TYR A 439 27.10 17.37 -18.12
C TYR A 439 27.73 16.08 -17.63
N GLN A 440 28.02 15.15 -18.54
CA GLN A 440 28.62 13.87 -18.17
C GLN A 440 30.00 13.70 -18.78
N GLU A 441 30.13 13.77 -20.10
CA GLU A 441 31.42 13.58 -20.76
C GLU A 441 31.25 13.87 -22.24
N GLY A 442 32.26 14.50 -22.83
CA GLY A 442 32.30 14.69 -24.26
C GLY A 442 31.36 15.78 -24.75
N GLU A 443 30.05 15.54 -24.65
CA GLU A 443 29.06 16.49 -25.15
C GLU A 443 29.18 17.82 -24.43
N GLU A 444 29.64 18.85 -25.13
CA GLU A 444 29.84 20.17 -24.54
C GLU A 444 28.62 21.04 -24.81
N VAL A 445 28.07 21.62 -23.75
CA VAL A 445 26.99 22.60 -23.88
C VAL A 445 27.50 24.02 -23.69
N LEU A 446 28.66 24.22 -23.07
CA LEU A 446 29.31 25.51 -22.97
C LEU A 446 30.74 25.37 -23.47
N LYS A 447 31.12 26.20 -24.43
CA LYS A 447 32.44 26.15 -25.04
C LYS A 447 33.11 27.51 -24.94
N HIS A 448 34.09 27.62 -24.05
CA HIS A 448 34.90 28.83 -23.93
C HIS A 448 34.04 30.07 -23.77
N ILE A 449 33.02 29.97 -22.90
CA ILE A 449 32.17 31.11 -22.63
C ILE A 449 33.00 32.21 -21.98
N SER A 450 32.78 33.45 -22.40
CA SER A 450 33.56 34.58 -21.90
C SER A 450 32.67 35.80 -21.85
N PHE A 451 32.32 36.24 -20.63
CA PHE A 451 31.62 37.49 -20.44
C PHE A 451 31.91 38.01 -19.04
N THR A 452 31.75 39.31 -18.87
CA THR A 452 32.00 39.99 -17.59
C THR A 452 30.83 40.93 -17.32
N ALA A 453 29.81 40.42 -16.64
CA ALA A 453 28.63 41.21 -16.31
C ALA A 453 29.00 42.21 -15.24
N GLN A 454 29.26 43.45 -15.66
CA GLN A 454 29.65 44.49 -14.71
C GLN A 454 28.46 44.86 -13.83
N LYS A 455 28.69 45.81 -12.93
CA LYS A 455 27.61 46.28 -12.05
C LYS A 455 26.35 46.60 -12.84
N GLY A 456 26.49 46.96 -14.12
CA GLY A 456 25.36 47.14 -14.99
C GLY A 456 24.50 45.89 -15.03
N GLU A 457 23.20 46.05 -14.88
CA GLU A 457 22.29 44.93 -14.72
C GLU A 457 21.66 44.56 -16.06
N THR A 458 20.79 43.54 -16.02
CA THR A 458 20.05 43.09 -17.19
C THR A 458 21.00 42.59 -18.29
N VAL A 459 21.90 41.69 -17.91
CA VAL A 459 22.69 40.95 -18.88
C VAL A 459 21.87 39.74 -19.32
N ALA A 460 21.56 39.68 -20.61
CA ALA A 460 20.55 38.75 -21.12
C ALA A 460 21.19 37.66 -21.96
N LEU A 461 20.61 36.46 -21.87
CA LEU A 461 20.99 35.32 -22.70
C LEU A 461 19.80 34.96 -23.59
N VAL A 462 20.06 34.78 -24.88
CA VAL A 462 19.01 34.50 -25.86
C VAL A 462 19.35 33.22 -26.60
N GLY A 463 18.36 32.36 -26.77
CA GLY A 463 18.57 31.10 -27.44
C GLY A 463 17.27 30.33 -27.52
N HIS A 464 17.37 29.07 -27.94
CA HIS A 464 16.17 28.24 -28.08
C HIS A 464 16.58 26.80 -28.36
N THR A 465 15.75 25.87 -27.89
CA THR A 465 15.87 24.45 -28.20
C THR A 465 17.20 23.87 -27.74
N GLY A 466 17.86 24.50 -26.78
CA GLY A 466 19.07 23.95 -26.21
C GLY A 466 20.34 24.57 -26.74
N SER A 467 20.90 25.50 -25.98
CA SER A 467 22.19 26.09 -26.30
C SER A 467 23.11 26.25 -25.11
N GLY A 468 22.62 26.13 -23.87
CA GLY A 468 23.47 26.28 -22.70
C GLY A 468 23.22 27.55 -21.91
N LYS A 469 21.96 27.95 -21.78
CA LYS A 469 21.62 29.09 -20.93
C LYS A 469 21.29 28.65 -19.51
N SER A 470 20.39 27.67 -19.39
CA SER A 470 20.06 27.05 -18.08
C SER A 470 21.33 26.38 -17.57
N SER A 471 22.27 26.02 -18.46
CA SER A 471 23.58 25.55 -18.03
C SER A 471 24.38 26.66 -17.37
N ILE A 472 24.31 27.87 -17.91
CA ILE A 472 24.97 29.01 -17.27
C ILE A 472 24.37 29.25 -15.89
N LEU A 473 23.04 29.20 -15.79
CA LEU A 473 22.42 29.40 -14.49
C LEU A 473 22.89 28.34 -13.49
N ASN A 474 22.94 27.08 -13.92
CA ASN A 474 23.41 26.02 -13.03
C ASN A 474 24.84 26.27 -12.59
N LEU A 475 25.71 26.69 -13.52
CA LEU A 475 27.09 26.99 -13.16
C LEU A 475 27.17 28.14 -12.16
N LEU A 476 26.27 29.12 -12.27
CA LEU A 476 26.36 30.29 -11.41
C LEU A 476 26.11 29.94 -9.95
N PHE A 477 25.14 29.06 -9.69
CA PHE A 477 24.80 28.68 -8.33
C PHE A 477 25.61 27.49 -7.82
N ARG A 478 26.60 27.05 -8.58
CA ARG A 478 27.39 25.86 -8.24
C ARG A 478 26.53 24.61 -8.14
N PHE A 479 25.38 24.61 -8.81
CA PHE A 479 24.59 23.38 -8.90
C PHE A 479 25.38 22.29 -9.61
N TYR A 480 26.06 22.66 -10.70
CA TYR A 480 26.98 21.78 -11.40
C TYR A 480 28.33 22.47 -11.51
N ASP A 481 29.40 21.72 -11.32
CA ASP A 481 30.73 22.28 -11.43
C ASP A 481 31.22 22.22 -12.87
N ALA A 482 31.84 23.31 -13.34
CA ALA A 482 32.26 23.40 -14.73
C ALA A 482 33.43 22.48 -15.07
N GLN A 483 34.18 22.03 -14.06
CA GLN A 483 35.30 21.11 -14.27
C GLN A 483 36.36 21.69 -15.20
N LYS A 484 36.25 22.98 -15.54
CA LYS A 484 37.24 23.62 -16.39
C LYS A 484 36.96 25.11 -16.41
N GLY A 485 38.03 25.90 -16.33
CA GLY A 485 37.92 27.34 -16.33
C GLY A 485 37.85 27.93 -14.93
N ASP A 486 37.27 29.11 -14.86
CA ASP A 486 37.06 29.78 -13.58
C ASP A 486 35.88 30.73 -13.69
N VAL A 487 35.27 31.00 -12.54
CA VAL A 487 34.14 31.93 -12.44
C VAL A 487 34.36 32.78 -11.20
N LEU A 488 34.07 34.08 -11.31
CA LEU A 488 34.31 35.01 -10.23
C LEU A 488 33.07 35.84 -9.95
N ILE A 489 32.79 36.07 -8.67
CA ILE A 489 31.91 37.14 -8.22
C ILE A 489 32.77 38.09 -7.40
N ASP A 490 32.70 39.37 -7.73
CA ASP A 490 33.62 40.38 -7.18
C ASP A 490 35.04 39.92 -7.58
N GLY A 491 36.00 39.91 -6.67
CA GLY A 491 37.34 39.46 -7.01
C GLY A 491 37.57 38.00 -6.67
N LYS A 492 36.70 37.42 -5.86
CA LYS A 492 36.84 36.04 -5.45
C LYS A 492 36.43 35.09 -6.56
N SER A 493 36.85 33.84 -6.43
CA SER A 493 36.48 32.78 -7.36
C SER A 493 35.34 31.96 -6.78
N ILE A 494 34.40 31.58 -7.64
CA ILE A 494 33.24 30.83 -7.18
C ILE A 494 33.67 29.53 -6.51
N TYR A 495 34.70 28.88 -7.06
CA TYR A 495 35.19 27.61 -6.54
C TYR A 495 36.13 27.76 -5.36
N ASN A 496 36.14 28.92 -4.71
CA ASN A 496 37.02 29.17 -3.56
C ASN A 496 36.24 29.78 -2.40
N MET A 497 34.96 29.42 -2.26
CA MET A 497 34.15 29.95 -1.19
C MET A 497 33.01 28.98 -0.90
N SER A 498 32.43 29.13 0.30
CA SER A 498 31.35 28.26 0.71
C SER A 498 30.14 28.43 -0.18
N ARG A 499 29.45 27.32 -0.45
CA ARG A 499 28.27 27.37 -1.30
C ARG A 499 27.20 28.26 -0.70
N GLN A 500 26.99 28.17 0.61
CA GLN A 500 25.97 28.99 1.25
C GLN A 500 26.30 30.46 1.13
N GLU A 501 27.57 30.83 1.30
CA GLU A 501 27.96 32.22 1.12
C GLU A 501 27.68 32.69 -0.29
N LEU A 502 28.06 31.89 -1.29
CA LEU A 502 27.83 32.25 -2.68
C LEU A 502 26.35 32.46 -2.95
N ARG A 503 25.52 31.49 -2.59
CA ARG A 503 24.09 31.59 -2.84
C ARG A 503 23.42 32.60 -1.94
N SER A 504 24.12 33.13 -0.93
CA SER A 504 23.57 34.19 -0.10
C SER A 504 23.58 35.53 -0.81
N HIS A 505 24.50 35.72 -1.76
CA HIS A 505 24.55 36.97 -2.51
C HIS A 505 23.41 37.07 -3.51
N MET A 506 23.05 35.95 -4.13
CA MET A 506 22.21 35.94 -5.33
C MET A 506 20.84 35.36 -5.05
N GLY A 507 19.85 35.86 -5.78
CA GLY A 507 18.51 35.34 -5.77
C GLY A 507 18.22 34.51 -7.01
N ILE A 508 16.98 34.04 -7.09
CA ILE A 508 16.56 33.19 -8.19
C ILE A 508 15.05 33.12 -8.21
N VAL A 509 14.48 33.18 -9.41
CA VAL A 509 13.06 32.86 -9.60
C VAL A 509 12.93 32.06 -10.89
N LEU A 510 12.80 30.75 -10.76
CA LEU A 510 12.74 29.88 -11.92
C LEU A 510 11.42 30.09 -12.67
N GLN A 511 11.24 29.33 -13.75
CA GLN A 511 10.04 29.45 -14.55
C GLN A 511 8.79 29.19 -13.72
N ASP A 512 8.65 27.97 -13.21
CA ASP A 512 7.53 27.63 -12.36
C ASP A 512 7.74 28.25 -10.98
N PRO A 513 6.86 29.12 -10.50
CA PRO A 513 7.04 29.68 -9.15
C PRO A 513 6.82 28.61 -8.09
N TYR A 514 7.89 28.22 -7.41
CA TYR A 514 7.82 27.13 -6.44
C TYR A 514 7.04 27.61 -5.23
N LEU A 515 5.78 27.22 -5.15
CA LEU A 515 4.90 27.59 -4.05
C LEU A 515 4.86 26.45 -3.04
N PHE A 516 5.08 26.78 -1.77
CA PHE A 516 5.12 25.81 -0.69
C PHE A 516 3.83 25.86 0.10
N SER A 517 3.33 24.69 0.49
CA SER A 517 2.11 24.62 1.28
C SER A 517 2.28 25.44 2.57
N GLY A 518 1.25 26.20 2.90
CA GLY A 518 1.26 27.06 4.07
C GLY A 518 0.70 28.42 3.73
N THR A 519 1.09 29.41 4.52
CA THR A 519 0.63 30.77 4.32
C THR A 519 1.43 31.44 3.21
N ILE A 520 0.89 32.57 2.73
CA ILE A 520 1.64 33.38 1.77
C ILE A 520 2.94 33.88 2.40
N GLY A 521 2.87 34.33 3.65
CA GLY A 521 4.07 34.70 4.36
C GLY A 521 5.05 33.55 4.48
N SER A 522 4.54 32.32 4.51
CA SER A 522 5.43 31.16 4.48
C SER A 522 6.22 31.10 3.18
N ASN A 523 5.65 31.61 2.09
CA ASN A 523 6.34 31.60 0.81
C ASN A 523 7.33 32.76 0.68
N VAL A 524 6.92 33.96 1.10
CA VAL A 524 7.77 35.13 0.92
C VAL A 524 9.07 34.97 1.70
N SER A 525 8.99 34.38 2.90
CA SER A 525 10.14 34.21 3.77
C SER A 525 10.67 32.79 3.81
N LEU A 526 9.99 31.84 3.16
CA LEU A 526 10.37 30.43 3.25
C LEU A 526 10.47 30.00 4.71
N ASP A 527 9.64 30.60 5.57
CA ASP A 527 9.69 30.34 7.00
C ASP A 527 11.10 30.59 7.55
N ASP A 528 11.70 31.69 7.12
CA ASP A 528 13.05 32.02 7.58
C ASP A 528 13.07 32.27 9.08
N GLU A 529 12.06 32.96 9.60
CA GLU A 529 11.90 33.30 11.01
C GLU A 529 12.94 34.31 11.50
N ARG A 530 13.87 34.75 10.64
CA ARG A 530 14.82 35.79 10.98
C ARG A 530 14.35 37.16 10.51
N MET A 531 13.94 37.28 9.26
CA MET A 531 13.35 38.51 8.77
C MET A 531 11.95 38.68 9.34
N THR A 532 11.65 39.91 9.79
CA THR A 532 10.43 40.16 10.55
C THR A 532 9.30 40.64 9.65
N GLU A 533 9.49 41.76 8.96
CA GLU A 533 8.43 42.40 8.19
C GLU A 533 8.56 42.00 6.72
N GLU A 534 7.61 41.21 6.25
CA GLU A 534 7.51 40.84 4.83
C GLU A 534 6.46 41.65 4.09
N GLU A 535 5.31 41.87 4.72
CA GLU A 535 4.26 42.65 4.08
C GLU A 535 4.74 44.06 3.75
N ILE A 536 5.31 44.75 4.74
CA ILE A 536 5.76 46.12 4.53
C ILE A 536 6.76 46.16 3.37
N LYS A 537 7.77 45.31 3.43
CA LYS A 537 8.69 45.21 2.29
C LYS A 537 7.93 44.79 1.04
N ASN A 538 7.06 43.80 1.15
CA ASN A 538 6.23 43.40 0.03
C ASN A 538 5.34 44.54 -0.45
N ALA A 539 5.02 45.49 0.43
CA ALA A 539 4.24 46.65 -0.01
C ALA A 539 4.97 47.45 -1.06
N LEU A 540 6.31 47.41 -1.05
CA LEU A 540 7.12 48.09 -2.05
C LEU A 540 7.33 47.23 -3.30
N ARG A 541 6.79 46.02 -3.32
CA ARG A 541 6.97 45.10 -4.44
C ARG A 541 5.75 45.01 -5.34
N GLN A 542 4.79 45.90 -5.16
CA GLN A 542 3.58 45.92 -5.98
C GLN A 542 2.84 44.59 -5.86
N VAL A 543 2.44 44.29 -4.62
CA VAL A 543 1.60 43.14 -4.34
C VAL A 543 0.43 43.60 -3.46
N GLY A 544 0.05 44.87 -3.58
CA GLY A 544 -0.97 45.43 -2.73
C GLY A 544 -2.40 45.17 -3.13
N ALA A 545 -2.63 44.49 -4.26
CA ALA A 545 -3.99 44.25 -4.76
C ALA A 545 -4.48 42.84 -4.45
N GLU A 546 -3.75 41.83 -4.90
CA GLU A 546 -4.22 40.45 -4.77
C GLU A 546 -4.42 40.02 -3.33
N PRO A 547 -3.49 40.25 -2.39
CA PRO A 547 -3.73 39.74 -1.02
C PRO A 547 -5.02 40.25 -0.41
N LEU A 548 -5.38 41.51 -0.67
CA LEU A 548 -6.67 42.00 -0.21
C LEU A 548 -7.80 41.18 -0.82
N LEU A 549 -7.70 40.86 -2.11
CA LEU A 549 -8.71 40.03 -2.76
C LEU A 549 -8.76 38.64 -2.13
N LYS A 550 -7.60 38.06 -1.82
CA LYS A 550 -7.53 36.71 -1.27
C LYS A 550 -7.75 36.76 0.24
N LYS A 551 -8.99 37.04 0.60
CA LYS A 551 -9.43 37.06 2.02
C LYS A 551 -8.60 38.12 2.74
N LEU A 552 -8.12 37.83 3.95
CA LEU A 552 -7.29 38.76 4.73
C LEU A 552 -6.03 38.00 5.12
N PRO A 553 -5.05 37.89 4.21
CA PRO A 553 -3.92 36.98 4.45
C PRO A 553 -3.08 37.36 5.66
N LYS A 554 -2.54 38.58 5.67
CA LYS A 554 -1.59 39.01 6.68
C LYS A 554 -0.55 37.93 6.95
N GLY A 555 -0.23 37.16 5.91
CA GLY A 555 0.68 36.03 6.08
C GLY A 555 0.09 34.85 6.81
N ILE A 556 -1.24 34.78 6.92
CA ILE A 556 -1.91 33.72 7.65
C ILE A 556 -3.04 33.13 6.81
N ASN A 557 -3.02 33.43 5.50
CA ASN A 557 -4.08 32.94 4.63
C ASN A 557 -4.10 31.41 4.57
N GLU A 558 -2.93 30.79 4.51
CA GLU A 558 -2.82 29.35 4.32
C GLU A 558 -3.51 28.94 3.02
N PRO A 559 -3.24 29.60 1.89
CA PRO A 559 -3.99 29.28 0.66
C PRO A 559 -3.33 28.22 -0.20
N VAL A 560 -2.03 27.99 0.01
CA VAL A 560 -1.22 27.20 -0.91
C VAL A 560 -1.56 25.72 -0.81
N ILE A 561 -2.53 25.36 0.04
CA ILE A 561 -2.95 23.98 0.17
C ILE A 561 -3.32 23.39 -1.19
N GLU A 562 -3.68 24.22 -2.16
CA GLU A 562 -3.96 23.76 -3.52
C GLU A 562 -2.70 23.42 -4.30
N LYS A 563 -1.52 23.49 -3.69
CA LYS A 563 -0.23 23.27 -4.33
C LYS A 563 0.13 24.37 -5.32
N GLY A 564 -0.61 25.48 -5.33
CA GLY A 564 -0.33 26.56 -6.24
C GLY A 564 -1.55 26.98 -7.05
N SER A 565 -2.49 26.05 -7.24
CA SER A 565 -3.69 26.33 -8.02
C SER A 565 -4.61 27.34 -7.34
N THR A 566 -4.38 27.64 -6.05
CA THR A 566 -5.21 28.60 -5.35
C THR A 566 -5.10 30.00 -5.94
N LEU A 567 -4.00 30.30 -6.63
CA LEU A 567 -3.77 31.61 -7.23
C LEU A 567 -3.66 31.48 -8.74
N SER A 568 -3.30 32.58 -9.39
CA SER A 568 -3.04 32.62 -10.82
C SER A 568 -1.54 32.50 -11.08
N SER A 569 -1.21 32.10 -12.31
CA SER A 569 0.20 31.99 -12.68
C SER A 569 0.91 33.32 -12.54
N GLY A 570 0.25 34.41 -12.95
CA GLY A 570 0.82 35.73 -12.76
C GLY A 570 1.03 36.05 -11.28
N GLU A 571 0.05 35.70 -10.44
CA GLU A 571 0.21 35.91 -9.01
C GLU A 571 1.34 35.06 -8.44
N ARG A 572 1.49 33.82 -8.95
CA ARG A 572 2.58 32.96 -8.50
C ARG A 572 3.94 33.57 -8.85
N GLN A 573 4.09 34.07 -10.08
CA GLN A 573 5.32 34.76 -10.44
C GLN A 573 5.51 36.01 -9.59
N LEU A 574 4.42 36.69 -9.26
CA LEU A 574 4.52 37.88 -8.41
C LEU A 574 5.09 37.51 -7.04
N ILE A 575 4.58 36.43 -6.44
CA ILE A 575 5.08 36.05 -5.12
C ILE A 575 6.53 35.58 -5.22
N SER A 576 6.89 34.90 -6.32
CA SER A 576 8.29 34.50 -6.49
C SER A 576 9.20 35.73 -6.57
N PHE A 577 8.82 36.73 -7.35
CA PHE A 577 9.60 37.96 -7.41
C PHE A 577 9.67 38.64 -6.05
N ALA A 578 8.56 38.65 -5.32
CA ALA A 578 8.54 39.28 -4.01
C ALA A 578 9.50 38.56 -3.06
N ARG A 579 9.50 37.23 -3.10
CA ARG A 579 10.43 36.48 -2.26
C ARG A 579 11.87 36.77 -2.64
N ALA A 580 12.15 36.85 -3.95
CA ALA A 580 13.50 37.19 -4.38
C ALA A 580 13.91 38.57 -3.87
N LEU A 581 12.98 39.52 -3.87
CA LEU A 581 13.31 40.86 -3.38
C LEU A 581 13.48 40.88 -1.87
N ALA A 582 12.75 40.03 -1.14
CA ALA A 582 12.82 40.05 0.32
C ALA A 582 14.25 39.86 0.80
N PHE A 583 14.91 38.80 0.33
CA PHE A 583 16.29 38.56 0.74
C PHE A 583 17.24 39.66 0.25
N ASP A 584 16.82 40.45 -0.72
CA ASP A 584 17.62 41.53 -1.28
C ASP A 584 19.00 41.02 -1.72
N PRO A 585 19.05 40.03 -2.59
CA PRO A 585 20.35 39.51 -3.05
C PRO A 585 21.05 40.50 -3.97
N ALA A 586 22.39 40.48 -3.91
CA ALA A 586 23.17 41.35 -4.77
C ALA A 586 22.93 41.02 -6.24
N ILE A 587 22.89 39.73 -6.58
CA ILE A 587 22.68 39.29 -7.94
C ILE A 587 21.31 38.63 -8.02
N LEU A 588 20.72 38.65 -9.22
CA LEU A 588 19.37 38.12 -9.43
C LEU A 588 19.36 37.39 -10.77
N ILE A 589 19.44 36.06 -10.72
CA ILE A 589 19.48 35.25 -11.92
C ILE A 589 18.04 34.89 -12.30
N LEU A 590 17.56 35.50 -13.37
CA LEU A 590 16.20 35.29 -13.85
C LEU A 590 16.23 34.30 -15.01
N ASP A 591 15.51 33.19 -14.86
CA ASP A 591 15.27 32.27 -15.95
C ASP A 591 14.12 32.81 -16.79
N GLU A 592 13.53 31.97 -17.64
CA GLU A 592 12.35 32.40 -18.37
C GLU A 592 11.21 32.60 -17.38
N ALA A 593 10.91 33.85 -17.07
CA ALA A 593 9.95 34.20 -16.03
C ALA A 593 8.72 34.80 -16.71
N THR A 594 7.68 33.98 -16.85
CA THR A 594 6.41 34.30 -17.49
C THR A 594 6.56 34.34 -19.01
N ALA A 595 7.75 34.15 -19.56
CA ALA A 595 7.97 34.12 -21.00
C ALA A 595 8.12 32.68 -21.50
N HIS A 596 7.19 31.81 -21.12
CA HIS A 596 7.34 30.38 -21.37
C HIS A 596 6.68 29.93 -22.67
N ILE A 597 5.37 30.12 -22.81
CA ILE A 597 4.65 29.60 -23.97
C ILE A 597 3.29 30.29 -24.03
N ASP A 598 2.88 30.64 -25.24
CA ASP A 598 1.52 31.12 -25.55
C ASP A 598 1.00 32.05 -24.45
N THR A 599 1.72 33.16 -24.28
CA THR A 599 1.38 34.16 -23.28
C THR A 599 1.38 35.54 -23.90
N GLU A 600 0.51 36.40 -23.39
CA GLU A 600 0.39 37.78 -23.87
C GLU A 600 0.50 38.81 -22.76
N THR A 601 0.23 38.45 -21.50
CA THR A 601 0.28 39.40 -20.39
C THR A 601 1.73 39.61 -19.99
N GLU A 602 2.39 40.51 -20.72
CA GLU A 602 3.80 40.80 -20.49
C GLU A 602 3.99 41.91 -19.45
N ALA A 603 3.29 43.04 -19.62
CA ALA A 603 3.43 44.14 -18.67
C ALA A 603 3.09 43.71 -17.25
N VAL A 604 2.17 42.76 -17.10
CA VAL A 604 1.68 42.38 -15.79
C VAL A 604 2.85 41.93 -14.90
N ILE A 605 3.85 41.28 -15.47
CA ILE A 605 5.02 40.88 -14.71
C ILE A 605 6.23 41.76 -15.00
N GLN A 606 6.25 42.48 -16.13
CA GLN A 606 7.34 43.41 -16.39
C GLN A 606 7.34 44.53 -15.34
N LYS A 607 6.16 44.88 -14.83
CA LYS A 607 6.10 45.92 -13.81
C LYS A 607 6.88 45.52 -12.57
N ALA A 608 6.77 44.26 -12.15
CA ALA A 608 7.55 43.76 -11.02
C ALA A 608 9.00 43.51 -11.40
N LEU A 609 9.25 43.10 -12.65
CA LEU A 609 10.62 42.88 -13.10
C LEU A 609 11.43 44.17 -13.02
N ASP A 610 10.82 45.29 -13.39
CA ASP A 610 11.50 46.57 -13.26
C ASP A 610 11.78 46.89 -11.80
N VAL A 611 10.83 46.61 -10.91
CA VAL A 611 11.02 46.91 -9.49
C VAL A 611 12.18 46.10 -8.93
N VAL A 612 12.32 44.85 -9.37
CA VAL A 612 13.43 44.03 -8.89
C VAL A 612 14.73 44.29 -9.66
N LYS A 613 14.66 45.00 -10.79
CA LYS A 613 15.85 45.29 -11.56
C LYS A 613 16.82 46.18 -10.79
N GLN A 614 16.29 47.19 -10.09
CA GLN A 614 17.13 48.26 -9.57
C GLN A 614 18.16 47.74 -8.57
N GLY A 615 19.38 48.25 -8.69
CA GLY A 615 20.43 47.99 -7.72
C GLY A 615 20.87 46.54 -7.59
N ARG A 616 21.00 45.84 -8.72
CA ARG A 616 21.44 44.45 -8.71
C ARG A 616 22.22 44.19 -9.98
N THR A 617 22.45 42.92 -10.29
CA THR A 617 23.06 42.47 -11.54
C THR A 617 22.17 41.37 -12.10
N THR A 618 21.15 41.77 -12.88
CA THR A 618 20.10 40.85 -13.27
C THR A 618 20.53 40.04 -14.49
N PHE A 619 20.65 38.73 -14.31
CA PHE A 619 20.90 37.79 -15.40
C PHE A 619 19.54 37.25 -15.85
N VAL A 620 19.08 37.66 -17.02
CA VAL A 620 17.76 37.32 -17.53
C VAL A 620 17.92 36.43 -18.74
N ILE A 621 17.19 35.32 -18.76
CA ILE A 621 17.22 34.38 -19.88
C ILE A 621 15.88 34.45 -20.60
N ALA A 622 15.25 35.61 -20.55
CA ALA A 622 13.93 35.75 -21.15
C ALA A 622 13.99 35.44 -22.64
N HIS A 623 13.06 34.61 -23.10
CA HIS A 623 13.02 34.27 -24.52
C HIS A 623 12.41 35.38 -25.36
N ARG A 624 11.45 36.12 -24.82
CA ARG A 624 10.82 37.22 -25.53
C ARG A 624 11.82 38.36 -25.64
N LEU A 625 12.50 38.47 -26.78
CA LEU A 625 13.54 39.47 -26.94
C LEU A 625 12.98 40.89 -26.82
N SER A 626 11.68 41.07 -26.98
CA SER A 626 11.10 42.39 -26.81
C SER A 626 11.25 42.90 -25.38
N THR A 627 11.00 42.01 -24.40
CA THR A 627 11.12 42.42 -23.00
C THR A 627 12.55 42.72 -22.62
N ILE A 628 13.52 42.20 -23.37
CA ILE A 628 14.94 42.34 -23.05
C ILE A 628 15.61 43.42 -23.87
N ARG A 629 14.85 44.10 -24.75
CA ARG A 629 15.44 45.11 -25.62
C ARG A 629 16.19 46.18 -24.83
N ASN A 630 15.75 46.45 -23.60
CA ASN A 630 16.40 47.45 -22.76
C ASN A 630 17.61 46.90 -22.01
N ALA A 631 18.04 45.68 -22.32
CA ALA A 631 19.23 45.11 -21.70
C ALA A 631 20.48 45.84 -22.19
N ASP A 632 21.60 45.56 -21.51
CA ASP A 632 22.85 46.24 -21.80
C ASP A 632 23.93 45.35 -22.37
N GLN A 633 23.86 44.04 -22.14
CA GLN A 633 24.92 43.12 -22.56
C GLN A 633 24.31 41.87 -23.20
N ILE A 634 23.41 42.06 -24.16
CA ILE A 634 22.76 40.96 -24.85
C ILE A 634 23.79 39.90 -25.20
N LEU A 635 23.52 38.65 -24.82
CA LEU A 635 24.40 37.52 -25.11
C LEU A 635 23.65 36.50 -25.94
N VAL A 636 24.22 36.12 -27.08
CA VAL A 636 23.65 35.13 -27.98
C VAL A 636 24.47 33.86 -27.88
N LEU A 637 23.81 32.74 -27.63
CA LEU A 637 24.46 31.45 -27.47
C LEU A 637 24.23 30.62 -28.73
N ASP A 638 25.30 30.40 -29.49
CA ASP A 638 25.23 29.59 -30.70
C ASP A 638 25.59 28.13 -30.38
N LYS A 639 24.81 27.54 -29.48
CA LYS A 639 25.01 26.17 -29.04
C LYS A 639 26.36 26.01 -28.35
N GLY A 640 26.57 26.83 -27.32
CA GLY A 640 27.76 26.76 -26.50
C GLY A 640 28.80 27.84 -26.74
N GLU A 641 28.51 28.83 -27.58
CA GLU A 641 29.45 29.89 -27.87
C GLU A 641 28.75 31.24 -27.84
N ILE A 642 29.47 32.26 -27.36
CA ILE A 642 28.99 33.63 -27.40
C ILE A 642 29.47 34.21 -28.73
N VAL A 643 28.69 33.99 -29.79
CA VAL A 643 29.09 34.42 -31.12
C VAL A 643 29.14 35.93 -31.21
N GLU A 644 28.20 36.62 -30.57
CA GLU A 644 28.12 38.07 -30.65
C GLU A 644 27.88 38.64 -29.26
N ARG A 645 28.30 39.89 -29.07
CA ARG A 645 28.16 40.60 -27.81
C ARG A 645 27.87 42.06 -28.08
N GLY A 646 26.98 42.63 -27.26
CA GLY A 646 26.66 44.05 -27.39
C GLY A 646 25.22 44.35 -27.08
N ASN A 647 24.86 45.64 -27.07
CA ASN A 647 23.49 46.03 -26.81
C ASN A 647 22.61 45.64 -27.99
N HIS A 648 21.31 45.93 -27.87
CA HIS A 648 20.37 45.55 -28.92
C HIS A 648 20.66 46.29 -30.22
N GLU A 649 20.99 47.58 -30.14
CA GLU A 649 21.32 48.33 -31.34
C GLU A 649 22.58 47.78 -32.01
N GLU A 650 23.61 47.51 -31.21
CA GLU A 650 24.86 47.00 -31.77
C GLU A 650 24.64 45.67 -32.48
N LEU A 651 23.88 44.77 -31.87
CA LEU A 651 23.60 43.49 -32.50
C LEU A 651 22.74 43.67 -33.75
N MET A 652 21.83 44.65 -33.72
CA MET A 652 20.97 44.86 -34.88
C MET A 652 21.78 45.28 -36.10
N ALA A 653 22.77 46.13 -35.91
CA ALA A 653 23.56 46.62 -37.05
C ALA A 653 24.32 45.48 -37.72
N LEU A 654 24.96 44.62 -36.93
CA LEU A 654 25.75 43.53 -37.51
C LEU A 654 24.85 42.56 -38.29
N GLU A 655 23.65 42.31 -37.79
CA GLU A 655 22.67 41.47 -38.46
C GLU A 655 23.16 40.04 -38.63
N GLY A 656 23.90 39.54 -37.63
CA GLY A 656 24.33 38.15 -37.67
C GLY A 656 23.20 37.17 -37.46
N GLN A 657 22.73 37.08 -36.21
CA GLN A 657 21.65 36.13 -35.82
C GLN A 657 20.61 36.85 -34.95
N TYR A 658 20.97 37.81 -34.09
CA TYR A 658 20.03 38.43 -33.17
C TYR A 658 19.05 39.31 -33.91
N TYR A 659 19.51 40.05 -34.92
CA TYR A 659 18.60 40.89 -35.70
C TYR A 659 17.53 40.04 -36.37
N GLN A 660 17.93 38.94 -37.00
CA GLN A 660 16.96 38.06 -37.65
C GLN A 660 15.95 37.52 -36.63
N MET A 661 16.44 37.05 -35.49
CA MET A 661 15.54 36.49 -34.49
C MET A 661 14.57 37.53 -33.97
N TYR A 662 15.07 38.74 -33.69
CA TYR A 662 14.21 39.81 -33.20
C TYR A 662 13.19 40.22 -34.26
N GLU A 663 13.61 40.31 -35.52
CA GLU A 663 12.68 40.64 -36.58
C GLU A 663 11.55 39.61 -36.65
N LEU A 664 11.91 38.33 -36.64
CA LEU A 664 10.88 37.29 -36.67
C LEU A 664 9.94 37.43 -35.48
N GLN A 665 10.50 37.53 -34.27
CA GLN A 665 9.68 37.54 -33.07
C GLN A 665 8.76 38.75 -33.01
N LYS A 666 9.24 39.90 -33.47
CA LYS A 666 8.42 41.11 -33.41
C LYS A 666 7.38 41.12 -34.52
N GLY A 667 7.80 40.90 -35.77
CA GLY A 667 6.85 40.91 -36.86
C GLY A 667 5.75 39.88 -36.70
N GLN A 668 6.11 38.66 -36.27
CA GLN A 668 5.10 37.65 -36.02
C GLN A 668 4.18 38.07 -34.88
N LYS A 669 4.74 38.67 -33.83
CA LYS A 669 3.97 39.22 -32.73
C LYS A 669 3.01 38.18 -32.15
N PHE B 24 -26.66 -11.42 7.17
CA PHE B 24 -25.96 -10.10 7.02
C PHE B 24 -26.27 -9.49 5.65
N SER B 25 -26.26 -8.15 5.60
CA SER B 25 -26.69 -7.47 4.39
C SER B 25 -25.78 -7.79 3.22
N VAL B 26 -24.46 -7.83 3.45
CA VAL B 26 -23.54 -8.13 2.35
C VAL B 26 -23.80 -9.53 1.80
N LEU B 27 -24.07 -10.49 2.69
CA LEU B 27 -24.35 -11.84 2.23
C LEU B 27 -25.65 -11.89 1.42
N LYS B 28 -26.66 -11.15 1.85
CA LYS B 28 -27.90 -11.08 1.08
C LYS B 28 -27.64 -10.49 -0.30
N LYS B 29 -26.88 -9.39 -0.35
CA LYS B 29 -26.61 -8.74 -1.63
C LYS B 29 -25.77 -9.61 -2.55
N LEU B 30 -24.98 -10.52 -1.98
CA LEU B 30 -24.18 -11.46 -2.76
C LEU B 30 -24.95 -12.74 -3.09
N GLY B 31 -26.28 -12.68 -3.07
CA GLY B 31 -27.06 -13.87 -3.35
C GLY B 31 -26.77 -14.46 -4.72
N TRP B 32 -26.54 -13.60 -5.71
CA TRP B 32 -26.27 -14.10 -7.05
C TRP B 32 -25.05 -15.01 -7.05
N PHE B 33 -23.98 -14.61 -6.37
CA PHE B 33 -22.76 -15.40 -6.38
C PHE B 33 -22.98 -16.76 -5.73
N PHE B 34 -23.65 -16.79 -4.58
CA PHE B 34 -23.87 -18.04 -3.88
C PHE B 34 -24.78 -18.97 -4.67
N LYS B 35 -25.85 -18.42 -5.26
CA LYS B 35 -26.72 -19.25 -6.10
C LYS B 35 -25.94 -19.81 -7.28
N ALA B 36 -25.05 -19.02 -7.87
CA ALA B 36 -24.20 -19.53 -8.94
C ALA B 36 -23.36 -20.71 -8.46
N TYR B 37 -22.71 -20.55 -7.32
CA TYR B 37 -21.85 -21.58 -6.74
C TYR B 37 -22.49 -22.05 -5.43
N TRP B 38 -23.26 -23.13 -5.52
CA TRP B 38 -23.94 -23.75 -4.40
C TRP B 38 -23.35 -25.09 -4.01
N LEU B 39 -22.94 -25.90 -4.98
CA LEU B 39 -22.32 -27.18 -4.66
C LEU B 39 -21.02 -27.00 -3.89
N ARG B 40 -20.15 -26.10 -4.37
CA ARG B 40 -18.88 -25.91 -3.69
C ARG B 40 -19.09 -25.39 -2.27
N TYR B 41 -20.01 -24.44 -2.08
CA TYR B 41 -20.18 -23.86 -0.77
C TYR B 41 -20.91 -24.79 0.18
N THR B 42 -21.88 -25.57 -0.31
CA THR B 42 -22.51 -26.55 0.58
C THR B 42 -21.53 -27.64 0.97
N ILE B 43 -20.68 -28.09 0.04
CA ILE B 43 -19.64 -29.04 0.41
C ILE B 43 -18.74 -28.44 1.47
N ALA B 44 -18.34 -27.17 1.29
CA ALA B 44 -17.47 -26.51 2.25
C ALA B 44 -18.11 -26.47 3.63
N ILE B 45 -19.39 -26.09 3.71
CA ILE B 45 -20.05 -25.98 5.01
C ILE B 45 -20.19 -27.35 5.67
N VAL B 46 -20.58 -28.37 4.88
CA VAL B 46 -20.74 -29.70 5.44
C VAL B 46 -19.43 -30.21 6.00
N LEU B 47 -18.34 -30.06 5.23
CA LEU B 47 -17.05 -30.51 5.71
C LEU B 47 -16.59 -29.71 6.92
N LEU B 48 -16.90 -28.41 6.96
CA LEU B 48 -16.55 -27.61 8.13
C LEU B 48 -17.23 -28.15 9.38
N LEU B 49 -18.52 -28.42 9.29
CA LEU B 49 -19.25 -28.94 10.46
C LEU B 49 -18.73 -30.32 10.85
N ALA B 50 -18.45 -31.18 9.86
CA ALA B 50 -17.94 -32.51 10.18
C ALA B 50 -16.59 -32.42 10.89
N VAL B 51 -15.71 -31.55 10.42
CA VAL B 51 -14.40 -31.41 11.07
C VAL B 51 -14.56 -30.82 12.46
N ASN B 52 -15.47 -29.86 12.62
CA ASN B 52 -15.69 -29.28 13.93
C ASN B 52 -16.14 -30.34 14.93
N VAL B 53 -17.05 -31.23 14.50
CA VAL B 53 -17.52 -32.27 15.41
C VAL B 53 -16.43 -33.30 15.67
N ILE B 54 -15.65 -33.65 14.63
CA ILE B 54 -14.59 -34.63 14.82
C ILE B 54 -13.53 -34.10 15.79
N GLU B 55 -13.27 -32.80 15.77
CA GLU B 55 -12.21 -32.23 16.59
C GLU B 55 -12.50 -32.34 18.08
N MET B 56 -13.72 -32.65 18.48
CA MET B 56 -14.05 -32.81 19.89
C MET B 56 -13.61 -34.15 20.46
N PHE B 57 -13.15 -35.06 19.62
CA PHE B 57 -12.79 -36.41 20.06
C PHE B 57 -11.39 -36.48 20.66
N PRO B 58 -10.38 -35.87 20.04
CA PRO B 58 -9.00 -36.02 20.55
C PRO B 58 -8.89 -35.67 22.02
N PRO B 59 -9.34 -34.49 22.45
CA PRO B 59 -9.21 -34.17 23.88
C PRO B 59 -9.95 -35.16 24.78
N LYS B 60 -11.13 -35.60 24.37
CA LYS B 60 -11.87 -36.55 25.19
C LYS B 60 -11.19 -37.90 25.21
N LEU B 61 -10.57 -38.31 24.10
CA LEU B 61 -9.82 -39.56 24.10
C LEU B 61 -8.58 -39.46 24.99
N LEU B 62 -7.94 -38.28 25.04
CA LEU B 62 -6.84 -38.09 25.96
C LEU B 62 -7.31 -38.20 27.41
N GLY B 63 -8.44 -37.56 27.74
CA GLY B 63 -8.98 -37.68 29.08
C GLY B 63 -9.33 -39.11 29.44
N ASN B 64 -9.93 -39.84 28.49
CA ASN B 64 -10.27 -41.24 28.73
C ASN B 64 -9.01 -42.08 28.91
N ALA B 65 -7.96 -41.80 28.14
CA ALA B 65 -6.71 -42.53 28.33
C ALA B 65 -6.14 -42.28 29.72
N ILE B 66 -6.19 -41.04 30.18
CA ILE B 66 -5.71 -40.73 31.52
C ILE B 66 -6.52 -41.49 32.56
N ASP B 67 -7.84 -41.50 32.40
CA ASP B 67 -8.70 -42.20 33.36
C ASP B 67 -8.40 -43.69 33.38
N ASP B 68 -8.27 -44.30 32.19
CA ASP B 68 -7.93 -45.72 32.15
C ASP B 68 -6.55 -45.96 32.73
N MET B 69 -5.68 -44.96 32.69
CA MET B 69 -4.37 -45.07 33.33
C MET B 69 -4.52 -45.11 34.84
N LYS B 70 -5.32 -44.19 35.40
CA LYS B 70 -5.46 -44.11 36.84
C LYS B 70 -6.17 -45.34 37.39
N ALA B 71 -7.31 -45.72 36.80
CA ALA B 71 -7.97 -46.95 37.19
C ALA B 71 -7.11 -48.14 36.77
N GLY B 72 -7.19 -49.21 37.54
CA GLY B 72 -6.33 -50.36 37.31
C GLY B 72 -6.73 -51.19 36.11
N ALA B 73 -6.79 -50.55 34.94
CA ALA B 73 -7.17 -51.26 33.72
C ALA B 73 -6.57 -50.49 32.54
N PHE B 74 -5.41 -50.92 32.07
CA PHE B 74 -4.80 -50.33 30.88
C PHE B 74 -3.85 -51.37 30.29
N THR B 75 -4.19 -51.89 29.13
CA THR B 75 -3.40 -52.92 28.46
C THR B 75 -2.89 -52.39 27.14
N ALA B 76 -1.89 -53.09 26.58
CA ALA B 76 -1.36 -52.70 25.29
C ALA B 76 -2.44 -52.63 24.23
N GLU B 77 -3.49 -53.45 24.37
CA GLU B 77 -4.61 -53.40 23.45
C GLU B 77 -5.25 -52.02 23.45
N GLY B 78 -5.59 -51.50 24.62
CA GLY B 78 -6.21 -50.19 24.70
C GLY B 78 -5.30 -49.08 24.21
N LEU B 79 -4.01 -49.16 24.54
CA LEU B 79 -3.07 -48.13 24.09
C LEU B 79 -2.94 -48.13 22.58
N LEU B 80 -2.85 -49.32 21.98
CA LEU B 80 -2.81 -49.40 20.51
C LEU B 80 -4.10 -48.86 19.92
N PHE B 81 -5.24 -49.18 20.54
CA PHE B 81 -6.50 -48.64 20.06
C PHE B 81 -6.47 -47.12 20.06
N TYR B 82 -5.99 -46.52 21.14
CA TYR B 82 -5.95 -45.06 21.24
C TYR B 82 -5.01 -44.45 20.20
N ILE B 83 -3.83 -45.03 20.03
CA ILE B 83 -2.88 -44.50 19.05
C ILE B 83 -3.48 -44.58 17.66
N GLY B 84 -4.07 -45.73 17.31
CA GLY B 84 -4.66 -45.88 15.99
C GLY B 84 -5.81 -44.92 15.74
N ILE B 85 -6.70 -44.76 16.71
CA ILE B 85 -7.83 -43.86 16.52
C ILE B 85 -7.34 -42.43 16.39
N PHE B 86 -6.33 -42.04 17.18
CA PHE B 86 -5.80 -40.69 17.05
C PHE B 86 -5.22 -40.46 15.67
N PHE B 87 -4.46 -41.42 15.16
CA PHE B 87 -3.90 -41.25 13.82
C PHE B 87 -4.99 -41.16 12.77
N VAL B 88 -6.03 -42.00 12.89
CA VAL B 88 -7.12 -41.98 11.91
C VAL B 88 -7.83 -40.64 11.92
N LEU B 89 -8.16 -40.14 13.11
CA LEU B 89 -8.84 -38.85 13.19
C LEU B 89 -7.93 -37.72 12.68
N THR B 90 -6.63 -37.81 12.94
CA THR B 90 -5.71 -36.80 12.44
C THR B 90 -5.72 -36.77 10.92
N ALA B 91 -5.56 -37.93 10.28
CA ALA B 91 -5.57 -37.96 8.82
C ALA B 91 -6.90 -37.48 8.27
N ALA B 92 -8.01 -37.88 8.91
CA ALA B 92 -9.32 -37.42 8.49
C ALA B 92 -9.36 -35.91 8.49
N VAL B 93 -9.25 -35.30 9.68
CA VAL B 93 -9.35 -33.85 9.78
C VAL B 93 -8.38 -33.18 8.83
N TYR B 94 -7.21 -33.78 8.58
CA TYR B 94 -6.27 -33.20 7.63
C TYR B 94 -6.89 -33.11 6.23
N ILE B 95 -7.39 -34.24 5.74
CA ILE B 95 -7.91 -34.26 4.37
C ILE B 95 -9.15 -33.39 4.24
N MET B 96 -10.09 -33.52 5.18
CA MET B 96 -11.31 -32.73 5.11
C MET B 96 -11.01 -31.24 5.28
N SER B 97 -10.03 -30.89 6.11
CA SER B 97 -9.61 -29.51 6.24
C SER B 97 -9.08 -28.99 4.91
N TYR B 98 -8.19 -29.76 4.28
CA TYR B 98 -7.68 -29.35 2.98
C TYR B 98 -8.83 -29.08 2.02
N PHE B 99 -9.80 -29.99 1.97
CA PHE B 99 -10.81 -29.88 0.93
C PHE B 99 -11.78 -28.74 1.19
N TRP B 100 -12.23 -28.54 2.43
CA TRP B 100 -13.14 -27.42 2.66
C TRP B 100 -12.42 -26.09 2.53
N MET B 101 -11.16 -26.00 2.98
CA MET B 101 -10.39 -24.78 2.77
C MET B 101 -10.24 -24.49 1.29
N HIS B 102 -9.87 -25.50 0.50
CA HIS B 102 -9.78 -25.33 -0.94
C HIS B 102 -11.08 -24.81 -1.51
N GLN B 103 -12.19 -25.49 -1.23
CA GLN B 103 -13.46 -25.09 -1.85
C GLN B 103 -13.80 -23.65 -1.48
N LEU B 104 -13.74 -23.31 -0.19
CA LEU B 104 -14.20 -21.99 0.24
C LEU B 104 -13.29 -20.87 -0.28
N PHE B 105 -11.97 -21.03 -0.13
CA PHE B 105 -11.08 -19.95 -0.53
C PHE B 105 -10.92 -19.88 -2.04
N GLY B 106 -11.01 -21.00 -2.76
CA GLY B 106 -11.14 -20.94 -4.19
C GLY B 106 -12.40 -20.24 -4.63
N GLY B 107 -13.49 -20.39 -3.87
CA GLY B 107 -14.69 -19.63 -4.17
C GLY B 107 -14.49 -18.14 -3.96
N ALA B 108 -13.76 -17.77 -2.91
CA ALA B 108 -13.44 -16.35 -2.73
C ALA B 108 -12.61 -15.82 -3.89
N ASN B 109 -11.60 -16.58 -4.33
CA ASN B 109 -10.81 -16.17 -5.48
C ASN B 109 -11.69 -16.05 -6.73
N LEU B 110 -12.63 -16.98 -6.91
CA LEU B 110 -13.53 -16.91 -8.05
C LEU B 110 -14.39 -15.66 -7.99
N MET B 111 -14.83 -15.28 -6.80
CA MET B 111 -15.57 -14.03 -6.67
C MET B 111 -14.70 -12.84 -7.05
N GLU B 112 -13.44 -12.88 -6.65
CA GLU B 112 -12.50 -11.83 -7.06
C GLU B 112 -12.44 -11.74 -8.58
N LYS B 113 -12.30 -12.89 -9.24
CA LYS B 113 -12.23 -12.91 -10.70
C LYS B 113 -13.51 -12.37 -11.32
N ILE B 114 -14.67 -12.78 -10.79
CA ILE B 114 -15.94 -12.34 -11.34
C ILE B 114 -16.09 -10.83 -11.21
N LEU B 115 -15.72 -10.27 -10.06
CA LEU B 115 -15.82 -8.84 -9.88
C LEU B 115 -14.85 -8.10 -10.79
N ARG B 116 -13.63 -8.63 -10.97
CA ARG B 116 -12.70 -8.01 -11.91
C ARG B 116 -13.30 -7.95 -13.30
N THR B 117 -13.80 -9.09 -13.80
CA THR B 117 -14.37 -9.13 -15.14
C THR B 117 -15.54 -8.17 -15.26
N LYS B 118 -16.44 -8.20 -14.29
CA LYS B 118 -17.60 -7.33 -14.33
C LYS B 118 -17.20 -5.86 -14.39
N LEU B 119 -16.30 -5.45 -13.49
CA LEU B 119 -15.91 -4.04 -13.43
C LEU B 119 -15.21 -3.62 -14.71
N MET B 120 -14.28 -4.43 -15.21
CA MET B 120 -13.56 -4.04 -16.41
C MET B 120 -14.50 -3.96 -17.61
N GLY B 121 -15.40 -4.92 -17.75
CA GLY B 121 -16.36 -4.85 -18.85
C GLY B 121 -17.23 -3.61 -18.78
N HIS B 122 -17.75 -3.32 -17.59
CA HIS B 122 -18.61 -2.14 -17.46
C HIS B 122 -17.85 -0.88 -17.80
N LEU B 123 -16.60 -0.75 -17.32
CA LEU B 123 -15.81 0.42 -17.67
C LEU B 123 -15.61 0.50 -19.18
N LEU B 124 -15.29 -0.63 -19.81
CA LEU B 124 -15.14 -0.64 -21.27
C LEU B 124 -16.41 -0.15 -21.95
N THR B 125 -17.57 -0.38 -21.32
CA THR B 125 -18.82 0.09 -21.92
C THR B 125 -19.04 1.59 -21.75
N MET B 126 -18.50 2.19 -20.69
CA MET B 126 -18.93 3.53 -20.32
C MET B 126 -18.43 4.57 -21.31
N SER B 127 -18.98 5.79 -21.15
CA SER B 127 -18.72 6.92 -22.04
C SER B 127 -18.13 8.08 -21.25
N PRO B 128 -17.67 9.14 -21.91
CA PRO B 128 -16.90 10.18 -21.23
C PRO B 128 -17.65 10.78 -20.04
N PRO B 129 -18.96 11.03 -20.15
CA PRO B 129 -19.66 11.68 -19.02
C PRO B 129 -19.50 10.93 -17.71
N PHE B 130 -19.50 9.60 -17.75
CA PHE B 130 -19.31 8.83 -16.53
C PHE B 130 -17.95 9.10 -15.92
N TYR B 131 -16.91 9.19 -16.75
CA TYR B 131 -15.58 9.50 -16.23
C TYR B 131 -15.48 10.95 -15.76
N GLU B 132 -16.30 11.84 -16.30
CA GLU B 132 -16.36 13.20 -15.78
C GLU B 132 -17.02 13.22 -14.40
N LYS B 133 -18.05 12.40 -14.21
CA LYS B 133 -18.75 12.35 -12.93
C LYS B 133 -17.96 11.60 -11.87
N ASN B 134 -17.13 10.64 -12.25
CA ASN B 134 -16.37 9.82 -11.32
C ASN B 134 -14.89 9.93 -11.64
N ARG B 135 -14.09 10.30 -10.65
CA ARG B 135 -12.66 10.45 -10.84
C ARG B 135 -11.97 9.09 -10.90
N THR B 136 -10.81 9.07 -11.55
CA THR B 136 -10.07 7.81 -11.70
C THR B 136 -9.67 7.23 -10.34
N GLY B 137 -9.52 8.09 -9.32
CA GLY B 137 -9.15 7.58 -8.02
C GLY B 137 -10.20 6.64 -7.45
N ASP B 138 -11.47 7.05 -7.51
CA ASP B 138 -12.54 6.21 -7.00
C ASP B 138 -12.64 4.90 -7.78
N LEU B 139 -12.51 4.97 -9.10
CA LEU B 139 -12.61 3.76 -9.92
C LEU B 139 -11.47 2.80 -9.60
N MET B 140 -10.25 3.31 -9.46
CA MET B 140 -9.14 2.43 -9.13
C MET B 140 -9.26 1.87 -7.72
N ALA B 141 -9.77 2.66 -6.78
CA ALA B 141 -10.02 2.12 -5.44
C ALA B 141 -11.04 0.99 -5.48
N ARG B 142 -12.12 1.18 -6.24
CA ARG B 142 -13.12 0.13 -6.38
C ARG B 142 -12.53 -1.12 -7.03
N GLY B 143 -11.68 -0.93 -8.03
CA GLY B 143 -11.07 -2.05 -8.71
C GLY B 143 -9.90 -2.66 -8.00
N THR B 144 -9.47 -2.11 -6.86
CA THR B 144 -8.36 -2.67 -6.10
C THR B 144 -8.65 -2.90 -4.63
N ASN B 145 -9.62 -2.21 -4.04
CA ASN B 145 -9.92 -2.36 -2.61
C ASN B 145 -11.26 -3.04 -2.39
N ASP B 146 -12.34 -2.52 -2.97
CA ASP B 146 -13.66 -3.07 -2.68
C ASP B 146 -13.79 -4.50 -3.15
N LEU B 147 -13.18 -4.86 -4.29
CA LEU B 147 -13.20 -6.24 -4.71
C LEU B 147 -12.53 -7.14 -3.67
N GLN B 148 -11.41 -6.69 -3.12
CA GLN B 148 -10.74 -7.47 -2.09
C GLN B 148 -11.63 -7.62 -0.86
N ALA B 149 -12.30 -6.54 -0.47
CA ALA B 149 -13.18 -6.60 0.69
C ALA B 149 -14.34 -7.58 0.46
N VAL B 150 -14.92 -7.55 -0.74
CA VAL B 150 -16.05 -8.44 -1.03
C VAL B 150 -15.61 -9.90 -1.07
N SER B 151 -14.47 -10.18 -1.70
CA SER B 151 -13.97 -11.54 -1.74
C SER B 151 -13.65 -12.05 -0.33
N LEU B 152 -13.02 -11.20 0.49
CA LEU B 152 -12.74 -11.58 1.87
C LEU B 152 -14.04 -11.85 2.62
N THR B 153 -15.05 -11.00 2.43
CA THR B 153 -16.36 -11.32 2.97
C THR B 153 -16.73 -12.75 2.61
N THR B 154 -16.89 -12.99 1.31
CA THR B 154 -17.42 -14.27 0.84
C THR B 154 -16.71 -15.45 1.48
N GLY B 155 -15.37 -15.42 1.52
CA GLY B 155 -14.68 -16.56 2.08
C GLY B 155 -14.46 -16.54 3.59
N PHE B 156 -13.71 -15.55 4.06
CA PHE B 156 -13.30 -15.53 5.45
C PHE B 156 -14.44 -15.13 6.37
N GLY B 157 -15.32 -14.22 5.95
CA GLY B 157 -16.45 -13.89 6.79
C GLY B 157 -17.37 -15.08 7.01
N ILE B 158 -17.53 -15.91 5.97
CA ILE B 158 -18.28 -17.15 6.13
C ILE B 158 -17.57 -18.09 7.09
N LEU B 159 -16.24 -18.22 6.95
CA LEU B 159 -15.50 -19.04 7.89
C LEU B 159 -15.73 -18.58 9.32
N THR B 160 -15.63 -17.27 9.55
CA THR B 160 -15.79 -16.74 10.92
C THR B 160 -17.22 -16.90 11.41
N LEU B 161 -18.21 -16.78 10.53
CA LEU B 161 -19.58 -17.02 10.94
C LEU B 161 -19.77 -18.45 11.41
N VAL B 162 -19.15 -19.40 10.70
CA VAL B 162 -19.25 -20.86 11.03
C VAL B 162 -18.43 -21.13 12.30
N ASP B 163 -17.40 -20.33 12.58
CA ASP B 163 -16.52 -20.53 13.78
C ASP B 163 -17.21 -19.93 15.01
N SER B 164 -17.91 -18.80 14.85
CA SER B 164 -18.59 -18.12 15.95
C SER B 164 -19.99 -18.66 16.21
N THR B 165 -20.57 -19.43 15.29
CA THR B 165 -21.92 -19.94 15.47
C THR B 165 -22.00 -21.44 15.73
N MET B 166 -20.98 -22.21 15.32
CA MET B 166 -21.02 -23.67 15.37
C MET B 166 -19.90 -24.25 16.22
N PHE B 167 -18.67 -23.78 16.05
CA PHE B 167 -17.56 -24.22 16.90
C PHE B 167 -17.75 -23.76 18.33
N MET B 168 -18.17 -22.51 18.53
CA MET B 168 -18.37 -22.00 19.88
C MET B 168 -19.45 -22.79 20.61
N MET B 169 -20.63 -22.92 20.00
CA MET B 169 -21.73 -23.60 20.66
C MET B 169 -21.44 -25.09 20.80
N THR B 170 -20.79 -25.70 19.80
CA THR B 170 -20.41 -27.10 19.92
C THR B 170 -19.49 -27.31 21.12
N ILE B 171 -18.46 -26.48 21.25
CA ILE B 171 -17.55 -26.64 22.38
C ILE B 171 -18.28 -26.40 23.69
N PHE B 172 -19.11 -25.35 23.72
CA PHE B 172 -19.83 -25.02 24.95
C PHE B 172 -20.66 -26.21 25.42
N LEU B 173 -21.47 -26.78 24.53
CA LEU B 173 -22.36 -27.86 24.94
C LEU B 173 -21.60 -29.16 25.16
N THR B 174 -20.50 -29.39 24.43
CA THR B 174 -19.69 -30.57 24.71
C THR B 174 -19.07 -30.50 26.11
N MET B 175 -18.55 -29.34 26.49
CA MET B 175 -18.04 -29.18 27.85
C MET B 175 -19.16 -29.31 28.87
N GLY B 176 -20.33 -28.76 28.56
CA GLY B 176 -21.43 -28.84 29.50
C GLY B 176 -21.90 -30.27 29.74
N PHE B 177 -21.99 -31.06 28.68
CA PHE B 177 -22.54 -32.41 28.82
C PHE B 177 -21.48 -33.41 29.23
N LEU B 178 -20.36 -33.44 28.52
CA LEU B 178 -19.35 -34.48 28.73
C LEU B 178 -18.37 -34.15 29.84
N ILE B 179 -18.39 -32.94 30.39
CA ILE B 179 -17.48 -32.58 31.48
C ILE B 179 -18.25 -32.16 32.72
N SER B 180 -18.90 -31.00 32.66
CA SER B 180 -19.71 -30.51 33.77
C SER B 180 -20.39 -29.23 33.35
N TRP B 181 -21.47 -28.89 34.06
CA TRP B 181 -22.24 -27.71 33.75
C TRP B 181 -22.02 -26.57 34.74
N LYS B 182 -21.25 -26.79 35.79
CA LYS B 182 -20.82 -25.71 36.68
C LYS B 182 -19.40 -25.26 36.41
N LEU B 183 -18.50 -26.21 36.13
CA LEU B 183 -17.15 -25.85 35.72
C LEU B 183 -17.17 -25.05 34.43
N THR B 184 -18.01 -25.44 33.47
CA THR B 184 -18.08 -24.72 32.20
C THR B 184 -18.64 -23.31 32.40
N PHE B 185 -19.69 -23.17 33.21
CA PHE B 185 -20.23 -21.83 33.46
C PHE B 185 -19.22 -20.95 34.18
N ALA B 186 -18.49 -21.51 35.15
CA ALA B 186 -17.54 -20.70 35.91
C ALA B 186 -16.31 -20.33 35.08
N ALA B 187 -15.76 -21.29 34.35
CA ALA B 187 -14.52 -21.11 33.61
C ALA B 187 -14.72 -20.43 32.27
N ILE B 188 -15.88 -19.79 32.04
CA ILE B 188 -16.18 -19.15 30.78
C ILE B 188 -16.51 -17.67 30.94
N ILE B 189 -16.75 -17.20 32.16
CA ILE B 189 -17.11 -15.80 32.36
C ILE B 189 -16.10 -14.84 31.74
N PRO B 190 -14.78 -15.02 31.93
CA PRO B 190 -13.83 -14.03 31.40
C PRO B 190 -13.82 -13.92 29.88
N LEU B 191 -14.27 -14.94 29.14
CA LEU B 191 -14.15 -14.89 27.69
C LEU B 191 -15.04 -13.80 27.08
N PRO B 192 -16.32 -13.66 27.44
CA PRO B 192 -17.09 -12.53 26.91
C PRO B 192 -16.46 -11.18 27.21
N VAL B 193 -15.92 -11.01 28.42
CA VAL B 193 -15.27 -9.75 28.77
C VAL B 193 -14.07 -9.52 27.88
N MET B 194 -13.32 -10.59 27.60
CA MET B 194 -12.17 -10.48 26.71
C MET B 194 -12.60 -10.05 25.32
N ALA B 195 -13.70 -10.62 24.82
CA ALA B 195 -14.18 -10.24 23.49
C ALA B 195 -14.58 -8.76 23.46
N ILE B 196 -15.31 -8.31 24.48
CA ILE B 196 -15.73 -6.92 24.52
C ILE B 196 -14.51 -6.00 24.56
N ALA B 197 -13.54 -6.32 25.40
CA ALA B 197 -12.35 -5.49 25.51
C ALA B 197 -11.58 -5.48 24.20
N ILE B 198 -11.51 -6.62 23.51
CA ILE B 198 -10.81 -6.68 22.24
C ILE B 198 -11.49 -5.79 21.21
N SER B 199 -12.82 -5.80 21.17
CA SER B 199 -13.52 -4.92 20.24
C SER B 199 -13.23 -3.45 20.55
N LEU B 200 -13.30 -3.08 21.83
CA LEU B 200 -13.07 -1.68 22.19
C LEU B 200 -11.65 -1.26 21.84
N TYR B 201 -10.66 -2.10 22.15
CA TYR B 201 -9.28 -1.77 21.84
C TYR B 201 -9.07 -1.68 20.33
N GLY B 202 -9.73 -2.54 19.56
CA GLY B 202 -9.61 -2.45 18.12
C GLY B 202 -10.12 -1.11 17.59
N SER B 203 -11.29 -0.68 18.06
CA SER B 203 -11.82 0.61 17.62
C SER B 203 -10.87 1.75 18.00
N LYS B 204 -10.46 1.78 19.26
CA LYS B 204 -9.67 2.91 19.75
C LYS B 204 -8.25 2.90 19.21
N ILE B 205 -7.73 1.76 18.79
CA ILE B 205 -6.42 1.74 18.15
C ILE B 205 -6.55 2.12 16.68
N HIS B 206 -7.66 1.74 16.03
CA HIS B 206 -7.82 2.14 14.63
C HIS B 206 -7.95 3.65 14.50
N GLU B 207 -8.63 4.29 15.45
CA GLU B 207 -8.73 5.74 15.40
C GLU B 207 -7.35 6.40 15.43
N ARG B 208 -6.53 6.03 16.42
CA ARG B 208 -5.19 6.60 16.52
C ARG B 208 -4.33 6.20 15.33
N PHE B 209 -4.56 5.03 14.76
CA PHE B 209 -3.82 4.63 13.57
C PHE B 209 -4.16 5.54 12.40
N THR B 210 -5.43 5.91 12.25
CA THR B 210 -5.79 6.88 11.22
C THR B 210 -5.08 8.20 11.46
N GLU B 211 -5.04 8.66 12.72
CA GLU B 211 -4.35 9.91 13.01
C GLU B 211 -2.87 9.83 12.66
N ALA B 212 -2.22 8.72 13.02
CA ALA B 212 -0.80 8.56 12.74
C ALA B 212 -0.53 8.46 11.25
N GLN B 213 -1.43 7.83 10.50
CA GLN B 213 -1.26 7.76 9.05
C GLN B 213 -1.45 9.12 8.40
N ASN B 214 -2.36 9.93 8.96
CA ASN B 214 -2.50 11.31 8.50
C ASN B 214 -1.19 12.08 8.73
N ALA B 215 -0.60 11.91 9.91
CA ALA B 215 0.67 12.57 10.18
C ALA B 215 1.76 12.11 9.22
N PHE B 216 1.83 10.81 8.95
CA PHE B 216 2.83 10.31 8.02
C PHE B 216 2.59 10.82 6.61
N GLY B 217 1.32 10.98 6.22
CA GLY B 217 1.03 11.57 4.93
C GLY B 217 1.51 13.02 4.85
N ALA B 218 1.34 13.76 5.94
CA ALA B 218 1.88 15.12 5.98
C ALA B 218 3.40 15.10 5.83
N LEU B 219 4.07 14.15 6.50
CA LEU B 219 5.51 14.01 6.33
C LEU B 219 5.87 13.72 4.87
N ASN B 220 5.12 12.83 4.23
CA ASN B 220 5.40 12.50 2.83
C ASN B 220 5.24 13.74 1.95
N ASP B 221 4.18 14.50 2.17
CA ASP B 221 3.95 15.70 1.37
C ASP B 221 5.10 16.69 1.56
N ARG B 222 5.52 16.91 2.80
CA ARG B 222 6.60 17.86 3.04
C ARG B 222 7.90 17.39 2.42
N VAL B 223 8.20 16.10 2.52
CA VAL B 223 9.44 15.59 1.93
C VAL B 223 9.41 15.75 0.42
N LEU B 224 8.28 15.44 -0.21
CA LEU B 224 8.19 15.63 -1.66
C LEU B 224 8.34 17.09 -2.03
N GLU B 225 7.74 17.98 -1.25
CA GLU B 225 7.81 19.40 -1.55
C GLU B 225 9.23 19.95 -1.38
N SER B 226 9.99 19.41 -0.43
CA SER B 226 11.35 19.85 -0.18
C SER B 226 12.39 19.07 -0.97
N VAL B 227 11.98 18.06 -1.73
CA VAL B 227 12.88 17.38 -2.65
C VAL B 227 12.60 17.71 -4.10
N SER B 228 11.41 18.26 -4.41
CA SER B 228 11.14 18.71 -5.78
C SER B 228 11.70 20.11 -5.98
N GLY B 229 11.23 21.07 -5.19
CA GLY B 229 11.75 22.42 -5.25
C GLY B 229 13.04 22.56 -4.47
N VAL B 230 14.00 21.69 -4.74
CA VAL B 230 15.27 21.76 -4.03
C VAL B 230 16.09 22.92 -4.53
N ARG B 231 15.90 23.34 -5.78
CA ARG B 231 16.70 24.42 -6.34
C ARG B 231 16.49 25.70 -5.56
N VAL B 232 15.23 26.05 -5.29
CA VAL B 232 14.94 27.25 -4.51
C VAL B 232 15.47 27.11 -3.09
N ILE B 233 15.24 25.94 -2.48
CA ILE B 233 15.66 25.72 -1.10
C ILE B 233 17.15 25.95 -0.96
N ARG B 234 17.94 25.40 -1.88
CA ARG B 234 19.38 25.50 -1.81
C ARG B 234 19.92 26.81 -2.37
N ALA B 235 19.12 27.55 -3.14
CA ALA B 235 19.54 28.83 -3.67
C ALA B 235 19.15 30.00 -2.77
N TYR B 236 18.35 29.76 -1.74
CA TYR B 236 18.14 30.72 -0.67
C TYR B 236 18.73 30.25 0.65
N VAL B 237 19.67 29.30 0.59
CA VAL B 237 20.34 28.73 1.76
C VAL B 237 19.36 28.48 2.88
N GLN B 238 18.24 27.82 2.57
CA GLN B 238 17.25 27.44 3.57
C GLN B 238 17.27 25.94 3.85
N GLU B 239 18.39 25.29 3.62
CA GLU B 239 18.48 23.85 3.82
C GLU B 239 18.78 23.47 5.25
N THR B 240 18.53 24.37 6.21
CA THR B 240 18.58 24.05 7.64
C THR B 240 17.24 24.25 8.32
N ASN B 241 16.51 25.32 7.99
CA ASN B 241 15.15 25.43 8.46
C ASN B 241 14.29 24.32 7.90
N ASP B 242 14.62 23.82 6.71
CA ASP B 242 13.94 22.64 6.19
C ASP B 242 14.20 21.43 7.06
N VAL B 243 15.45 21.24 7.49
CA VAL B 243 15.76 20.14 8.41
C VAL B 243 15.00 20.32 9.71
N ARG B 244 14.88 21.57 10.18
CA ARG B 244 14.14 21.84 11.42
C ARG B 244 12.67 21.45 11.27
N ARG B 245 12.05 21.85 10.16
CA ARG B 245 10.65 21.48 9.95
C ARG B 245 10.48 19.97 9.84
N PHE B 246 11.40 19.31 9.12
CA PHE B 246 11.31 17.86 9.00
C PHE B 246 11.46 17.20 10.35
N ASN B 247 12.35 17.71 11.19
CA ASN B 247 12.51 17.15 12.52
C ASN B 247 11.25 17.33 13.35
N GLU B 248 10.62 18.50 13.24
CA GLU B 248 9.37 18.71 13.97
C GLU B 248 8.31 17.72 13.53
N MET B 249 8.17 17.50 12.23
CA MET B 249 7.12 16.62 11.74
C MET B 249 7.44 15.15 11.99
N THR B 250 8.72 14.78 11.97
CA THR B 250 9.10 13.42 12.39
C THR B 250 8.80 13.22 13.87
N ALA B 251 9.05 14.23 14.69
CA ALA B 251 8.70 14.13 16.10
C ALA B 251 7.19 13.95 16.27
N ASP B 252 6.40 14.69 15.49
CA ASP B 252 4.95 14.52 15.57
C ASP B 252 4.52 13.12 15.16
N VAL B 253 5.11 12.60 14.08
CA VAL B 253 4.80 11.23 13.67
C VAL B 253 5.15 10.25 14.78
N TYR B 254 6.31 10.44 15.41
CA TYR B 254 6.70 9.55 16.51
C TYR B 254 5.72 9.64 17.66
N GLN B 255 5.27 10.85 17.98
CA GLN B 255 4.32 11.01 19.08
C GLN B 255 3.00 10.31 18.77
N LYS B 256 2.52 10.43 17.54
CA LYS B 256 1.30 9.74 17.16
C LYS B 256 1.49 8.22 17.23
N ASN B 257 2.68 7.79 16.84
CA ASN B 257 2.99 6.35 16.83
C ASN B 257 3.04 5.88 18.29
N MET B 258 3.50 6.67 19.27
CA MET B 258 3.44 6.34 20.69
C MET B 258 2.01 6.30 21.20
N LYS B 259 1.17 7.24 20.75
CA LYS B 259 -0.22 7.23 21.17
C LYS B 259 -0.92 5.97 20.68
N VAL B 260 -0.59 5.51 19.47
CA VAL B 260 -1.14 4.24 18.99
C VAL B 260 -0.63 3.09 19.84
N ALA B 261 0.67 3.08 20.13
CA ALA B 261 1.26 1.99 20.90
C ALA B 261 0.64 1.88 22.28
N PHE B 262 0.28 3.01 22.88
CA PHE B 262 -0.31 2.99 24.21
C PHE B 262 -1.56 2.13 24.27
N ILE B 263 -2.27 1.97 23.16
CA ILE B 263 -3.49 1.18 23.11
C ILE B 263 -3.21 -0.17 22.47
N ASP B 264 -2.20 -0.22 21.60
CA ASP B 264 -1.82 -1.49 20.98
C ASP B 264 -1.29 -2.47 22.01
N SER B 265 -0.52 -1.98 22.99
CA SER B 265 0.09 -2.85 23.98
C SER B 265 -0.91 -3.43 24.96
N LEU B 266 -2.20 -3.09 24.85
CA LEU B 266 -3.22 -3.61 25.75
C LEU B 266 -3.87 -4.89 25.26
N PHE B 267 -3.57 -5.33 24.03
CA PHE B 267 -4.23 -6.52 23.49
C PHE B 267 -3.69 -7.79 24.13
N GLU B 268 -2.37 -7.87 24.33
CA GLU B 268 -1.77 -9.08 24.86
C GLU B 268 -2.01 -9.19 26.37
N PRO B 269 -1.79 -8.13 27.14
CA PRO B 269 -2.08 -8.23 28.58
C PRO B 269 -3.52 -8.63 28.87
N THR B 270 -4.49 -8.08 28.14
CA THR B 270 -5.88 -8.38 28.43
C THR B 270 -6.24 -9.83 28.12
N VAL B 271 -5.85 -10.31 26.94
CA VAL B 271 -6.16 -11.69 26.58
C VAL B 271 -5.42 -12.65 27.50
N LYS B 272 -4.16 -12.35 27.81
CA LYS B 272 -3.40 -13.21 28.71
C LYS B 272 -4.08 -13.27 30.08
N LEU B 273 -4.51 -12.12 30.61
CA LEU B 273 -5.15 -12.11 31.91
C LEU B 273 -6.47 -12.88 31.89
N LEU B 274 -7.31 -12.62 30.89
CA LEU B 274 -8.64 -13.21 30.87
C LEU B 274 -8.66 -14.63 30.34
N VAL B 275 -7.53 -15.15 29.87
CA VAL B 275 -7.38 -16.57 29.60
C VAL B 275 -6.73 -17.30 30.75
N GLY B 276 -5.77 -16.66 31.43
CA GLY B 276 -5.23 -17.23 32.65
C GLY B 276 -6.26 -17.33 33.75
N ALA B 277 -7.15 -16.33 33.84
CA ALA B 277 -8.26 -16.43 34.78
C ALA B 277 -9.17 -17.58 34.44
N SER B 278 -9.45 -17.80 33.15
CA SER B 278 -10.29 -18.91 32.74
C SER B 278 -9.64 -20.25 33.08
N TYR B 279 -8.37 -20.41 32.73
CA TYR B 279 -7.67 -21.65 33.06
C TYR B 279 -7.62 -21.86 34.56
N LEU B 280 -7.35 -20.80 35.32
CA LEU B 280 -7.26 -20.92 36.77
C LEU B 280 -8.60 -21.31 37.36
N ILE B 281 -9.70 -20.72 36.89
CA ILE B 281 -11.00 -21.09 37.39
C ILE B 281 -11.31 -22.55 37.05
N GLY B 282 -11.03 -22.95 35.81
CA GLY B 282 -11.26 -24.34 35.44
C GLY B 282 -10.49 -25.29 36.33
N LEU B 283 -9.20 -25.03 36.53
CA LEU B 283 -8.37 -25.94 37.30
C LEU B 283 -8.76 -25.94 38.78
N GLY B 284 -8.91 -24.76 39.38
CA GLY B 284 -9.25 -24.70 40.79
C GLY B 284 -10.61 -25.27 41.09
N TYR B 285 -11.61 -24.90 40.30
CA TYR B 285 -12.96 -25.38 40.55
C TYR B 285 -13.19 -26.78 40.02
N GLY B 286 -12.22 -27.36 39.30
CA GLY B 286 -12.25 -28.79 39.04
C GLY B 286 -11.61 -29.53 40.20
N ALA B 287 -10.62 -28.89 40.83
CA ALA B 287 -10.03 -29.45 42.03
C ALA B 287 -11.06 -29.52 43.15
N PHE B 288 -11.83 -28.45 43.34
CA PHE B 288 -12.87 -28.46 44.36
C PHE B 288 -14.04 -29.35 43.99
N LEU B 289 -14.08 -29.86 42.76
CA LEU B 289 -15.09 -30.83 42.34
C LEU B 289 -14.56 -32.26 42.33
N VAL B 290 -13.30 -32.47 41.95
CA VAL B 290 -12.71 -33.78 42.12
C VAL B 290 -12.73 -34.17 43.59
N PHE B 291 -12.61 -33.19 44.48
CA PHE B 291 -12.76 -33.46 45.91
C PHE B 291 -14.18 -33.95 46.21
N ARG B 292 -15.18 -33.31 45.62
CA ARG B 292 -16.57 -33.72 45.83
C ARG B 292 -16.98 -34.87 44.93
N ASN B 293 -16.10 -35.34 44.05
CA ASN B 293 -16.36 -36.49 43.20
C ASN B 293 -17.43 -36.18 42.15
N GLU B 294 -17.35 -34.99 41.56
CA GLU B 294 -18.20 -34.61 40.44
C GLU B 294 -17.40 -34.44 39.16
N LEU B 295 -16.19 -34.99 39.10
CA LEU B 295 -15.35 -34.92 37.91
C LEU B 295 -14.31 -36.04 38.02
N THR B 296 -13.34 -36.01 37.11
CA THR B 296 -12.21 -36.91 37.14
C THR B 296 -11.03 -36.19 36.51
N LEU B 297 -9.83 -36.69 36.77
CA LEU B 297 -8.63 -36.03 36.23
C LEU B 297 -8.70 -35.95 34.72
N GLY B 298 -9.10 -37.03 34.06
CA GLY B 298 -9.24 -36.99 32.62
C GLY B 298 -10.20 -35.91 32.16
N GLU B 299 -11.30 -35.73 32.90
CA GLU B 299 -12.33 -34.70 32.59
C GLU B 299 -11.78 -33.31 32.93
N LEU B 300 -10.81 -33.23 33.85
CA LEU B 300 -10.15 -31.95 34.24
C LEU B 300 -9.11 -31.58 33.18
N VAL B 301 -8.55 -32.58 32.49
CA VAL B 301 -7.52 -32.37 31.43
C VAL B 301 -8.24 -32.01 30.13
N SER B 302 -9.34 -32.69 29.80
CA SER B 302 -10.13 -32.44 28.60
C SER B 302 -10.78 -31.06 28.65
N PHE B 303 -11.21 -30.63 29.84
CA PHE B 303 -11.77 -29.29 29.98
C PHE B 303 -10.72 -28.23 29.68
N ASN B 304 -9.51 -28.43 30.19
CA ASN B 304 -8.42 -27.50 29.87
C ASN B 304 -8.22 -27.40 28.37
N VAL B 305 -8.17 -28.54 27.69
CA VAL B 305 -7.95 -28.53 26.25
C VAL B 305 -9.11 -27.86 25.53
N TYR B 306 -10.33 -28.10 25.99
CA TYR B 306 -11.49 -27.50 25.34
C TYR B 306 -11.48 -25.98 25.47
N LEU B 307 -11.13 -25.46 26.65
CA LEU B 307 -10.97 -24.02 26.79
C LEU B 307 -9.88 -23.49 25.87
N GLY B 308 -8.77 -24.22 25.80
CA GLY B 308 -7.69 -23.79 24.92
C GLY B 308 -8.14 -23.65 23.48
N MET B 309 -8.98 -24.58 23.02
CA MET B 309 -9.48 -24.47 21.66
C MET B 309 -10.68 -23.52 21.54
N MET B 310 -11.32 -23.16 22.65
CA MET B 310 -12.42 -22.20 22.62
C MET B 310 -11.97 -20.75 22.62
N ILE B 311 -10.70 -20.47 22.93
CA ILE B 311 -10.21 -19.07 23.06
C ILE B 311 -10.26 -18.36 21.70
N TRP B 312 -10.52 -19.07 20.60
CA TRP B 312 -10.47 -18.48 19.24
C TRP B 312 -11.83 -17.92 18.78
N PRO B 313 -13.00 -18.60 18.88
CA PRO B 313 -14.29 -17.99 18.53
C PRO B 313 -14.50 -16.61 19.11
N MET B 314 -13.84 -16.29 20.22
CA MET B 314 -13.93 -14.93 20.77
C MET B 314 -13.37 -13.91 19.78
N PHE B 315 -12.23 -14.21 19.15
CA PHE B 315 -11.72 -13.33 18.11
C PHE B 315 -12.54 -13.44 16.84
N ALA B 316 -13.08 -14.63 16.56
CA ALA B 316 -13.87 -14.80 15.35
C ALA B 316 -15.09 -13.89 15.35
N ILE B 317 -15.71 -13.70 16.52
CA ILE B 317 -16.88 -12.84 16.60
C ILE B 317 -16.54 -11.44 16.10
N GLY B 318 -15.46 -10.86 16.62
CA GLY B 318 -15.08 -9.51 16.22
C GLY B 318 -14.68 -9.44 14.76
N GLU B 319 -13.89 -10.41 14.31
CA GLU B 319 -13.49 -10.39 12.90
C GLU B 319 -14.70 -10.47 11.99
N LEU B 320 -15.71 -11.25 12.38
CA LEU B 320 -16.93 -11.35 11.58
C LEU B 320 -17.66 -10.01 11.57
N ILE B 321 -17.90 -9.42 12.74
CA ILE B 321 -18.65 -8.18 12.80
C ILE B 321 -17.92 -7.07 12.07
N ASN B 322 -16.61 -7.18 11.92
CA ASN B 322 -15.86 -6.17 11.16
C ASN B 322 -15.96 -6.43 9.66
N VAL B 323 -15.67 -7.65 9.22
CA VAL B 323 -15.61 -7.94 7.80
C VAL B 323 -16.99 -7.79 7.16
N MET B 324 -18.05 -8.17 7.86
CA MET B 324 -19.38 -8.00 7.29
C MET B 324 -19.67 -6.56 6.93
N GLN B 325 -19.40 -5.62 7.85
CA GLN B 325 -19.70 -4.22 7.56
C GLN B 325 -18.75 -3.65 6.52
N ARG B 326 -17.46 -3.98 6.60
CA ARG B 326 -16.53 -3.48 5.59
C ARG B 326 -16.91 -3.97 4.21
N GLY B 327 -17.25 -5.26 4.09
CA GLY B 327 -17.70 -5.80 2.82
C GLY B 327 -19.00 -5.21 2.36
N ASN B 328 -19.91 -4.89 3.29
CA ASN B 328 -21.14 -4.23 2.90
C ASN B 328 -20.85 -2.91 2.22
N ALA B 329 -19.99 -2.10 2.84
CA ALA B 329 -19.64 -0.81 2.24
C ALA B 329 -18.98 -1.00 0.88
N SER B 330 -18.01 -1.91 0.81
CA SER B 330 -17.27 -2.08 -0.45
C SER B 330 -18.16 -2.61 -1.56
N LEU B 331 -19.02 -3.58 -1.25
CA LEU B 331 -19.94 -4.10 -2.25
C LEU B 331 -20.95 -3.04 -2.67
N ASP B 332 -21.35 -2.18 -1.73
CA ASP B 332 -22.32 -1.09 -2.00
C ASP B 332 -21.67 -0.13 -3.01
N ARG B 333 -20.37 0.16 -2.86
CA ARG B 333 -19.64 1.01 -3.80
C ARG B 333 -19.46 0.32 -5.15
N VAL B 334 -19.14 -0.98 -5.13
CA VAL B 334 -18.95 -1.70 -6.38
C VAL B 334 -20.24 -1.72 -7.18
N ASN B 335 -21.38 -1.93 -6.51
CA ASN B 335 -22.66 -1.90 -7.21
C ASN B 335 -22.97 -0.51 -7.73
N GLU B 336 -22.61 0.53 -6.97
CA GLU B 336 -22.85 1.90 -7.43
C GLU B 336 -22.06 2.20 -8.70
N THR B 337 -20.82 1.73 -8.79
CA THR B 337 -20.06 1.94 -10.02
C THR B 337 -20.57 1.04 -11.15
N LEU B 338 -21.01 -0.17 -10.83
CA LEU B 338 -21.40 -1.12 -11.86
C LEU B 338 -22.83 -0.86 -12.36
N SER B 339 -23.83 -1.04 -11.50
CA SER B 339 -25.26 -0.96 -11.89
C SER B 339 -25.82 0.46 -11.88
N TYR B 340 -25.58 1.25 -10.82
CA TYR B 340 -26.21 2.61 -10.72
C TYR B 340 -25.91 3.40 -12.01
N GLU B 341 -24.77 3.16 -12.67
CA GLU B 341 -24.38 3.93 -13.88
C GLU B 341 -24.90 3.23 -15.14
N THR B 342 -25.72 3.90 -15.96
CA THR B 342 -26.18 3.37 -17.24
C THR B 342 -25.37 4.00 -18.37
N ASP B 343 -25.21 3.25 -19.46
CA ASP B 343 -24.52 3.79 -20.61
C ASP B 343 -25.22 5.06 -21.10
N VAL B 344 -24.43 6.09 -21.41
CA VAL B 344 -25.00 7.39 -21.75
C VAL B 344 -25.66 7.34 -23.12
N THR B 345 -25.01 6.70 -24.09
CA THR B 345 -25.51 6.60 -25.46
C THR B 345 -25.79 5.15 -25.79
N ASP B 346 -26.96 4.89 -26.36
CA ASP B 346 -27.36 3.53 -26.71
C ASP B 346 -27.92 3.50 -28.14
N PRO B 347 -27.76 2.38 -28.84
CA PRO B 347 -28.32 2.29 -30.20
C PRO B 347 -29.77 1.83 -30.21
N LYS B 348 -30.34 1.69 -31.40
CA LYS B 348 -31.72 1.27 -31.56
C LYS B 348 -31.84 0.51 -32.88
N GLN B 349 -33.06 0.37 -33.38
CA GLN B 349 -33.31 -0.31 -34.66
C GLN B 349 -32.34 0.22 -35.71
N PRO B 350 -31.36 -0.59 -36.15
CA PRO B 350 -30.31 -0.06 -37.04
C PRO B 350 -30.80 0.02 -38.48
N ALA B 351 -30.89 1.24 -39.01
CA ALA B 351 -31.20 1.42 -40.42
C ALA B 351 -30.09 0.81 -41.26
N ASP B 352 -30.48 0.23 -42.40
CA ASP B 352 -29.53 -0.50 -43.25
C ASP B 352 -28.84 0.49 -44.19
N LEU B 353 -27.84 1.19 -43.64
CA LEU B 353 -26.98 2.08 -44.42
C LEU B 353 -25.58 1.50 -44.42
N LYS B 354 -25.03 1.29 -45.61
CA LYS B 354 -23.75 0.61 -45.75
C LYS B 354 -22.56 1.56 -45.65
N GLU B 355 -22.77 2.85 -45.90
CA GLU B 355 -21.70 3.83 -45.86
C GLU B 355 -22.32 5.20 -45.67
N PRO B 356 -21.56 6.19 -45.20
CA PRO B 356 -22.10 7.52 -45.03
C PRO B 356 -22.14 8.29 -46.35
N GLY B 357 -23.12 9.16 -46.46
CA GLY B 357 -23.29 9.95 -47.66
C GLY B 357 -22.79 11.36 -47.50
N ASP B 358 -23.70 12.30 -47.29
CA ASP B 358 -23.37 13.71 -47.17
C ASP B 358 -23.77 14.16 -45.76
N ILE B 359 -22.79 14.18 -44.85
CA ILE B 359 -23.06 14.57 -43.48
C ILE B 359 -23.67 15.96 -43.47
N VAL B 360 -24.78 16.12 -42.76
CA VAL B 360 -25.48 17.40 -42.69
C VAL B 360 -25.91 17.66 -41.25
N PHE B 361 -25.72 18.89 -40.81
CA PHE B 361 -26.23 19.37 -39.53
C PHE B 361 -27.33 20.38 -39.82
N SER B 362 -28.52 20.15 -39.27
CA SER B 362 -29.65 21.03 -39.53
C SER B 362 -29.72 22.15 -38.49
N HIS B 363 -29.92 21.79 -37.22
CA HIS B 363 -29.85 22.74 -36.11
C HIS B 363 -29.34 21.96 -34.91
N VAL B 364 -28.02 21.97 -34.72
CA VAL B 364 -27.38 21.17 -33.68
C VAL B 364 -27.10 22.10 -32.51
N SER B 365 -28.03 22.17 -31.57
CA SER B 365 -27.90 22.97 -30.36
C SER B 365 -27.55 22.03 -29.22
N PHE B 366 -26.26 21.75 -29.06
CA PHE B 366 -25.78 20.85 -28.03
C PHE B 366 -25.50 21.64 -26.76
N THR B 367 -26.11 21.23 -25.65
CA THR B 367 -25.87 21.83 -24.34
C THR B 367 -24.92 20.91 -23.59
N TYR B 368 -23.66 21.33 -23.52
CA TYR B 368 -22.60 20.51 -22.94
C TYR B 368 -22.95 20.13 -21.51
N PRO B 369 -22.84 18.85 -21.13
CA PRO B 369 -23.14 18.48 -19.75
C PRO B 369 -22.18 19.16 -18.78
N SER B 370 -22.69 19.53 -17.60
CA SER B 370 -21.89 20.23 -16.56
C SER B 370 -21.57 21.64 -17.05
N SER B 371 -22.38 22.21 -17.96
CA SER B 371 -22.18 23.58 -18.44
C SER B 371 -23.53 24.21 -18.69
N THR B 372 -23.84 25.28 -17.94
CA THR B 372 -25.13 25.93 -18.08
C THR B 372 -25.30 26.55 -19.46
N SER B 373 -24.26 27.20 -19.96
CA SER B 373 -24.34 27.85 -21.26
C SER B 373 -24.55 26.82 -22.36
N ASP B 374 -25.18 27.27 -23.46
CA ASP B 374 -25.44 26.37 -24.57
C ASP B 374 -24.15 25.71 -25.05
N ASN B 375 -23.13 26.52 -25.30
CA ASN B 375 -21.82 26.02 -25.70
C ASN B 375 -21.82 25.53 -27.14
N LEU B 376 -23.00 25.47 -27.76
CA LEU B 376 -23.13 25.23 -29.19
C LEU B 376 -24.54 25.55 -29.65
N GLN B 377 -24.69 26.55 -30.51
CA GLN B 377 -26.00 26.90 -31.05
C GLN B 377 -26.21 26.17 -32.37
N ASP B 378 -27.34 26.43 -33.03
CA ASP B 378 -27.64 25.74 -34.28
C ASP B 378 -26.54 25.99 -35.29
N ILE B 379 -26.14 24.91 -35.97
CA ILE B 379 -25.10 24.96 -37.00
C ILE B 379 -25.69 24.32 -38.25
N SER B 380 -25.95 25.14 -39.27
CA SER B 380 -26.49 24.66 -40.54
C SER B 380 -25.35 24.54 -41.54
N PHE B 381 -24.54 23.50 -41.37
CA PHE B 381 -23.45 23.20 -42.28
C PHE B 381 -23.61 21.77 -42.79
N THR B 382 -23.43 21.60 -44.10
CA THR B 382 -23.57 20.32 -44.76
C THR B 382 -22.28 19.98 -45.49
N VAL B 383 -21.81 18.75 -45.31
CA VAL B 383 -20.60 18.25 -45.96
C VAL B 383 -21.01 17.19 -46.95
N ARG B 384 -20.79 17.45 -48.23
CA ARG B 384 -21.06 16.46 -49.26
C ARG B 384 -19.90 15.48 -49.38
N LYS B 385 -20.21 14.28 -49.86
CA LYS B 385 -19.19 13.24 -49.99
C LYS B 385 -17.96 13.78 -50.68
N GLY B 386 -16.83 13.73 -49.98
CA GLY B 386 -15.57 14.24 -50.50
C GLY B 386 -15.35 15.72 -50.33
N GLN B 387 -16.28 16.43 -49.70
CA GLN B 387 -16.15 17.87 -49.50
C GLN B 387 -15.29 18.09 -48.24
N THR B 388 -13.99 18.23 -48.46
CA THR B 388 -13.06 18.50 -47.36
C THR B 388 -13.45 19.78 -46.65
N VAL B 389 -13.89 19.67 -45.40
CA VAL B 389 -14.27 20.82 -44.60
C VAL B 389 -13.09 21.19 -43.71
N GLY B 390 -13.11 22.43 -43.20
CA GLY B 390 -12.09 22.89 -42.29
C GLY B 390 -12.62 23.94 -41.34
N ILE B 391 -12.35 23.80 -40.05
CA ILE B 391 -12.89 24.72 -39.06
C ILE B 391 -11.75 25.38 -38.30
N ALA B 392 -12.01 26.60 -37.83
CA ALA B 392 -11.01 27.39 -37.12
C ALA B 392 -11.73 28.48 -36.34
N GLY B 393 -10.95 29.21 -35.55
CA GLY B 393 -11.49 30.32 -34.79
C GLY B 393 -10.70 30.53 -33.52
N LYS B 394 -11.27 31.37 -32.65
CA LYS B 394 -10.63 31.67 -31.38
C LYS B 394 -10.62 30.44 -30.49
N THR B 395 -9.61 30.36 -29.62
CA THR B 395 -9.58 29.32 -28.62
C THR B 395 -10.82 29.41 -27.74
N GLY B 396 -11.41 28.26 -27.44
CA GLY B 396 -12.65 28.25 -26.68
C GLY B 396 -13.88 28.58 -27.49
N SER B 397 -13.79 28.53 -28.82
CA SER B 397 -14.91 28.83 -29.68
C SER B 397 -15.86 27.65 -29.86
N GLY B 398 -15.57 26.51 -29.25
CA GLY B 398 -16.39 25.33 -29.43
C GLY B 398 -16.30 24.72 -30.81
N LYS B 399 -15.10 24.69 -31.40
CA LYS B 399 -14.90 24.06 -32.70
C LYS B 399 -14.56 22.58 -32.60
N THR B 400 -14.33 22.06 -31.39
CA THR B 400 -14.15 20.63 -31.20
C THR B 400 -15.45 19.92 -30.84
N THR B 401 -16.45 20.65 -30.38
CA THR B 401 -17.75 20.04 -30.10
C THR B 401 -18.39 19.46 -31.35
N ILE B 402 -18.03 19.96 -32.54
CA ILE B 402 -18.58 19.41 -33.77
C ILE B 402 -18.25 17.92 -33.86
N ILE B 403 -16.97 17.58 -33.69
CA ILE B 403 -16.57 16.19 -33.82
C ILE B 403 -17.06 15.36 -32.64
N LYS B 404 -17.11 15.95 -31.44
CA LYS B 404 -17.66 15.21 -30.31
C LYS B 404 -19.14 14.93 -30.49
N GLN B 405 -19.83 15.72 -31.31
CA GLN B 405 -21.19 15.37 -31.73
C GLN B 405 -21.16 14.28 -32.78
N LEU B 406 -20.20 14.35 -33.71
CA LEU B 406 -20.08 13.34 -34.74
C LEU B 406 -19.58 12.00 -34.23
N LEU B 407 -19.15 11.92 -32.97
CA LEU B 407 -18.49 10.73 -32.45
C LEU B 407 -19.34 9.95 -31.44
N ARG B 408 -20.57 10.36 -31.20
CA ARG B 408 -21.49 9.66 -30.30
C ARG B 408 -21.00 9.62 -28.86
N GLN B 409 -19.99 10.40 -28.51
CA GLN B 409 -19.45 10.33 -27.16
C GLN B 409 -20.45 10.82 -26.12
N TYR B 410 -21.09 11.94 -26.38
CA TYR B 410 -22.00 12.60 -25.46
C TYR B 410 -23.44 12.40 -25.92
N PRO B 411 -24.41 12.73 -25.07
CA PRO B 411 -25.81 12.57 -25.47
C PRO B 411 -26.10 13.40 -26.70
N PRO B 412 -27.02 12.95 -27.56
CA PRO B 412 -27.30 13.69 -28.79
C PRO B 412 -27.76 15.12 -28.53
N GLY B 413 -28.44 15.37 -27.42
CA GLY B 413 -28.90 16.71 -27.14
C GLY B 413 -30.04 17.10 -28.07
N GLU B 414 -30.08 18.39 -28.41
CA GLU B 414 -31.12 18.94 -29.26
C GLU B 414 -30.57 19.18 -30.65
N GLY B 415 -31.30 18.70 -31.66
CA GLY B 415 -30.90 18.91 -33.04
C GLY B 415 -31.02 17.67 -33.90
N SER B 416 -30.19 17.58 -34.94
CA SER B 416 -30.22 16.45 -35.84
C SER B 416 -28.92 16.40 -36.62
N ILE B 417 -28.35 15.20 -36.74
CA ILE B 417 -27.17 14.94 -37.55
C ILE B 417 -27.51 13.73 -38.41
N THR B 418 -27.94 13.97 -39.63
CA THR B 418 -28.50 12.92 -40.48
C THR B 418 -27.46 12.49 -41.51
N PHE B 419 -27.16 11.19 -41.54
CA PHE B 419 -26.26 10.62 -42.54
C PHE B 419 -27.11 10.16 -43.72
N SER B 420 -27.46 11.11 -44.57
CA SER B 420 -28.27 10.85 -45.76
C SER B 420 -29.72 10.53 -45.39
N GLY B 421 -30.23 11.20 -44.35
CA GLY B 421 -31.60 11.06 -43.93
C GLY B 421 -31.82 10.19 -42.70
N VAL B 422 -30.81 9.43 -42.28
CA VAL B 422 -30.90 8.56 -41.13
C VAL B 422 -30.07 9.19 -40.01
N PRO B 423 -30.68 9.70 -38.94
CA PRO B 423 -29.89 10.30 -37.87
C PRO B 423 -28.90 9.32 -37.27
N ILE B 424 -27.75 9.84 -36.85
CA ILE B 424 -26.72 9.00 -36.25
C ILE B 424 -27.28 8.27 -35.04
N GLN B 425 -28.20 8.90 -34.32
CA GLN B 425 -28.81 8.26 -33.16
C GLN B 425 -29.54 6.97 -33.52
N GLN B 426 -29.68 6.66 -34.81
CA GLN B 426 -30.25 5.40 -35.27
C GLN B 426 -29.19 4.42 -35.76
N ILE B 427 -28.17 4.91 -36.44
CA ILE B 427 -27.13 4.00 -36.95
C ILE B 427 -26.46 3.30 -35.77
N PRO B 428 -26.19 2.01 -35.83
CA PRO B 428 -25.57 1.33 -34.68
C PRO B 428 -24.20 1.91 -34.37
N LEU B 429 -23.88 1.92 -33.07
CA LEU B 429 -22.63 2.54 -32.64
C LEU B 429 -21.43 1.91 -33.33
N ASP B 430 -21.47 0.59 -33.56
CA ASP B 430 -20.33 -0.08 -34.16
C ASP B 430 -20.06 0.44 -35.56
N ARG B 431 -21.10 0.58 -36.38
CA ARG B 431 -20.90 1.05 -37.75
C ARG B 431 -20.37 2.47 -37.77
N LEU B 432 -20.97 3.36 -36.96
CA LEU B 432 -20.51 4.74 -36.92
C LEU B 432 -19.06 4.81 -36.48
N ARG B 433 -18.70 4.05 -35.43
CA ARG B 433 -17.31 3.99 -35.01
C ARG B 433 -16.41 3.48 -36.13
N GLY B 434 -16.91 2.54 -36.93
CA GLY B 434 -16.13 2.06 -38.06
C GLY B 434 -15.90 3.13 -39.12
N TRP B 435 -16.87 4.01 -39.32
CA TRP B 435 -16.73 5.04 -40.35
C TRP B 435 -15.71 6.09 -39.94
N ILE B 436 -15.76 6.56 -38.69
CA ILE B 436 -14.98 7.72 -38.28
C ILE B 436 -13.55 7.29 -38.00
N GLY B 437 -12.59 7.95 -38.64
CA GLY B 437 -11.20 7.85 -38.25
C GLY B 437 -10.83 9.01 -37.36
N TYR B 438 -10.77 8.78 -36.06
CA TYR B 438 -10.65 9.85 -35.08
C TYR B 438 -9.19 10.06 -34.71
N VAL B 439 -8.75 11.32 -34.73
CA VAL B 439 -7.42 11.70 -34.29
C VAL B 439 -7.55 12.73 -33.18
N PRO B 440 -7.57 12.32 -31.92
CA PRO B 440 -7.74 13.31 -30.84
C PRO B 440 -6.62 14.32 -30.83
N GLN B 441 -6.96 15.57 -30.49
CA GLN B 441 -5.95 16.62 -30.45
C GLN B 441 -4.89 16.30 -29.39
N ASP B 442 -5.31 15.76 -28.26
CA ASP B 442 -4.38 15.41 -27.19
C ASP B 442 -3.80 14.03 -27.49
N HIS B 443 -2.49 13.97 -27.67
CA HIS B 443 -1.82 12.70 -27.90
C HIS B 443 -2.18 11.71 -26.81
N LEU B 444 -2.74 10.56 -27.20
CA LEU B 444 -3.29 9.59 -26.26
C LEU B 444 -2.79 8.19 -26.60
N LEU B 445 -1.50 8.07 -26.86
CA LEU B 445 -0.94 6.76 -27.17
C LEU B 445 -0.88 5.88 -25.93
N PHE B 446 -0.68 4.58 -26.17
CA PHE B 446 -0.63 3.58 -25.12
C PHE B 446 0.78 3.03 -24.98
N SER B 447 1.05 2.42 -23.82
CA SER B 447 2.38 1.89 -23.50
C SER B 447 2.55 0.51 -24.12
N ARG B 448 2.56 0.50 -25.44
CA ARG B 448 2.79 -0.71 -26.23
C ARG B 448 3.78 -0.37 -27.33
N THR B 449 4.15 -1.38 -28.12
CA THR B 449 5.08 -1.17 -29.21
C THR B 449 4.50 -0.17 -30.20
N VAL B 450 5.38 0.61 -30.82
CA VAL B 450 4.94 1.58 -31.82
C VAL B 450 4.15 0.89 -32.91
N LYS B 451 4.63 -0.25 -33.39
CA LYS B 451 3.88 -1.02 -34.37
C LYS B 451 2.50 -1.37 -33.84
N GLU B 452 2.43 -1.95 -32.64
CA GLU B 452 1.13 -2.28 -32.08
C GLU B 452 0.31 -1.04 -31.81
N ASN B 453 0.95 0.06 -31.41
CA ASN B 453 0.22 1.30 -31.21
C ASN B 453 -0.43 1.78 -32.49
N ILE B 454 0.17 1.48 -33.64
CA ILE B 454 -0.39 1.94 -34.92
C ILE B 454 -1.51 1.06 -35.42
N LEU B 455 -1.72 -0.11 -34.82
CA LEU B 455 -2.63 -1.12 -35.35
C LEU B 455 -4.01 -1.11 -34.69
N TYR B 456 -4.31 -0.12 -33.86
CA TYR B 456 -5.65 -0.05 -33.27
C TYR B 456 -6.71 0.12 -34.35
N GLY B 457 -6.43 0.97 -35.35
CA GLY B 457 -7.40 1.16 -36.41
C GLY B 457 -7.75 -0.13 -37.12
N LYS B 458 -6.74 -0.91 -37.47
CA LYS B 458 -6.92 -2.19 -38.16
C LYS B 458 -6.08 -3.25 -37.46
N GLN B 459 -6.74 -4.20 -36.80
CA GLN B 459 -6.04 -5.29 -36.12
C GLN B 459 -5.65 -6.41 -37.08
N ASP B 460 -6.15 -6.40 -38.31
CA ASP B 460 -5.87 -7.42 -39.30
C ASP B 460 -4.75 -7.02 -40.25
N ALA B 461 -4.02 -5.95 -39.95
CA ALA B 461 -2.97 -5.48 -40.83
C ALA B 461 -1.93 -6.57 -41.05
N THR B 462 -1.42 -6.65 -42.28
CA THR B 462 -0.47 -7.67 -42.68
C THR B 462 0.98 -7.21 -42.62
N ASP B 463 1.24 -6.05 -42.02
CA ASP B 463 2.57 -5.49 -41.80
C ASP B 463 3.14 -4.82 -43.04
N LYS B 464 2.42 -4.75 -44.15
CA LYS B 464 2.83 -3.97 -45.31
C LYS B 464 2.01 -2.71 -45.48
N GLU B 465 0.69 -2.79 -45.35
CA GLU B 465 -0.11 -1.58 -45.28
C GLU B 465 0.31 -0.70 -44.11
N VAL B 466 0.91 -1.28 -43.07
CA VAL B 466 1.46 -0.46 -42.00
C VAL B 466 2.56 0.45 -42.53
N GLN B 467 3.47 -0.11 -43.32
CA GLN B 467 4.53 0.71 -43.92
C GLN B 467 3.94 1.70 -44.91
N GLN B 468 2.91 1.28 -45.66
CA GLN B 468 2.27 2.19 -46.61
C GLN B 468 1.69 3.40 -45.88
N ALA B 469 0.98 3.16 -44.78
CA ALA B 469 0.40 4.26 -44.02
C ALA B 469 1.47 5.10 -43.34
N ILE B 470 2.55 4.47 -42.88
CA ILE B 470 3.66 5.22 -42.30
C ILE B 470 4.24 6.18 -43.35
N ALA B 471 4.40 5.69 -44.58
CA ALA B 471 4.85 6.57 -45.66
C ALA B 471 3.84 7.67 -45.92
N GLU B 472 2.55 7.33 -45.89
CA GLU B 472 1.52 8.34 -46.10
C GLU B 472 1.62 9.46 -45.07
N ALA B 473 1.91 9.11 -43.83
CA ALA B 473 2.09 10.09 -42.77
C ALA B 473 3.51 10.65 -42.71
N HIS B 474 4.39 10.22 -43.61
CA HIS B 474 5.79 10.66 -43.63
C HIS B 474 6.49 10.34 -42.32
N PHE B 475 6.11 9.23 -41.69
CA PHE B 475 6.75 8.78 -40.46
C PHE B 475 7.87 7.79 -40.70
N GLU B 476 8.10 7.37 -41.94
CA GLU B 476 9.15 6.39 -42.22
C GLU B 476 10.52 6.96 -41.88
N LYS B 477 10.79 8.21 -42.26
CA LYS B 477 12.10 8.80 -42.02
C LYS B 477 12.36 8.98 -40.53
N ASP B 478 11.42 9.59 -39.81
CA ASP B 478 11.61 9.81 -38.38
C ASP B 478 11.58 8.49 -37.61
N LEU B 479 10.86 7.49 -38.12
CA LEU B 479 10.86 6.19 -37.46
C LEU B 479 12.16 5.43 -37.71
N HIS B 480 12.85 5.74 -38.82
CA HIS B 480 14.07 5.01 -39.14
C HIS B 480 15.15 5.24 -38.09
N MET B 481 15.31 6.48 -37.63
CA MET B 481 16.36 6.77 -36.65
C MET B 481 16.12 6.04 -35.34
N LEU B 482 14.85 5.89 -34.95
CA LEU B 482 14.54 5.18 -33.72
C LEU B 482 15.04 3.74 -33.83
N PRO B 483 15.63 3.18 -32.77
CA PRO B 483 16.14 1.81 -32.86
C PRO B 483 15.03 0.83 -33.21
N SER B 484 15.35 -0.14 -34.06
CA SER B 484 14.38 -1.12 -34.52
C SER B 484 14.25 -2.29 -33.54
N GLY B 485 14.01 -1.97 -32.28
CA GLY B 485 13.75 -2.98 -31.28
C GLY B 485 12.26 -3.25 -31.14
N LEU B 486 11.68 -3.86 -32.17
CA LEU B 486 10.22 -4.01 -32.25
C LEU B 486 9.55 -2.64 -32.23
N GLU B 487 10.21 -1.66 -32.85
CA GLU B 487 9.73 -0.28 -32.90
C GLU B 487 9.61 0.32 -31.49
N THR B 488 10.40 -0.20 -30.55
CA THR B 488 10.55 0.40 -29.21
C THR B 488 9.17 0.45 -28.55
N MET B 489 8.94 1.38 -27.63
CA MET B 489 7.67 1.52 -26.93
C MET B 489 7.49 3.00 -26.62
N VAL B 490 6.24 3.46 -26.66
CA VAL B 490 5.96 4.89 -26.57
C VAL B 490 5.55 5.28 -25.16
N GLY B 491 4.46 4.69 -24.67
CA GLY B 491 3.86 5.16 -23.43
C GLY B 491 4.82 5.08 -22.25
N GLU B 492 5.47 3.93 -22.09
CA GLU B 492 6.34 3.75 -20.93
C GLU B 492 7.50 4.73 -20.94
N LYS B 493 8.26 4.75 -22.04
CA LYS B 493 9.37 5.70 -22.17
C LYS B 493 9.70 5.81 -23.65
N GLY B 494 9.38 6.95 -24.25
CA GLY B 494 9.71 7.17 -25.65
C GLY B 494 11.20 7.20 -25.89
N VAL B 495 11.70 6.29 -26.72
CA VAL B 495 13.13 6.29 -27.02
C VAL B 495 13.52 7.59 -27.72
N ALA B 496 12.71 8.01 -28.69
CA ALA B 496 12.87 9.32 -29.32
C ALA B 496 11.47 9.76 -29.74
N LEU B 497 10.82 10.54 -28.86
CA LEU B 497 9.43 10.91 -29.04
C LEU B 497 9.28 12.42 -28.90
N SER B 498 8.34 12.98 -29.68
CA SER B 498 8.03 14.39 -29.63
C SER B 498 6.57 14.57 -30.04
N GLY B 499 6.04 15.76 -29.77
CA GLY B 499 4.64 16.01 -30.08
C GLY B 499 4.33 15.76 -31.54
N GLY B 500 5.19 16.23 -32.43
CA GLY B 500 4.98 16.00 -33.86
C GLY B 500 4.94 14.53 -34.20
N GLN B 501 5.84 13.74 -33.60
CA GLN B 501 5.85 12.31 -33.86
C GLN B 501 4.55 11.65 -33.40
N LYS B 502 4.03 12.05 -32.24
CA LYS B 502 2.77 11.50 -31.77
C LYS B 502 1.61 11.90 -32.67
N GLN B 503 1.60 13.14 -33.15
CA GLN B 503 0.55 13.53 -34.09
C GLN B 503 0.64 12.72 -35.37
N ARG B 504 1.86 12.48 -35.86
CA ARG B 504 2.02 11.73 -37.09
C ARG B 504 1.59 10.28 -36.92
N ILE B 505 1.90 9.68 -35.77
CA ILE B 505 1.48 8.29 -35.54
C ILE B 505 -0.04 8.21 -35.37
N SER B 506 -0.65 9.20 -34.72
CA SER B 506 -2.10 9.21 -34.63
C SER B 506 -2.73 9.31 -36.02
N ILE B 507 -2.17 10.17 -36.87
CA ILE B 507 -2.65 10.27 -38.25
C ILE B 507 -2.47 8.95 -38.97
N ALA B 508 -1.36 8.26 -38.71
CA ALA B 508 -1.13 6.96 -39.35
C ALA B 508 -2.18 5.95 -38.93
N ARG B 509 -2.52 5.92 -37.63
CA ARG B 509 -3.60 5.05 -37.18
C ARG B 509 -4.90 5.37 -37.89
N ALA B 510 -5.27 6.65 -37.92
CA ALA B 510 -6.53 7.03 -38.56
C ALA B 510 -6.55 6.62 -40.02
N LEU B 511 -5.44 6.81 -40.73
CA LEU B 511 -5.37 6.40 -42.13
C LEU B 511 -5.48 4.89 -42.26
N MET B 512 -4.78 4.14 -41.39
CA MET B 512 -4.90 2.70 -41.40
C MET B 512 -6.34 2.25 -41.22
N ALA B 513 -7.12 2.99 -40.43
CA ALA B 513 -8.53 2.63 -40.26
C ALA B 513 -9.29 2.67 -41.58
N ASN B 514 -8.76 3.35 -42.59
CA ASN B 514 -9.41 3.48 -43.89
C ASN B 514 -10.84 3.99 -43.71
N PRO B 515 -11.00 5.16 -43.13
CA PRO B 515 -12.34 5.61 -42.74
C PRO B 515 -13.05 6.41 -43.82
N GLU B 516 -14.38 6.40 -43.75
CA GLU B 516 -15.17 7.22 -44.65
C GLU B 516 -15.11 8.69 -44.24
N ILE B 517 -15.20 8.95 -42.94
CA ILE B 517 -15.11 10.31 -42.40
C ILE B 517 -13.85 10.38 -41.56
N LEU B 518 -12.90 11.22 -41.97
CA LEU B 518 -11.65 11.40 -41.27
C LEU B 518 -11.70 12.70 -40.48
N ILE B 519 -11.58 12.60 -39.15
CA ILE B 519 -11.62 13.75 -38.26
C ILE B 519 -10.20 13.99 -37.76
N LEU B 520 -9.66 15.17 -38.06
CA LEU B 520 -8.32 15.56 -37.65
C LEU B 520 -8.46 16.80 -36.76
N ASP B 521 -8.67 16.56 -35.47
CA ASP B 521 -8.79 17.64 -34.50
C ASP B 521 -7.39 18.10 -34.11
N ASP B 522 -7.08 19.38 -34.36
CA ASP B 522 -5.73 19.88 -34.24
C ASP B 522 -4.75 18.93 -34.90
N SER B 523 -4.96 18.75 -36.21
CA SER B 523 -4.24 17.73 -36.96
C SER B 523 -2.76 17.71 -36.63
N LEU B 524 -2.07 18.81 -36.93
CA LEU B 524 -0.61 18.88 -36.79
C LEU B 524 -0.25 20.27 -36.25
N SER B 525 -0.22 20.39 -34.92
CA SER B 525 0.21 21.62 -34.26
C SER B 525 1.62 21.53 -33.73
N ALA B 526 2.36 20.48 -34.09
CA ALA B 526 3.70 20.27 -33.58
C ALA B 526 4.73 20.08 -34.69
N VAL B 527 4.37 19.42 -35.78
CA VAL B 527 5.31 19.17 -36.87
C VAL B 527 5.63 20.47 -37.58
N ASP B 528 6.64 20.44 -38.44
CA ASP B 528 7.02 21.63 -39.19
C ASP B 528 5.92 22.03 -40.16
N ALA B 529 5.91 23.32 -40.50
CA ALA B 529 4.91 23.81 -41.45
C ALA B 529 5.01 23.08 -42.78
N LYS B 530 6.23 22.90 -43.28
CA LYS B 530 6.42 22.15 -44.52
C LYS B 530 5.90 20.73 -44.38
N THR B 531 6.23 20.05 -43.27
CA THR B 531 5.76 18.69 -43.06
C THR B 531 4.24 18.66 -42.96
N GLU B 532 3.65 19.62 -42.25
CA GLU B 532 2.20 19.67 -42.14
C GLU B 532 1.55 19.83 -43.51
N ALA B 533 2.09 20.73 -44.33
CA ALA B 533 1.54 20.93 -45.66
C ALA B 533 1.67 19.67 -46.51
N ALA B 534 2.82 19.00 -46.43
CA ALA B 534 3.01 17.77 -47.20
C ALA B 534 2.03 16.69 -46.77
N ILE B 535 1.85 16.52 -45.46
CA ILE B 535 0.93 15.51 -44.97
C ILE B 535 -0.49 15.84 -45.39
N ILE B 536 -0.87 17.11 -45.32
CA ILE B 536 -2.22 17.51 -45.71
C ILE B 536 -2.44 17.23 -47.19
N LYS B 537 -1.44 17.56 -48.02
CA LYS B 537 -1.54 17.28 -49.45
C LYS B 537 -1.70 15.79 -49.70
N ASN B 538 -0.91 14.97 -48.99
CA ASN B 538 -1.01 13.52 -49.18
C ASN B 538 -2.39 13.00 -48.78
N ILE B 539 -2.91 13.44 -47.63
CA ILE B 539 -4.21 12.93 -47.18
C ILE B 539 -5.28 13.32 -48.18
N ARG B 540 -5.29 14.59 -48.62
CA ARG B 540 -6.31 15.01 -49.57
C ARG B 540 -6.13 14.35 -50.93
N GLU B 541 -4.91 13.91 -51.25
CA GLU B 541 -4.68 13.26 -52.53
C GLU B 541 -5.36 11.90 -52.59
N ASN B 542 -5.16 11.08 -51.55
CA ASN B 542 -5.65 9.70 -51.55
C ASN B 542 -6.99 9.53 -50.87
N ARG B 543 -7.61 10.62 -50.38
CA ARG B 543 -8.90 10.52 -49.72
C ARG B 543 -9.81 11.68 -50.11
N LYS B 544 -9.63 12.24 -51.32
CA LYS B 544 -10.52 13.31 -51.77
C LYS B 544 -11.95 12.81 -51.93
N GLY B 545 -12.12 11.59 -52.44
CA GLY B 545 -13.44 11.02 -52.58
C GLY B 545 -14.15 10.75 -51.27
N LYS B 546 -13.41 10.69 -50.17
CA LYS B 546 -13.96 10.44 -48.85
C LYS B 546 -13.88 11.73 -48.03
N THR B 547 -14.89 11.93 -47.18
CA THR B 547 -14.99 13.15 -46.41
C THR B 547 -13.81 13.30 -45.47
N THR B 548 -13.54 14.54 -45.06
CA THR B 548 -12.45 14.85 -44.15
C THR B 548 -12.80 16.09 -43.34
N PHE B 549 -12.42 16.08 -42.07
CA PHE B 549 -12.64 17.20 -41.15
C PHE B 549 -11.31 17.68 -40.62
N ILE B 550 -11.10 18.99 -40.65
CA ILE B 550 -9.86 19.61 -40.18
C ILE B 550 -10.21 20.70 -39.19
N LEU B 551 -9.67 20.60 -37.98
CA LEU B 551 -9.74 21.65 -36.99
C LEU B 551 -8.31 22.07 -36.62
N THR B 552 -8.06 23.37 -36.59
CA THR B 552 -6.73 23.86 -36.26
C THR B 552 -6.78 25.37 -36.16
N HIS B 553 -5.68 25.94 -35.67
CA HIS B 553 -5.50 27.39 -35.61
C HIS B 553 -4.73 27.94 -36.80
N ARG B 554 -3.83 27.16 -37.38
CA ARG B 554 -3.06 27.58 -38.56
C ARG B 554 -3.93 27.41 -39.80
N LEU B 555 -4.22 28.51 -40.47
CA LEU B 555 -5.13 28.47 -41.61
C LEU B 555 -4.52 27.82 -42.84
N SER B 556 -3.23 27.51 -42.82
CA SER B 556 -2.61 26.85 -43.97
C SER B 556 -3.23 25.48 -44.23
N ALA B 557 -3.52 24.73 -43.17
CA ALA B 557 -4.06 23.38 -43.33
C ALA B 557 -5.39 23.40 -44.07
N VAL B 558 -6.21 24.41 -43.82
CA VAL B 558 -7.50 24.53 -44.47
C VAL B 558 -7.44 25.48 -45.68
N GLU B 559 -6.24 25.68 -46.23
CA GLU B 559 -6.09 26.58 -47.36
C GLU B 559 -6.91 26.11 -48.56
N HIS B 560 -6.89 24.81 -48.84
CA HIS B 560 -7.49 24.26 -50.04
C HIS B 560 -8.92 23.76 -49.79
N ALA B 561 -9.33 23.62 -48.53
CA ALA B 561 -10.65 23.11 -48.22
C ALA B 561 -11.72 23.94 -48.91
N ASP B 562 -12.75 23.26 -49.42
CA ASP B 562 -13.82 23.91 -50.18
C ASP B 562 -15.00 24.31 -49.32
N LEU B 563 -14.92 24.14 -48.01
CA LEU B 563 -15.96 24.63 -47.11
C LEU B 563 -15.28 24.91 -45.77
N ILE B 564 -15.02 26.18 -45.48
CA ILE B 564 -14.33 26.60 -44.27
C ILE B 564 -15.31 27.38 -43.42
N LEU B 565 -15.48 26.95 -42.18
CA LEU B 565 -16.29 27.66 -41.20
C LEU B 565 -15.37 28.14 -40.08
N VAL B 566 -15.38 29.43 -39.81
CA VAL B 566 -14.63 30.00 -38.70
C VAL B 566 -15.61 30.24 -37.56
N MET B 567 -15.32 29.66 -36.39
CA MET B 567 -16.23 29.65 -35.26
C MET B 567 -15.74 30.65 -34.21
N ASP B 568 -16.63 31.54 -33.80
CA ASP B 568 -16.38 32.48 -32.72
C ASP B 568 -17.42 32.28 -31.64
N GLY B 569 -17.00 32.28 -30.39
CA GLY B 569 -17.91 32.00 -29.30
C GLY B 569 -18.47 30.61 -29.38
N GLY B 570 -19.74 30.49 -29.75
CA GLY B 570 -20.37 29.20 -29.93
C GLY B 570 -21.19 29.13 -31.21
N VAL B 571 -20.87 29.99 -32.18
CA VAL B 571 -21.58 30.06 -33.45
C VAL B 571 -20.56 30.21 -34.57
N ILE B 572 -21.06 30.14 -35.80
CA ILE B 572 -20.24 30.27 -36.98
C ILE B 572 -20.34 31.70 -37.49
N ALA B 573 -19.31 32.12 -38.24
CA ALA B 573 -19.25 33.46 -38.79
C ALA B 573 -19.49 33.48 -40.29
N GLU B 574 -18.72 32.72 -41.07
CA GLU B 574 -18.89 32.67 -42.51
C GLU B 574 -18.74 31.24 -43.01
N ARG B 575 -19.60 30.86 -43.95
CA ARG B 575 -19.62 29.52 -44.50
C ARG B 575 -18.94 29.45 -45.86
N GLY B 576 -18.30 30.52 -46.31
CA GLY B 576 -17.75 30.56 -47.65
C GLY B 576 -16.48 29.76 -47.78
N THR B 577 -16.01 29.66 -49.02
CA THR B 577 -14.76 28.99 -49.31
C THR B 577 -13.59 29.83 -48.80
N HIS B 578 -12.37 29.34 -49.06
CA HIS B 578 -11.19 30.10 -48.63
C HIS B 578 -11.12 31.44 -49.33
N GLN B 579 -11.38 31.48 -50.64
CA GLN B 579 -11.36 32.75 -51.35
C GLN B 579 -12.45 33.69 -50.82
N GLU B 580 -13.65 33.17 -50.59
CA GLU B 580 -14.70 33.99 -50.01
C GLU B 580 -14.34 34.43 -48.59
N LEU B 581 -13.74 33.53 -47.81
CA LEU B 581 -13.34 33.87 -46.45
C LEU B 581 -12.32 35.01 -46.46
N LEU B 582 -11.34 34.95 -47.36
CA LEU B 582 -10.32 35.99 -47.44
C LEU B 582 -10.87 37.27 -48.08
N ALA B 583 -11.94 37.18 -48.87
CA ALA B 583 -12.54 38.38 -49.43
C ALA B 583 -13.07 39.29 -48.35
N ASN B 584 -13.72 38.73 -47.34
CA ASN B 584 -14.20 39.50 -46.20
C ASN B 584 -13.16 39.52 -45.09
N ASN B 585 -13.24 40.53 -44.24
CA ASN B 585 -12.30 40.71 -43.15
C ASN B 585 -12.96 40.55 -41.78
N GLY B 586 -14.07 39.81 -41.71
CA GLY B 586 -14.69 39.56 -40.42
C GLY B 586 -13.75 38.89 -39.45
N TRP B 587 -12.97 37.92 -39.94
CA TRP B 587 -11.92 37.27 -39.15
C TRP B 587 -10.70 37.17 -40.07
N TYR B 588 -9.81 38.16 -39.97
CA TYR B 588 -8.67 38.28 -40.86
C TYR B 588 -7.40 37.70 -40.25
N ARG B 589 -7.53 36.65 -39.44
CA ARG B 589 -6.35 35.96 -38.92
C ARG B 589 -5.51 35.39 -40.06
N GLU B 590 -6.14 35.09 -41.20
CA GLU B 590 -5.37 34.66 -42.36
C GLU B 590 -4.40 35.74 -42.79
N GLN B 591 -4.84 37.00 -42.79
CA GLN B 591 -3.93 38.10 -43.10
C GLN B 591 -2.83 38.20 -42.06
N TYR B 592 -3.16 37.98 -40.79
CA TYR B 592 -2.15 38.03 -39.74
C TYR B 592 -1.05 36.99 -40.00
N GLU B 593 -1.45 35.75 -40.26
CA GLU B 593 -0.47 34.69 -40.48
C GLU B 593 0.17 34.77 -41.86
N ARG B 594 -0.38 35.56 -42.78
CA ARG B 594 0.31 35.80 -44.04
C ARG B 594 1.65 36.47 -43.79
N GLN B 595 1.70 37.34 -42.78
CA GLN B 595 2.99 37.85 -42.32
C GLN B 595 3.84 36.72 -41.74
N GLN B 596 3.20 35.79 -41.01
CA GLN B 596 3.91 34.59 -40.58
C GLN B 596 4.38 33.78 -41.77
N LEU B 597 3.55 33.69 -42.81
CA LEU B 597 4.01 33.08 -44.05
C LEU B 597 5.18 33.86 -44.62
N PHE B 598 5.12 35.20 -44.55
CA PHE B 598 6.27 36.01 -44.90
C PHE B 598 7.40 35.88 -43.87
N THR B 599 7.04 35.67 -42.61
CA THR B 599 8.06 35.53 -41.57
C THR B 599 8.95 34.32 -41.81
N ALA B 600 8.35 33.19 -42.19
CA ALA B 600 9.11 31.98 -42.42
C ALA B 600 10.11 32.13 -43.56
N POV C . 16.42 11.05 28.21
P POV C . 14.15 7.03 28.69
C1 POV C . 16.44 5.94 29.46
C2 POV C . 16.83 4.62 30.12
C3 POV C . 15.96 3.46 29.69
C210 POV C . 15.32 -4.51 35.02
C310 POV C . 10.43 -2.92 38.24
C11 POV C . 14.22 9.63 28.34
O11 POV C . 15.07 6.18 29.72
C211 POV C . 13.87 -4.81 35.27
C311 POV C . 9.11 -2.71 38.96
C12 POV C . 15.23 10.40 27.53
O12 POV C . 14.78 8.52 29.00
C212 POV C . 13.54 -6.28 35.07
C312 POV C . 8.86 -3.74 40.07
C13 POV C . 15.99 11.94 29.33
O13 POV C . 14.56 6.62 27.32
C213 POV C . 14.21 -7.22 36.05
C313 POV C . 9.91 -3.69 41.17
C14 POV C . 17.28 9.96 28.76
O14 POV C . 12.71 7.01 29.11
C214 POV C . 13.77 -7.04 37.50
C314 POV C . 10.06 -2.31 41.79
C15 POV C . 17.24 11.84 27.26
C215 POV C . 12.33 -7.51 37.76
C216 POV C . 11.92 -7.38 39.22
C217 POV C . 11.42 -8.69 39.83
C21 POV C . 17.78 4.27 32.28
O21 POV C . 16.76 4.67 31.54
C22 POV C . 17.32 3.72 33.60
O22 POV C . 18.93 4.35 31.93
C23 POV C . 16.65 2.36 33.50
C24 POV C . 17.62 1.30 33.01
C25 POV C . 17.07 -0.13 33.15
C26 POV C . 18.06 -1.18 32.69
C27 POV C . 17.49 -2.59 32.72
C28 POV C . 17.27 -3.14 34.11
C29 POV C . 15.82 -3.45 34.37
C31 POV C . 13.69 3.31 30.31
O31 POV C . 14.96 3.29 30.69
C32 POV C . 12.96 2.12 30.86
O32 POV C . 13.21 4.18 29.63
C33 POV C . 12.77 2.11 32.37
C34 POV C . 12.08 0.81 32.80
C35 POV C . 11.53 0.85 34.21
C36 POV C . 12.27 -0.12 35.13
C37 POV C . 11.93 -1.58 34.89
C38 POV C . 11.81 -2.38 36.19
C39 POV C . 10.65 -1.95 37.08
H29 POV C . 15.19 -2.81 34.03
H1 POV C . 16.98 6.66 29.80
H1A POV C . 16.59 5.90 28.51
H2 POV C . 17.75 4.47 29.83
H3 POV C . 15.55 3.65 28.83
H3A POV C . 16.48 2.65 29.59
H310 POV C . 11.15 -2.81 38.88
H31A POV C . 10.48 -3.83 37.92
H210 POV C . 15.97 -5.15 35.36
H11 POV C . 13.82 10.22 29.00
H11A POV C . 13.51 9.33 27.77
H211 POV C . 13.65 -4.55 36.18
H21A POV C . 13.32 -4.27 34.68
H311 POV C . 9.08 -1.83 39.34
H31B POV C . 8.39 -2.78 38.32
H12 POV C . 14.75 11.10 27.05
H12A POV C . 15.59 9.80 26.85
H22 POV C . 18.08 3.65 34.20
H212 POV C . 12.58 -6.40 35.14
H22A POV C . 16.69 4.34 33.99
H21B POV C . 13.78 -6.54 34.17
H32 POV C . 12.09 2.08 30.44
H312 POV C . 7.99 -3.58 40.45
H32A POV C . 13.44 1.33 30.60
H31C POV C . 8.85 -4.63 39.68
H13 POV C . 16.78 12.32 29.74
H13A POV C . 15.42 12.64 28.98
H13B POV C . 15.51 11.41 29.99
H23 POV C . 16.30 2.11 34.37
H213 POV C . 14.05 -8.14 35.79
H23A POV C . 15.89 2.41 32.89
H21C POV C . 15.18 -7.09 36.01
H33 POV C . 13.64 2.18 32.81
H313 POV C . 9.65 -4.32 41.88
H33A POV C . 12.25 2.87 32.65
H31D POV C . 10.77 -3.99 40.83
H14 POV C . 18.04 10.37 29.20
H14A POV C . 16.76 9.44 29.39
H14B POV C . 17.58 9.40 28.03
H24 POV C . 17.84 1.46 32.08
H214 POV C . 14.37 -7.52 38.09
H24A POV C . 18.45 1.36 33.51
H21D POV C . 13.83 -6.10 37.73
H34 POV C . 11.36 0.63 32.18
H34A POV C . 12.72 0.09 32.73
H15 POV C . 17.99 12.24 27.74
H15A POV C . 17.57 11.26 26.56
H15B POV C . 16.69 12.54 26.87
H25 POV C . 16.84 -0.28 34.08
H215 POV C . 11.72 -6.99 37.21
H25A POV C . 16.26 -0.20 32.63
H21E POV C . 12.25 -8.44 37.49
H35 POV C . 11.59 1.75 34.57
H35A POV C . 10.58 0.61 34.19
H26 POV C . 18.36 -0.97 31.79
H216 POV C . 12.68 -7.06 39.74
H26A POV C . 18.84 -1.15 33.27
H21F POV C . 11.23 -6.71 39.29
H36 POV C . 13.22 0.01 35.02
H36A POV C . 12.05 0.10 36.05
H27 POV C . 16.65 -2.60 32.23
H27A POV C . 18.09 -3.18 32.23
H37 POV C . 11.10 -1.64 34.40
H37A POV C . 12.61 -1.98 34.34
H28 POV C . 17.79 -3.94 34.24
H28A POV C . 17.58 -2.50 34.76
H38 POV C . 11.72 -3.32 35.97
H38A POV C . 12.63 -2.28 36.69
H39 POV C . 9.84 -1.92 36.54
H39A POV C . 10.81 -1.07 37.42
P POV D . 17.59 -21.07 0.20
C1 POV D . 19.45 -22.88 -0.22
C2 POV D . 20.40 -23.82 0.54
C3 POV D . 21.35 -24.57 -0.38
O11 POV D . 18.79 -22.05 0.70
O12 POV D . 16.36 -22.18 0.24
O13 POV D . 17.35 -20.08 1.30
O14 POV D . 17.80 -20.61 -1.20
C31 POV D . 21.50 -26.75 -1.27
O31 POV D . 21.04 -25.95 -0.31
C32 POV D . 21.02 -28.16 -1.05
O32 POV D . 22.20 -26.39 -2.17
C33 POV D . 21.45 -28.78 0.27
C34 POV D . 22.97 -28.80 0.38
H1 POV D . 19.95 -22.35 -0.86
H1A POV D . 18.80 -23.40 -0.73
H3 POV D . 21.27 -24.24 -1.28
H3A POV D . 22.27 -24.41 -0.10
H32 POV D . 20.05 -28.17 -1.09
H32A POV D . 21.34 -28.72 -1.77
H33 POV D . 21.07 -28.27 1.01
H33A POV D . 21.11 -29.68 0.34
N POV E . -8.82 -26.54 56.70
P POV E . -11.03 -22.64 54.03
C1 POV E . -13.29 -23.29 52.79
C2 POV E . -13.62 -21.94 52.15
C3 POV E . -15.11 -21.68 52.01
C210 POV E . -8.13 -15.59 43.81
C310 POV E . -7.40 -15.59 49.85
C11 POV E . -9.82 -24.48 55.47
O11 POV E . -11.89 -23.43 52.89
C211 POV E . -7.79 -14.16 43.54
C311 POV E . -7.69 -14.65 48.70
C12 POV E . -10.01 -25.86 56.07
O12 POV E . -11.04 -23.84 55.17
C212 POV E . -6.30 -13.99 43.21
C312 POV E . -8.04 -13.23 49.15
C13 POV E . -7.56 -26.24 55.99
O13 POV E . -11.88 -21.52 54.56
C313 POV E . -9.38 -12.74 48.63
C14 POV E . -8.71 -26.03 58.10
O14 POV E . -9.64 -22.40 53.57
C314 POV E . -9.38 -12.48 47.13
C15 POV E . -9.00 -28.02 56.76
C315 POV E . -10.76 -12.19 46.56
C21 POV E . -13.39 -22.55 49.83
O21 POV E . -13.03 -21.79 50.86
C22 POV E . -12.83 -22.00 48.55
O22 POV E . -14.06 -23.54 49.93
C23 POV E . -13.23 -20.56 48.27
C24 POV E . -12.31 -19.89 47.26
C25 POV E . -10.97 -19.48 47.86
C26 POV E . -9.93 -19.12 46.79
C27 POV E . -10.07 -17.70 46.27
C28 POV E . -9.31 -17.50 44.97
C29 POV E . -8.99 -16.06 44.71
C31 POV E . -15.83 -19.42 52.11
O31 POV E . -15.25 -20.39 51.41
C32 POV E . -15.34 -18.08 51.63
O32 POV E . -16.64 -19.61 52.99
C33 POV E . -13.83 -17.92 51.60
C34 POV E . -13.25 -17.83 53.00
C35 POV E . -11.74 -17.98 53.07
C36 POV E . -11.01 -16.90 52.29
C37 POV E . -10.63 -17.33 50.87
C38 POV E . -9.85 -16.25 50.11
C39 POV E . -8.57 -15.81 50.81
H29 POV E . -9.46 -15.42 45.25
H1 POV E . -13.69 -23.35 53.67
H1A POV E . -13.66 -24.01 52.26
H2 POV E . -13.25 -21.29 52.77
H3 POV E . -15.52 -22.35 51.45
H3A POV E . -15.54 -21.71 52.87
H310 POV E . -7.13 -16.45 49.48
H31A POV E . -6.65 -15.25 50.35
H210 POV E . -7.65 -16.25 43.28
H11 POV E . -9.31 -23.93 56.09
H11A POV E . -9.29 -24.56 54.66
H211 POV E . -8.33 -13.84 42.79
H21A POV E . -8.01 -13.62 44.31
H311 POV E . -6.92 -14.62 48.11
H31B POV E . -8.43 -15.00 48.17
H12 POV E . -10.35 -26.44 55.37
H12A POV E . -10.71 -25.79 56.75
H22 POV E . -11.86 -22.06 48.57
H22A POV E . -13.13 -22.55 47.81
H32 POV E . -15.69 -17.91 50.75
H312 POV E . -8.05 -13.21 50.12
H32A POV E . -15.71 -17.40 52.22
H31C POV E . -7.34 -12.63 48.85
H13 POV E . -6.82 -26.70 56.42
H13A POV E . -7.64 -26.54 55.07
H13B POV E . -7.41 -25.28 55.99
H23 POV E . -14.14 -20.53 47.94
H23A POV E . -13.22 -20.05 49.10
H33 POV E . -13.44 -18.67 51.12
H313 POV E . -10.07 -13.40 48.84
H33A POV E . -13.60 -17.12 51.10
H31D POV E . -9.62 -11.93 49.09
H14 POV E . -7.96 -26.46 58.53
H14A POV E . -8.58 -25.08 58.08
H14B POV E . -9.53 -26.25 58.58
H24 POV E . -12.15 -20.51 46.53
H24A POV E . -12.75 -19.11 46.89
H34 POV E . -13.50 -16.98 53.39
H314 POV E . -8.80 -11.73 46.93
H34A POV E . -13.65 -18.52 53.55
H31E POV E . -9.00 -13.24 46.67
H15 POV E . -8.21 -28.42 57.19
H15A POV E . -9.78 -28.22 57.29
H15B POV E . -9.10 -28.37 55.87
H25 POV E . -11.10 -18.71 48.43
H25A POV E . -10.62 -20.19 48.41
H35 POV E . -11.45 -17.94 54.00
H35A POV E . -11.49 -18.85 52.73
H26 POV E . -9.05 -19.24 47.17
H26A POV E . -10.01 -19.75 46.06
H36 POV E . -11.57 -16.11 52.24
H36A POV E . -10.20 -16.65 52.76
H27 POV E . -11.01 -17.51 46.13
H27A POV E . -9.75 -17.08 46.94
H37 POV E . -10.11 -18.13 50.91
H37A POV E . -11.43 -17.53 50.37
H28 POV E . -8.50 -18.01 45.00
H28A POV E . -9.84 -17.85 44.23
H38 POV E . -9.63 -16.59 49.23
H38A POV E . -10.42 -15.48 49.98
H39 POV E . -8.32 -16.48 51.47
H39A POV E . -8.74 -14.98 51.29
N POV F . 4.05 -27.24 47.86
P POV F . 7.42 -23.89 46.02
C1 POV F . 6.45 -23.77 43.58
C2 POV F . 6.09 -22.74 42.50
C3 POV F . 6.21 -23.27 41.09
C210 POV F . 10.92 -13.87 37.98
C310 POV F . 10.75 -18.00 37.93
C11 POV F . 6.00 -25.55 47.48
O11 POV F . 6.75 -23.09 44.77
C211 POV F . 11.50 -12.78 38.83
C311 POV F . 12.20 -18.36 37.59
C12 POV F . 5.03 -26.58 46.93
O12 POV F . 5.99 -24.36 46.74
C212 POV F . 12.62 -13.28 39.73
C312 POV F . 12.35 -19.77 37.03
C13 POV F . 4.74 -27.91 48.99
O13 POV F . 8.08 -25.10 45.45
C213 POV F . 12.11 -13.97 40.99
C313 POV F . 13.71 -20.41 37.29
C14 POV F . 3.13 -26.19 48.39
O14 POV F . 8.15 -22.95 46.94
C214 POV F . 12.77 -15.31 41.27
C314 POV F . 13.62 -21.91 37.48
C15 POV F . 3.21 -28.24 47.13
C215 POV F . 11.94 -16.20 42.19
C315 POV F . 14.93 -22.57 37.87
C216 POV F . 12.77 -17.02 43.18
C316 POV F . 16.02 -22.40 36.82
C217 POV F . 13.53 -16.19 44.20
C218 POV F . 12.65 -15.25 45.00
C21 POV F . 6.44 -20.38 42.35
O21 POV F . 6.93 -21.59 42.58
C22 POV F . 7.15 -19.34 43.17
O22 POV F . 5.54 -20.17 41.59
C23 POV F . 6.50 -17.97 43.16
C24 POV F . 7.51 -16.85 42.94
C25 POV F . 7.98 -16.75 41.49
C26 POV F . 7.22 -15.71 40.70
C27 POV F . 7.74 -15.49 39.28
C28 POV F . 8.71 -14.31 39.18
C29 POV F . 9.76 -14.52 38.14
C31 POV F . 8.31 -24.19 40.49
O31 POV F . 7.56 -23.12 40.67
C32 POV F . 9.41 -23.93 39.50
O32 POV F . 8.13 -25.25 41.05
C33 POV F . 10.33 -22.77 39.86
C34 POV F . 10.74 -22.85 41.32
C35 POV F . 11.89 -21.92 41.69
C36 POV F . 11.41 -20.60 42.28
C37 POV F . 10.46 -19.80 41.39
C38 POV F . 11.12 -19.30 40.11
C39 POV F . 10.13 -18.80 39.07
H29 POV F . 9.57 -15.21 37.49
H1 POV F . 5.70 -24.37 43.71
H1A POV F . 7.20 -24.31 43.29
H2 POV F . 5.17 -22.49 42.68
H3 POV F . 5.95 -24.21 41.06
H3A POV F . 5.61 -22.79 40.50
H310 POV F . 10.71 -17.06 38.15
H31A POV F . 10.21 -18.13 37.13
H210 POV F . 11.46 -14.16 37.24
H11 POV F . 5.79 -25.36 48.40
H11A POV F . 6.90 -25.92 47.48
H211 POV F . 11.83 -12.07 38.26
H21A POV F . 10.79 -12.39 39.38
H311 POV F . 12.53 -17.72 36.95
H31B POV F . 12.74 -18.27 38.39
H12 POV F . 5.56 -27.28 46.51
H12A POV F . 4.53 -26.15 46.22
H22 POV F . 7.21 -19.64 44.10
H212 POV F . 13.17 -13.91 39.23
H22A POV F . 8.06 -19.24 42.85
H21B POV F . 13.19 -12.54 39.98
H32 POV F . 9.94 -24.73 39.41
H312 POV F . 11.65 -20.34 37.41
H32A POV F . 9.01 -23.75 38.64
H31C POV F . 12.20 -19.74 36.07
H13 POV F . 4.07 -28.32 49.56
H13A POV F . 5.34 -28.58 48.65
H13B POV F . 5.24 -27.24 49.50
H23 POV F . 5.82 -17.93 42.46
H213 POV F . 12.27 -13.38 41.75
H23A POV F . 6.03 -17.82 44.00
H21C POV F . 11.16 -14.10 40.92
H33 POV F . 11.11 -22.80 39.30
H313 POV F . 14.29 -20.21 36.56
H33A POV F . 9.88 -21.93 39.69
H31D POV F . 14.09 -20.01 38.09
H14 POV F . 2.49 -26.60 48.98
H14A POV F . 3.65 -25.53 48.87
H14B POV F . 2.66 -25.77 47.65
H24 POV F . 7.13 -16.01 43.21
H214 POV F . 12.92 -15.78 40.43
H24A POV F . 8.28 -17.01 43.51
H21D POV F . 13.64 -15.17 41.66
H34 POV F . 9.98 -22.63 41.89
H314 POV F . 12.95 -22.11 38.16
H34A POV F . 11.00 -23.76 41.54
H31E POV F . 13.30 -22.31 36.65
H15 POV F . 2.59 -28.64 47.76
H15A POV F . 2.72 -27.79 46.42
H15B POV F . 3.79 -28.92 46.75
H25 POV F . 8.93 -16.53 41.48
H215 POV F . 11.33 -15.63 42.70
H25A POV F . 7.88 -17.61 41.06
H21E POV F . 11.40 -16.80 41.66
H35 POV F . 12.47 -22.37 42.32
H315 POV F . 15.24 -22.19 38.71
H35A POV F . 12.42 -21.74 40.90
H31F POV F . 14.79 -23.52 38.02
H26 POV F . 6.28 -15.97 40.64
H216 POV F . 12.19 -17.64 43.64
H26A POV F . 7.24 -14.85 41.17
H21F POV F . 13.40 -17.56 42.67
H36 POV F . 10.96 -20.78 43.13
H316 POV F . 16.83 -22.84 37.13
H36A POV F . 12.19 -20.05 42.48
H31G POV F . 15.71 -22.80 35.99
H31H POV F . 16.18 -21.45 36.68
H27 POV F . 8.20 -16.30 38.98
H217 POV F . 14.00 -16.79 44.81
H27A POV F . 7.00 -15.35 38.68
H21G POV F . 14.22 -15.67 43.75
H37 POV F . 9.70 -20.35 41.17
H37A POV F . 10.13 -19.04 41.89
H28 POV F . 8.21 -13.51 38.98
H218 POV F . 13.20 -14.76 45.64
H28A POV F . 9.13 -14.17 40.05
H21H POV F . 12.21 -14.64 44.41
H21J POV F . 11.98 -15.77 45.48
H38 POV F . 11.74 -18.59 40.33
H38A POV F . 11.64 -20.03 39.72
H39 POV F . 9.47 -18.24 39.52
H39A POV F . 9.64 -19.55 38.71
N POV G . 9.23 -50.35 23.05
P POV G . 11.31 -46.08 22.23
C1 POV G . 9.74 -44.34 21.03
C2 POV G . 10.36 -42.95 21.24
C3 POV G . 9.36 -41.95 21.79
C210 POV G . 5.94 -33.33 17.52
C11 POV G . 9.93 -47.88 23.55
O11 POV G . 10.77 -45.30 20.92
C211 POV G . 5.25 -33.11 18.82
C12 POV G . 8.84 -48.91 23.27
O12 POV G . 9.89 -46.81 22.64
C13 POV G . 8.02 -51.20 22.90
O13 POV G . 12.27 -47.13 21.75
C14 POV G . 10.01 -50.42 21.78
O14 POV G . 11.71 -45.12 23.31
C15 POV G . 10.07 -50.90 24.15
C21 POV G . 10.17 -42.11 18.99
O21 POV G . 10.92 -42.38 20.06
C22 POV G . 10.24 -40.65 18.63
O22 POV G . 9.52 -42.94 18.40
C23 POV G . 10.54 -40.41 17.16
C24 POV G . 9.54 -39.46 16.52
C25 POV G . 9.80 -38.00 16.86
C26 POV G . 8.58 -37.10 16.64
C27 POV G . 8.37 -36.12 17.78
C28 POV G . 6.92 -35.64 17.91
C29 POV G . 6.65 -34.39 17.13
C31 POV G . 8.84 -41.50 24.05
O31 POV G . 9.03 -42.39 23.09
C32 POV G . 9.45 -41.98 25.34
O32 POV G . 8.26 -40.45 23.88
C33 POV G . 10.90 -41.57 25.55
C34 POV G . 11.64 -42.63 26.37
H29 POV G . 7.04 -34.35 16.24
H1 POV G . 9.16 -44.57 21.76
H1A POV G . 9.20 -44.34 20.22
H2 POV G . 11.06 -43.11 21.89
H3 POV G . 9.74 -41.06 21.81
H3A POV G . 8.57 -41.91 21.22
H210 POV G . 5.87 -32.61 16.86
H11 POV G . 9.84 -47.55 24.45
H11A POV G . 10.80 -48.32 23.49
H12 POV G . 8.36 -48.61 22.49
H12A POV G . 8.24 -48.88 24.03
H22 POV G . 9.40 -40.22 18.85
H22A POV G . 10.92 -40.23 19.18
H32 POV G . 8.92 -41.63 26.08
H32A POV G . 9.39 -42.95 25.37
H13 POV G . 8.30 -52.12 22.75
H13A POV G . 7.48 -51.14 23.70
H13B POV G . 7.51 -50.89 22.13
H23 POV G . 11.43 -40.03 17.07
H23A POV G . 10.53 -41.25 16.69
H33 POV G . 11.33 -41.46 24.69
H33A POV G . 10.94 -40.73 26.01
H14 POV G . 10.27 -51.34 21.62
H14A POV G . 9.47 -50.09 21.05
H14B POV G . 10.81 -49.86 21.88
H24 POV G . 9.55 -39.57 15.55
H24A POV G . 8.65 -39.69 16.82
H15 POV G . 10.29 -51.84 23.95
H15A POV G . 10.89 -50.38 24.21
H15B POV G . 9.57 -50.85 24.98
H25 POV G . 10.09 -37.92 17.77
H25A POV G . 10.53 -37.67 16.30
H26 POV G . 8.69 -36.61 15.82
H26A POV G . 7.80 -37.65 16.55
H27 POV G . 8.63 -36.54 18.61
H27A POV G . 8.94 -35.35 17.65
H28 POV G . 6.32 -36.34 17.61
H28A POV G . 6.72 -35.48 18.84
P POV H . 26.97 -11.68 5.57
C1 POV H . 24.59 -10.71 4.97
C2 POV H . 23.48 -9.83 5.58
O11 POV H . 25.68 -10.75 5.87
O12 POV H . 27.92 -10.53 4.85
O13 POV H . 26.57 -12.67 4.52
O14 POV H . 27.62 -12.13 6.84
C21 POV H . 21.55 -10.71 6.66
O21 POV H . 22.22 -10.48 5.53
C22 POV H . 20.09 -10.46 6.49
O22 POV H . 22.08 -11.10 7.68
C23 POV H . 19.34 -10.25 7.81
C24 POV H . 17.92 -9.74 7.56
C25 POV H . 17.25 -9.22 8.83
C26 POV H . 17.04 -10.30 9.88
H1 POV H . 24.26 -11.60 4.80
H1A POV H . 24.88 -10.35 4.12
H22 POV H . 19.97 -9.67 5.94
H22A POV H . 19.69 -11.20 6.03
H23 POV H . 19.30 -11.08 8.30
H23A POV H . 19.83 -9.62 8.35
H24 POV H . 17.95 -9.03 6.91
H24A POV H . 17.39 -10.45 7.19
H25 POV H . 17.80 -8.51 9.21
H25A POV H . 16.39 -8.83 8.59
N POV I . 7.28 -29.65 -8.26
P POV I . 4.86 -26.28 -8.11
C1 POV I . 3.41 -27.56 -6.30
C2 POV I . 3.03 -29.02 -6.08
C3 POV I . 1.57 -29.24 -5.77
C210 POV I . 6.90 -34.25 2.85
C310 POV I . 1.28 -34.13 4.93
C11 POV I . 6.77 -27.41 -9.50
O11 POV I . 4.58 -27.50 -7.06
C211 POV I . 8.16 -33.45 2.97
C311 POV I . 2.07 -35.08 5.81
C12 POV I . 7.38 -28.13 -8.32
O12 POV I . 5.38 -27.19 -9.38
C212 POV I . 9.14 -34.03 3.98
C312 POV I . 2.64 -34.38 7.05
C13 POV I . 8.17 -30.28 -9.29
O13 POV I . 3.52 -25.68 -8.47
C213 POV I . 8.54 -34.26 5.36
C313 POV I . 3.78 -35.14 7.73
C14 POV I . 7.76 -30.06 -6.90
O14 POV I . 5.98 -25.40 -7.64
C214 POV I . 9.53 -34.04 6.50
C314 POV I . 4.95 -34.25 8.11
C15 POV I . 5.90 -30.14 -8.44
C215 POV I . 8.87 -33.56 7.79
C315 POV I . 4.74 -33.48 9.40
C216 POV I . 8.77 -32.06 7.88
C316 POV I . 5.84 -32.45 9.63
C217 POV I . 7.69 -31.45 6.98
C218 POV I . 7.34 -30.03 7.35
C21 POV I . 4.22 -30.85 -5.09
O21 POV I . 3.76 -29.61 -4.99
C22 POV I . 4.28 -31.50 -3.73
O22 POV I . 4.52 -31.36 -6.13
C23 POV I . 5.48 -31.08 -2.90
C24 POV I . 5.08 -30.76 -1.47
C25 POV I . 6.27 -30.77 -0.50
C26 POV I . 6.33 -32.00 0.39
C27 POV I . 6.11 -33.32 -0.37
C28 POV I . 6.77 -34.52 0.32
C29 POV I . 6.32 -34.70 1.74
C31 POV I . 0.36 -30.84 -4.51
O31 POV I . 1.41 -30.56 -5.28
C32 POV I . 0.68 -31.99 -3.61
O32 POV I . -0.68 -30.23 -4.56
C33 POV I . 0.95 -31.61 -2.17
C34 POV I . 1.59 -32.77 -1.40
C35 POV I . 0.64 -33.45 -0.43
C36 POV I . 1.33 -34.53 0.40
C37 POV I . 2.34 -33.99 1.39
C38 POV I . 2.36 -34.74 2.71
C39 POV I . 1.06 -34.62 3.50
H29 POV I . 5.49 -35.19 1.86
H1 POV I . 2.69 -27.08 -6.74
H1A POV I . 3.54 -27.12 -5.44
H2 POV I . 3.26 -29.45 -6.92
H3 POV I . 1.26 -28.59 -5.11
H3A POV I . 1.04 -29.10 -6.58
H310 POV I . 0.41 -33.98 5.34
H31A POV I . 1.74 -33.27 4.89
H210 POV I . 6.47 -34.49 3.68
H11 POV I . 7.21 -26.56 -9.61
H11A POV I . 6.94 -27.93 -10.30
H211 POV I . 8.58 -33.39 2.10
H21A POV I . 7.93 -32.54 3.23
H311 POV I . 1.51 -35.82 6.09
H31B POV I . 2.81 -35.46 5.31
H12 POV I . 6.95 -27.79 -7.51
H12A POV I . 8.31 -27.89 -8.28
H22 POV I . 3.47 -31.30 -3.25
H212 POV I . 9.48 -34.88 3.64
H22A POV I . 4.31 -32.47 -3.86
H21B POV I . 9.90 -33.44 4.06
H32 POV I . -0.07 -32.62 -3.63
H312 POV I . 2.95 -33.50 6.80
H32A POV I . 1.45 -32.46 -3.96
H31C POV I . 1.92 -34.25 7.69
H13 POV I . 8.08 -31.24 -9.22
H13A POV I . 7.89 -29.97 -10.16
H13B POV I . 9.09 -30.01 -9.12
H23 POV I . 6.15 -31.78 -2.90
H213 POV I . 7.78 -33.66 5.48
H23A POV I . 5.89 -30.30 -3.30
H21C POV I . 8.20 -35.16 5.40
H33 POV I . 1.54 -30.84 -2.14
H313 POV I . 3.44 -35.58 8.52
H33A POV I . 0.12 -31.35 -1.74
H31D POV I . 4.08 -35.84 7.13
H14 POV I . 7.71 -31.02 -6.84
H14A POV I . 8.67 -29.76 -6.78
H14B POV I . 7.18 -29.66 -6.23
H24 POV I . 4.66 -29.90 -1.43
H214 POV I . 10.00 -34.89 6.67
H24A POV I . 4.43 -31.41 -1.16
H21D POV I . 10.20 -33.40 6.22
H34 POV I . 1.92 -33.42 -2.03
H314 POV I . 5.74 -34.79 8.19
H34A POV I . 2.36 -32.42 -0.91
H31E POV I . 5.10 -33.62 7.39
H15 POV I . 5.90 -31.11 -8.40
H15A POV I . 5.34 -29.78 -7.74
H15B POV I . 5.57 -29.85 -9.30
H25 POV I . 7.09 -30.71 -1.01
H215 POV I . 7.99 -33.95 7.86
H25A POV I . 6.22 -29.98 0.05
H21E POV I . 9.39 -33.90 8.54
H35 POV I . 0.26 -32.79 0.17
H315 POV I . 3.88 -33.03 9.38
H35A POV I . -0.10 -33.84 -0.92
H31F POV I . 4.72 -34.09 10.15
H26 POV I . 7.20 -32.03 0.82
H216 POV I . 8.58 -31.81 8.80
H26A POV I . 5.66 -31.93 1.08
H21F POV I . 9.63 -31.66 7.65
H36 POV I . 0.66 -35.03 0.88
H316 POV I . 5.67 -31.98 10.46
H36A POV I . 1.77 -35.15 -0.20
H31G POV I . 6.69 -32.90 9.68
H31H POV I . 5.84 -31.82 8.89
H27 POV I . 5.15 -33.48 -0.44
H217 POV I . 8.01 -31.48 6.06
H27A POV I . 6.45 -33.24 -1.26
H21G POV I . 6.90 -32.00 7.02
H37 POV I . 3.23 -34.02 0.99
H37A POV I . 2.15 -33.05 1.56
H28 POV I . 6.57 -35.31 -0.18
H218 POV I . 6.65 -29.70 6.74
H28A POV I . 7.74 -34.40 0.31
H21H POV I . 7.00 -30.02 8.26
H21J POV I . 8.13 -29.48 7.28
H38 POV I . 2.54 -35.68 2.53
H38A POV I . 3.09 -34.41 3.26
H39 POV I . 0.63 -35.50 3.53
H39A POV I . 0.46 -34.02 3.04
N POV J . 18.84 -30.67 32.14
P POV J . 17.51 -26.14 30.01
C1 POV J . 17.55 -25.81 27.39
C2 POV J . 17.00 -26.57 26.17
C3 POV J . 18.08 -27.07 25.23
C11 POV J . 18.50 -28.21 31.30
O11 POV J . 16.84 -26.22 28.53
C12 POV J . 18.99 -29.62 31.06
O12 POV J . 17.61 -27.76 30.31
C13 POV J . 19.29 -32.00 31.64
O13 POV J . 18.90 -25.61 29.86
C14 POV J . 19.72 -30.27 33.27
O14 POV J . 16.56 -25.53 31.00
C15 POV J . 17.45 -30.81 32.66
C21 POV J . 16.60 -24.83 24.58
O21 POV J . 16.12 -25.79 25.37
C22 POV J . 16.06 -24.97 23.17
O22 POV J . 17.35 -23.97 24.95
C23 POV J . 17.05 -25.60 22.20
C24 POV J . 16.76 -25.18 20.77
C31 POV J . 19.32 -29.07 25.00
O31 POV J . 18.64 -28.25 25.79
C32 POV J . 19.68 -30.33 25.73
O32 POV J . 19.59 -28.82 23.85
H1 POV J . 18.49 -25.98 27.50
H1A POV J . 17.45 -24.85 27.25
H2 POV J . 16.54 -27.32 26.57
H3 POV J . 17.72 -27.24 24.35
H3A POV J . 18.77 -26.39 25.12
H11 POV J . 18.05 -28.17 32.17
H11A POV J . 19.26 -27.60 31.35
H12 POV J . 19.93 -29.57 30.84
H12A POV J . 18.54 -29.95 30.27
H22 POV J . 15.26 -25.51 23.20
H22A POV J . 15.81 -24.09 22.84
H13 POV J . 19.18 -32.66 32.35
H13A POV J . 18.74 -32.24 30.88
H13B POV J . 20.22 -31.95 31.37
H23 POV J . 17.96 -25.34 22.44
H23A POV J . 17.01 -26.56 22.27
H14 POV J . 19.64 -30.94 33.98
H14A POV J . 20.64 -30.23 32.96
H14B POV J . 19.44 -29.41 33.60
H15 POV J . 17.43 -31.49 33.34
H15A POV J . 17.18 -29.95 33.04
H15B POV J . 16.87 -31.04 31.93
P POV K . 0.84 8.46 25.77
C1 POV K . 2.07 7.03 27.60
C2 POV K . 2.11 6.79 29.12
C3 POV K . 3.50 6.60 29.66
C210 POV K . -2.24 -2.71 31.99
O11 POV K . 1.15 8.05 27.31
C211 POV K . -2.44 -3.93 31.15
O12 POV K . 1.58 9.94 25.77
C212 POV K . -3.58 -4.79 31.68
O13 POV K . -0.65 8.68 25.65
C213 POV K . -4.97 -4.29 31.30
O14 POV K . 1.56 7.55 24.82
C214 POV K . -6.06 -5.10 31.98
C215 POV K . -7.45 -4.95 31.35
C216 POV K . -8.35 -6.13 31.66
C217 POV K . -9.72 -6.05 31.01
C218 POV K . -10.80 -5.58 31.97
C21 POV K . 0.48 5.73 30.47
O21 POV K . 1.37 5.63 29.50
C22 POV K . 0.67 4.65 31.50
O22 POV K . -0.38 6.58 30.50
C23 POV K . 0.77 3.25 30.92
C24 POV K . 1.37 2.28 31.93
C25 POV K . 0.47 2.03 33.14
C26 POV K . 0.87 0.79 33.93
C27 POV K . 0.60 -0.52 33.21
C28 POV K . -0.89 -0.80 32.98
C29 POV K . -1.11 -2.02 32.15
C31 POV K . 4.29 4.40 30.02
O31 POV K . 4.02 5.37 29.16
C32 POV K . 5.61 3.76 29.72
O32 POV K . 3.54 4.09 30.92
C33 POV K . 5.61 2.23 29.69
C34 POV K . 5.39 1.64 31.08
C35 POV K . 6.62 1.68 31.97
C36 POV K . 7.55 0.49 31.78
C37 POV K . 7.00 -0.84 32.30
C38 POV K . 6.97 -0.93 33.81
C39 POV K . 6.15 -2.11 34.34
H29 POV K . -0.33 -2.35 31.66
H1 POV K . 2.95 7.27 27.27
H1A POV K . 1.81 6.21 27.14
H2 POV K . 1.72 7.60 29.48
H3 POV K . 4.07 7.34 29.41
H3A POV K . 3.48 6.58 30.63
H210 POV K . -3.00 -2.38 32.47
H211 POV K . -2.63 -3.67 30.23
H21A POV K . -1.62 -4.45 31.13
H22 POV K . 1.48 4.84 32.00
H212 POV K . -3.47 -5.70 31.35
H22A POV K . -0.07 4.68 32.13
H21B POV K . -3.51 -4.84 32.65
H32 POV K . 5.93 4.09 28.87
H32A POV K . 6.25 4.05 30.39
H23 POV K . -0.11 2.94 30.66
H213 POV K . -5.05 -3.36 31.55
H23A POV K . 1.32 3.26 30.13
H21C POV K . -5.07 -4.34 30.34
H33 POV K . 4.91 1.94 29.09
H33A POV K . 6.45 1.92 29.32
H24 POV K . 1.55 1.43 31.49
H214 POV K . -5.81 -6.04 31.97
H24A POV K . 2.22 2.63 32.24
H21D POV K . -6.11 -4.84 32.91
H34 POV K . 4.67 2.11 31.51
H34A POV K . 5.12 0.72 30.97
H25 POV K . 0.50 2.80 33.73
H215 POV K . -7.86 -4.13 31.68
H25A POV K . -0.44 1.93 32.83
H21E POV K . -7.35 -4.86 30.40
H35 POV K . 7.11 2.49 31.81
H35A POV K . 6.33 1.70 32.90
H26 POV K . 1.81 0.83 34.15
H216 POV K . -7.91 -6.95 31.37
H26A POV K . 0.38 0.78 34.77
H21F POV K . -8.46 -6.20 32.62
H36 POV K . 7.74 0.40 30.83
H36A POV K . 8.39 0.67 32.22
H27 POV K . 1.05 -0.51 32.36
H217 POV K . -9.68 -5.44 30.26
H27A POV K . 0.97 -1.25 33.73
H21G POV K . -9.96 -6.91 30.67
H37 POV K . 6.10 -0.96 31.96
H37A POV K . 7.54 -1.56 31.95
H28 POV K . -1.33 -0.90 33.83
H218 POV K . -11.65 -5.53 31.51
H28A POV K . -1.29 -0.03 32.54
H21H POV K . -10.86 -6.19 32.71
H21J POV K . -10.57 -4.68 32.30
H38 POV K . 7.89 -1.01 34.14
H38A POV K . 6.61 -0.12 34.18
N POV L . 19.17 -22.16 4.69
P POV L . 16.94 -20.96 8.42
C1 POV L . 15.73 -20.28 10.64
C2 POV L . 14.54 -21.25 10.62
C3 POV L . 13.20 -20.58 10.72
C210 POV L . 14.35 -16.62 13.77
C11 POV L . 17.69 -20.42 5.97
O11 POV L . 16.06 -19.94 9.31
C211 POV L . 15.74 -16.15 13.44
C12 POV L . 18.55 -21.68 5.99
O12 POV L . 17.46 -19.90 7.25
C212 POV L . 16.02 -16.12 11.94
C13 POV L . 20.11 -21.15 4.11
O13 POV L . 18.12 -21.35 9.24
C213 POV L . 15.75 -14.75 11.31
C14 POV L . 18.06 -22.40 3.73
O14 POV L . 16.08 -21.99 7.76
C214 POV L . 16.19 -14.67 9.86
C15 POV L . 19.89 -23.45 4.88
C21 POV L . 15.00 -21.95 12.90
O21 POV L . 14.59 -22.24 11.67
C22 POV L . 13.84 -21.84 13.85
O22 POV L . 16.15 -21.81 13.21
C23 POV L . 14.17 -22.24 15.28
C24 POV L . 12.95 -22.17 16.19
C25 POV L . 12.26 -20.82 16.21
C26 POV L . 13.18 -19.67 16.60
C27 POV L . 12.49 -18.30 16.61
C28 POV L . 12.54 -17.60 15.25
C29 POV L . 13.93 -17.13 14.91
C31 POV L . 12.20 -18.81 11.91
O31 POV L . 13.23 -19.64 11.78
H29 POV L . 14.59 -17.22 15.62
H1 POV L . 15.51 -19.49 11.15
H1A POV L . 16.50 -20.69 11.07
H2 POV L . 14.64 -21.68 9.75
H3 POV L . 12.98 -20.14 9.89
H3A POV L . 12.51 -21.24 10.88
H210 POV L . 13.70 -16.53 13.06
H11 POV L . 18.13 -19.75 5.42
H11A POV L . 16.84 -20.63 5.54
H211 POV L . 15.88 -15.27 13.82
H21A POV L . 16.39 -16.74 13.88
H12 POV L . 18.01 -22.39 6.33
H12A POV L . 19.27 -21.53 6.61
H22 POV L . 13.51 -20.94 13.84
H212 POV L . 16.94 -16.36 11.78
H22A POV L . 13.12 -22.41 13.53
H21B POV L . 15.47 -16.78 11.50
H13 POV L . 20.48 -21.51 3.30
H13A POV L . 19.62 -20.33 3.94
H13B POV L . 20.82 -20.98 4.76
H23 POV L . 14.53 -23.14 15.29
H213 POV L . 14.80 -14.55 11.37
H23A POV L . 14.86 -21.66 15.63
H21C POV L . 16.22 -14.07 11.83
H14 POV L . 18.43 -22.71 2.90
H14A POV L . 17.46 -23.07 4.10
H14B POV L . 17.57 -21.57 3.59
H24 POV L . 12.31 -22.84 15.92
H24A POV L . 13.22 -22.40 17.10
H15 POV L . 20.27 -23.72 4.03
H15A POV L . 20.60 -23.33 5.53
H15B POV L . 19.26 -24.12 5.19
H25 POV L . 11.89 -20.64 15.33
H25A POV L . 11.52 -20.84 16.83
H26 POV L . 13.54 -19.84 17.49
H26A POV L . 13.93 -19.64 15.99
H27 POV L . 11.56 -18.43 16.86
H27A POV L . 12.90 -17.74 17.28
H28 POV L . 12.24 -18.20 14.56
H28A POV L . 11.94 -16.84 15.26
P POV M . 29.49 -2.23 22.02
C1 POV M . 27.92 -4.31 22.51
C2 POV M . 27.38 -3.84 23.86
C3 POV M . 28.37 -4.00 25.00
C210 POV M . 17.35 -7.32 18.79
C310 POV M . 22.86 -8.18 27.60
O11 POV M . 29.22 -3.81 22.30
C211 POV M . 16.40 -7.11 17.66
C311 POV M . 21.85 -8.19 26.46
O12 POV M . 30.31 -1.90 23.43
C212 POV M . 16.37 -5.65 17.19
C312 POV M . 20.44 -8.50 26.94
O13 POV M . 28.18 -1.52 22.07
C213 POV M . 17.04 -5.43 15.85
C313 POV M . 20.30 -9.88 27.57
O14 POV M . 30.43 -2.03 20.87
C214 POV M . 18.53 -5.73 15.85
C215 POV M . 18.94 -6.87 14.92
C216 POV M . 18.75 -6.53 13.45
C217 POV M . 19.05 -7.69 12.52
C218 POV M . 20.48 -8.19 12.61
C21 POV M . 25.01 -4.13 23.83
O21 POV M . 26.20 -4.56 24.24
C22 POV M . 23.98 -5.22 23.94
O22 POV M . 24.81 -3.01 23.42
C23 POV M . 22.76 -4.99 23.06
C24 POV M . 21.65 -5.97 23.40
C25 POV M . 20.38 -5.77 22.58
C26 POV M . 19.19 -6.56 23.13
C27 POV M . 17.99 -6.58 22.20
C28 POV M . 18.02 -7.73 21.20
C29 POV M . 17.06 -7.52 20.07
C31 POV M . 28.74 -2.96 27.09
O31 POV M . 27.91 -3.22 26.09
C32 POV M . 28.06 -2.20 28.19
O32 POV M . 29.89 -3.30 27.09
C33 POV M . 26.62 -1.79 27.96
C34 POV M . 25.64 -2.74 28.64
C35 POV M . 25.56 -4.13 27.99
C36 POV M . 26.48 -5.14 28.67
C37 POV M . 26.37 -6.54 28.10
C38 POV M . 25.05 -7.21 28.44
C39 POV M . 24.18 -7.53 27.23
H29 POV M . 16.12 -7.52 20.31
H1 POV M . 27.93 -5.28 22.48
H1A POV M . 27.33 -4.00 21.80
H2 POV M . 27.20 -2.89 23.73
H3 POV M . 28.44 -4.93 25.25
H3A POV M . 29.25 -3.71 24.72
H310 POV M . 22.49 -7.71 28.37
H31A POV M . 23.03 -9.09 27.89
H210 POV M . 18.29 -7.32 18.57
H211 POV M . 16.64 -7.68 16.91
H21A POV M . 15.50 -7.37 17.93
H311 POV M . 21.85 -7.32 26.03
H31B POV M . 22.12 -8.84 25.80
H22 POV M . 24.39 -6.06 23.69
H212 POV M . 15.45 -5.34 17.15
H22A POV M . 23.70 -5.29 24.86
H21B POV M . 16.82 -5.10 17.86
H32 POV M . 28.09 -2.75 29.01
H312 POV M . 20.16 -7.83 27.59
H32A POV M . 28.58 -1.40 28.37
H31C POV M . 19.83 -8.43 26.19
H23 POV M . 22.44 -4.08 23.17
H213 POV M . 16.60 -6.00 15.18
H23A POV M . 23.00 -5.09 22.13
H21C POV M . 16.90 -4.52 15.55
H33 POV M . 26.48 -0.89 28.31
H33A POV M . 26.44 -1.75 27.01
H24 POV M . 21.96 -6.87 23.27
H214 POV M . 19.01 -4.93 15.61
H24A POV M . 21.42 -5.88 24.35
H21D POV M . 18.80 -5.96 16.76
H34 POV M . 25.89 -2.84 29.57
H34A POV M . 24.75 -2.35 28.61
H25 POV M . 20.15 -4.83 22.56
H215 POV M . 19.87 -7.09 15.08
H25A POV M . 20.54 -6.03 21.67
H21E POV M . 18.42 -7.66 15.14
H35 POV M . 24.65 -4.44 28.04
H35A POV M . 25.80 -4.06 27.06
H26 POV M . 19.48 -7.48 23.29
H216 POV M . 17.84 -6.23 13.30
H26A POV M . 18.93 -6.20 23.99
H21F POV M . 19.33 -5.78 13.21
H36 POV M . 27.40 -4.84 28.58
H36A POV M . 26.28 -5.16 29.62
H27 POV M . 17.17 -6.65 22.74
H217 POV M . 18.44 -8.43 12.73
H27A POV M . 17.94 -5.74 21.72
H21G POV M . 18.85 -7.43 11.61
H37 POV M . 26.48 -6.52 27.14
H37A POV M . 27.10 -7.08 28.44
H28 POV M . 18.92 -7.82 20.84
H218 POV M . 20.61 -8.92 12.00
H28A POV M . 17.81 -8.56 21.66
H21H POV M . 21.08 -7.46 12.38
H21J POV M . 20.66 -8.47 13.53
H38 POV M . 25.23 -8.04 28.93
H38A POV M . 24.55 -6.63 29.04
H39 POV M . 24.68 -8.11 26.63
H39A POV M . 24.02 -6.71 26.73
P POV N . 30.53 -5.51 18.39
C1 POV N . 29.96 -8.08 18.59
C2 POV N . 28.69 -8.84 18.17
O11 POV N . 29.61 -6.75 18.90
O12 POV N . 31.91 -5.90 19.21
O13 POV N . 29.97 -4.27 19.01
O14 POV N . 30.80 -5.58 16.92
C21 POV N . 28.76 -8.22 15.87
O21 POV N . 28.09 -8.26 17.01
C22 POV N . 28.24 -7.13 14.97
O22 POV N . 29.67 -8.96 15.61
C23 POV N . 27.44 -7.63 13.77
C24 POV N . 26.24 -8.45 14.19
C25 POV N . 25.32 -8.79 13.03
C26 POV N . 23.97 -9.35 13.47
H1 POV N . 30.37 -8.51 19.36
H1A POV N . 30.61 -8.10 17.87
H22 POV N . 27.67 -6.54 15.50
H22A POV N . 28.98 -6.60 14.65
H23 POV N . 27.16 -6.86 13.24
H23A POV N . 28.02 -8.17 13.21
H24 POV N . 26.54 -9.27 14.61
H24A POV N . 25.73 -7.96 14.86
H25 POV N . 25.18 -7.99 12.49
H25A POV N . 25.76 -9.44 12.46
P POV O . 16.87 -25.25 -2.57
C1 POV O . 17.90 -27.43 -3.62
C2 POV O . 17.66 -28.37 -4.80
C3 POV O . 16.37 -29.17 -4.69
O11 POV O . 16.75 -26.62 -3.42
O12 POV O . 16.87 -25.91 -1.06
O13 POV O . 15.58 -24.50 -2.76
O14 POV O . 18.18 -24.56 -2.81
C21 POV O . 19.80 -28.99 -5.64
O21 POV O . 18.71 -29.33 -4.95
C22 POV O . 20.70 -30.18 -5.86
O22 POV O . 20.01 -27.88 -6.03
C23 POV O . 21.57 -30.54 -4.67
C24 POV O . 20.76 -31.19 -3.55
C25 POV O . 21.62 -31.70 -2.40
C26 POV O . 20.82 -32.39 -1.31
C27 POV O . 21.67 -32.90 -0.17
C28 POV O . 20.86 -33.66 0.88
C31 POV O . 15.04 -30.55 -6.05
O31 POV O . 16.16 -29.87 -5.90
C32 POV O . 15.14 -31.50 -7.22
O32 POV O . 14.08 -30.42 -5.34
C33 POV O . 15.36 -32.95 -6.83
C34 POV O . 16.60 -33.12 -5.97
C35 POV O . 17.01 -34.56 -5.73
C36 POV O . 15.97 -35.33 -4.92
C37 POV O . 14.87 -35.95 -5.77
H1 POV O . 18.09 -27.94 -2.82
H1A POV O . 18.67 -26.87 -3.80
H2 POV O . 17.60 -27.79 -5.57
H3 POV O . 16.43 -29.79 -3.95
H3A POV O . 15.63 -28.58 -4.50
H22 POV O . 20.15 -30.95 -6.08
H22A POV O . 21.26 -30.01 -6.62
H32 POV O . 14.32 -31.43 -7.75
H32A POV O . 15.87 -31.20 -7.79
H23 POV O . 22.27 -31.14 -4.95
H23A POV O . 22.00 -29.74 -4.33
H33 POV O . 14.58 -33.29 -6.37
H33A POV O . 15.45 -33.48 -7.65
H24 POV O . 20.11 -30.56 -3.21
H24A POV O . 20.26 -31.94 -3.92
H34 POV O . 17.34 -32.64 -6.38
H34A POV O . 16.43 -32.68 -5.11
H25 POV O . 22.29 -32.31 -2.75
H25A POV O . 22.11 -30.95 -2.02
H35 POV O . 17.15 -35.00 -6.57
H35A POV O . 17.86 -34.57 -5.25
H26 POV O . 20.16 -31.77 -0.97
H26A POV O . 20.34 -33.13 -1.71
H36 POV O . 16.43 -36.04 -4.43
H36A POV O . 15.58 -34.75 -4.27
H27 POV O . 22.37 -33.49 -0.51
H27A POV O . 22.12 -32.15 0.26
PG ATP P . 16.79 27.05 -21.29
O1G ATP P . 15.73 26.33 -20.49
O2G ATP P . 17.14 28.41 -20.73
O3G ATP P . 16.48 27.09 -22.75
PB ATP P . 18.62 25.07 -22.27
O1B ATP P . 17.65 23.93 -22.26
O2B ATP P . 18.88 25.81 -23.54
O3B ATP P . 18.13 26.15 -21.21
PA ATP P . 20.77 23.17 -21.78
O1A ATP P . 20.51 22.41 -20.52
O2A ATP P . 22.18 23.40 -22.20
O3A ATP P . 20.02 24.59 -21.66
O5' ATP P . 19.96 22.50 -22.99
C5' ATP P . 20.03 21.07 -23.21
C4' ATP P . 21.47 20.66 -23.40
O4' ATP P . 22.04 20.34 -22.11
C3' ATP P . 21.69 19.39 -24.25
O3' ATP P . 23.01 19.36 -24.78
C2' ATP P . 21.49 18.31 -23.18
O2' ATP P . 22.05 17.07 -23.53
C1' ATP P . 22.21 18.94 -21.99
N9 ATP P . 21.64 18.51 -20.72
C8 ATP P . 20.65 19.10 -20.00
N7 ATP P . 20.35 18.45 -18.89
C5 ATP P . 21.21 17.35 -18.92
C6 ATP P . 21.39 16.28 -18.02
N6 ATP P . 20.70 16.12 -16.89
N1 ATP P . 22.32 15.35 -18.35
C2 ATP P . 23.02 15.52 -19.48
N3 ATP P . 22.93 16.48 -20.39
C4 ATP P . 21.99 17.38 -20.04
H5'1 ATP P . 19.65 20.59 -22.43
H5'2 ATP P . 19.50 20.83 -24.01
H4' ATP P . 21.96 21.40 -23.80
H3' ATP P . 21.01 19.32 -24.96
HO3' ATP P . 23.10 18.63 -25.20
H2' ATP P . 20.52 18.20 -22.98
HO2' ATP P . 21.95 16.52 -22.88
H1' ATP P . 23.15 18.70 -22.02
H8 ATP P . 20.21 19.91 -20.25
HN61 ATP P . 20.86 15.43 -16.38
HN62 ATP P . 20.10 16.72 -16.67
H2 ATP P . 23.66 14.85 -19.66
MG MG Q . 14.45 28.95 -23.00
P POV R . 10.13 12.60 22.22
C1 POV R . 8.59 12.84 24.35
C2 POV R . 8.01 12.10 25.53
C3 POV R . 9.05 11.67 26.54
O11 POV R . 9.37 11.96 23.49
O12 POV R . 8.93 13.21 21.35
O13 POV R . 10.91 13.76 22.75
O14 POV R . 10.82 11.52 21.44
C21 POV R . 6.57 10.25 25.97
O21 POV R . 7.32 10.91 25.07
C22 POV R . 6.88 8.78 26.04
O22 POV R . 5.77 10.81 26.67
C23 POV R . 6.05 8.03 27.03
C24 POV R . 6.31 8.45 28.46
C25 POV R . 6.85 7.35 29.33
C31 POV R . 9.14 11.15 28.85
O31 POV R . 8.38 11.45 27.79
C32 POV R . 9.85 9.84 28.68
O32 POV R . 9.21 11.86 29.82
H1 POV R . 7.87 13.25 23.84
H1A POV R . 9.15 13.57 24.66
H2 POV R . 7.42 12.72 25.97
H3 POV R . 9.49 10.85 26.25
H3A POV R . 9.74 12.35 26.63
H22 POV R . 6.75 8.40 25.16
H22A POV R . 7.81 8.66 26.25
H23 POV R . 5.11 8.17 26.83
H23A POV R . 6.22 7.07 26.94
H24 POV R . 6.94 9.19 28.45
H24A POV R . 5.48 8.78 28.84
P POV S . -7.98 8.77 24.22
C1 POV S . -8.38 7.23 26.34
C2 POV S . -9.27 6.07 26.74
C3 POV S . -9.71 6.11 28.19
O11 POV S . -8.49 7.40 24.89
O12 POV S . -6.54 9.00 24.87
O13 POV S . -8.88 9.90 24.64
O14 POV S . -7.78 8.48 22.75
C21 POV S . -7.60 4.32 27.15
O21 POV S . -8.64 4.79 26.43
C22 POV S . -7.46 2.84 26.99
O22 POV S . -6.85 4.99 27.80
C23 POV S . -7.74 2.06 28.23
C24 POV S . -6.55 2.00 29.19
C25 POV S . -6.48 0.74 30.02
C26 POV S . -7.75 0.38 30.76
C27 POV S . -7.73 -0.98 31.43
C31 POV S . -8.21 7.61 29.30
O31 POV S . -8.60 6.35 29.09
C32 POV S . -9.28 8.43 29.97
O32 POV S . -7.13 8.03 29.00
C33 POV S . -9.84 9.51 29.10
C34 POV S . -8.91 10.72 28.97
C35 POV S . -9.24 11.86 29.90
C36 POV S . -9.05 11.54 31.36
H1 POV S . -8.66 8.04 26.80
H1A POV S . -7.46 7.06 26.58
H2 POV S . -10.09 6.16 26.23
H3 POV S . -10.37 6.81 28.32
H3A POV S . -10.13 5.27 28.43
H22 POV S . -8.06 2.53 26.29
H22A POV S . -6.56 2.64 26.70
H32 POV S . -10.00 7.85 30.25
H32A POV S . -8.91 8.84 30.77
H23 POV S . -8.49 2.46 28.70
H23A POV S . -8.00 1.16 27.99
H33 POV S . -10.01 9.16 28.22
H33A POV S . -10.69 9.81 29.46
H24 POV S . -5.73 2.08 28.67
H24A POV S . -6.60 2.76 29.79
H34 POV S . -8.00 10.44 29.13
H34A POV S . -8.96 11.04 28.06
H25 POV S . -6.24 -0.01 29.43
H25A POV S . -5.76 0.83 30.66
H35 POV S . -8.71 12.62 29.67
H35A POV S . -10.17 12.12 29.76
H26 POV S . -7.92 1.06 31.42
H26A POV S . -8.50 0.41 30.13
P POV T . -11.25 4.52 11.92
C1 POV T . -12.17 2.05 11.96
C2 POV T . -13.50 1.30 12.12
C3 POV T . -13.83 0.91 13.54
C310 POV T . -12.75 -3.29 15.59
O11 POV T . -12.44 3.42 11.77
O12 POV T . -10.47 4.17 10.50
O13 POV T . -10.40 4.08 13.06
O14 POV T . -11.80 5.92 11.85
C21 POV T . -14.22 0.07 10.22
O21 POV T . -13.54 0.09 11.36
C22 POV T . -15.04 -1.18 10.11
O22 POV T . -14.16 0.94 9.39
C23 POV T . -15.96 -1.21 8.89
C24 POV T . -17.32 -0.60 9.19
C25 POV T . -17.27 0.89 9.50
C26 POV T . -18.66 1.50 9.66
C27 POV T . -18.62 3.00 9.94
C31 POV T . -16.10 1.01 14.19
O31 POV T . -14.97 1.66 13.95
C32 POV T . -16.89 1.70 15.27
O32 POV T . -16.44 0.01 13.61
C33 POV T . -17.89 0.82 15.99
C34 POV T . -17.17 -0.21 16.86
C35 POV T . -17.87 -1.56 16.94
C36 POV T . -17.73 -2.37 15.64
C37 POV T . -16.65 -3.45 15.71
C38 POV T . -15.25 -2.86 15.86
C39 POV T . -14.14 -3.91 15.76
H1 POV T . -11.62 1.92 12.75
H1A POV T . -11.67 1.69 11.21
H2 POV T . -14.16 1.95 11.81
H3 POV T . -14.01 -0.04 13.60
H3A POV T . -13.08 1.09 14.13
H22 POV T . -14.46 -1.95 10.08
H22A POV T . -15.59 -1.26 10.91
H32 POV T . -16.27 2.07 15.92
H32A POV T . -17.37 2.45 14.87
H23 POV T . -15.55 -0.73 8.16
H23A POV T . -16.07 -2.13 8.60
H33 POV T . -18.47 1.36 16.54
H33A POV T . -18.45 0.36 15.34
H24 POV T . -17.91 -0.76 8.44
H24A POV T . -17.71 -1.07 9.95
H34 POV T . -16.27 -0.34 16.51
H34A POV T . -17.07 0.15 17.75
H25 POV T . -16.76 1.03 10.31
H25A POV T . -16.80 1.34 8.79
H35 POV T . -17.51 -2.07 17.68
H35A POV T . -18.81 -1.43 17.12
H26 POV T . -19.17 1.34 8.86
H26A POV T . -19.12 1.05 10.39
H36 POV T . -18.57 -2.79 15.44
H36A POV T . -17.52 -1.76 14.92
H37 POV T . -16.83 -4.03 16.45
H37A POV T . -16.68 -3.98 14.91
H38 POV T . -15.10 -2.19 15.17
H38A POV T . -15.17 -2.41 16.71
H39 POV T . -14.32 -4.50 15.00
H39A POV T . -14.15 -4.46 16.55
N POV U . -23.63 -31.54 -10.05
P POV U . -27.06 -28.02 -10.60
C1 POV U . -28.44 -29.62 -9.02
C2 POV U . -28.75 -31.11 -8.87
C3 POV U . -29.18 -31.77 -10.15
C210 POV U . -20.85 -33.75 -1.59
C310 POV U . -27.22 -42.08 -14.31
C11 POV U . -25.27 -29.59 -9.50
O11 POV U . -27.92 -29.37 -10.30
C211 POV U . -21.56 -33.53 -0.30
C311 POV U . -28.16 -42.25 -15.50
C12 POV U . -23.86 -30.13 -9.54
O12 POV U . -25.55 -28.69 -10.54
C212 POV U . -20.58 -33.35 0.87
C312 POV U . -27.49 -42.93 -16.69
C13 POV U . -22.18 -31.81 -10.21
O13 POV U . -27.35 -27.63 -12.03
C213 POV U . -19.63 -34.52 1.07
C313 POV U . -28.44 -43.18 -17.86
C14 POV U . -24.19 -32.49 -9.05
O14 POV U . -27.20 -27.03 -9.50
C214 POV U . -19.03 -34.53 2.47
C15 POV U . -24.30 -31.79 -11.36
C215 POV U . -18.35 -35.83 2.84
C216 POV U . -18.14 -36.00 4.34
C217 POV U . -17.62 -37.37 4.73
C218 POV U . -17.47 -37.55 6.24
C21 POV U . -29.56 -32.13 -6.87
O21 POV U . -29.78 -31.33 -7.91
C22 POV U . -28.58 -31.52 -5.90
O22 POV U . -30.10 -33.20 -6.72
C23 POV U . -28.32 -32.37 -4.67
C24 POV U . -27.21 -33.39 -4.92
C25 POV U . -25.82 -32.85 -4.65
C26 POV U . -24.76 -33.95 -4.59
C27 POV U . -23.41 -33.48 -4.06
C28 POV U . -22.80 -34.46 -3.06
C29 POV U . -21.37 -34.15 -2.75
C31 POV U . -28.15 -32.95 -11.93
O31 POV U . -28.05 -32.42 -10.72
C32 POV U . -26.95 -33.80 -12.24
O32 POV U . -29.09 -32.75 -12.67
C33 POV U . -27.25 -35.28 -12.42
C34 POV U . -27.64 -35.92 -11.09
C35 POV U . -27.73 -37.44 -11.14
C36 POV U . -28.92 -37.93 -11.95
C37 POV U . -29.00 -39.45 -12.06
C38 POV U . -28.09 -40.00 -13.15
C39 POV U . -27.89 -41.51 -13.07
H29 POV U . -20.74 -34.24 -3.49
H1 POV U . -29.25 -29.09 -8.88
H1A POV U . -27.81 -29.33 -8.34
H2 POV U . -27.91 -31.49 -8.58
H3 POV U . -29.89 -32.41 -9.98
H3A POV U . -29.54 -31.12 -10.77
H310 POV U . -26.83 -42.95 -14.10
H31A POV U . -26.49 -41.50 -14.57
H210 POV U . -19.90 -33.59 -1.60
H11 POV U . -25.90 -30.34 -9.54
H11A POV U . -25.42 -29.16 -8.64
H211 POV U . -22.13 -32.75 -0.37
H21A POV U . -22.13 -34.29 -0.11
H311 POV U . -28.93 -42.78 -15.23
H31B POV U . -28.49 -41.38 -15.76
H12 POV U . -23.50 -30.09 -8.65
H12A POV U . -23.34 -29.54 -10.09
H22 POV U . -27.74 -31.37 -6.36
H212 POV U . -20.06 -32.54 0.72
H22A POV U . -28.91 -30.65 -5.62
H21B POV U . -21.09 -33.21 1.69
H32 POV U . -26.54 -33.47 -13.05
H312 POV U . -26.76 -42.36 -17.00
H32A POV U . -26.31 -33.70 -11.53
H31C POV U . -27.11 -43.77 -16.41
H13 POV U . -22.06 -32.72 -10.54
H13A POV U . -21.80 -31.19 -10.84
H13B POV U . -21.75 -31.73 -9.35
H23 POV U . -28.06 -31.80 -3.93
H213 POV U . -20.10 -35.34 0.92
H23A POV U . -29.13 -32.83 -4.41
H21C POV U . -18.92 -34.47 0.41
H33 POV U . -27.96 -35.40 -13.06
H33A POV U . -26.47 -35.73 -12.77
H14 POV U . -24.05 -33.40 -9.36
H14A POV U . -23.73 -32.36 -8.20
H14B POV U . -25.14 -32.33 -8.95
H24 POV U . -27.37 -34.17 -4.36
H214 POV U . -18.39 -33.81 2.54
H24A POV U . -27.26 -33.69 -5.84
H21D POV U . -19.73 -34.34 3.11
H34 POV U . -26.99 -35.66 -10.42
H34A POV U . -28.50 -35.57 -10.81
H15 POV U . -24.12 -32.70 -11.64
H15A POV U . -25.26 -31.66 -11.25
H15B POV U . -23.96 -31.17 -12.02
H25 POV U . -25.57 -32.22 -5.33
H215 POV U . -18.89 -36.58 2.51
H25A POV U . -25.81 -32.37 -3.80
H21E POV U . -17.49 -35.88 2.40
H35 POV U . -26.91 -37.80 -11.51
H35A POV U . -27.79 -37.78 -10.23
H26 POV U . -25.09 -34.68 -4.03
H216 POV U . -17.51 -35.32 4.65
H26A POV U . -24.64 -34.32 -5.48
H21F POV U . -18.98 -35.84 4.80
H36 POV U . -29.74 -37.60 -11.54
H36A POV U . -28.87 -37.55 -12.84
H27 POV U . -22.80 -33.36 -4.80
H217 POV U . -18.22 -38.05 4.39
H27A POV U . -23.52 -32.62 -3.63
H21G POV U . -16.75 -37.52 4.31
H37 POV U . -28.77 -39.84 -11.21
H37A POV U . -29.92 -39.70 -12.26
H28 POV U . -23.31 -34.45 -2.23
H218 POV U . -17.13 -38.44 6.41
H28A POV U . -22.86 -35.37 -3.40
H21H POV U . -16.85 -36.89 6.57
H21J POV U . -18.34 -37.43 6.65
H38 POV U . -28.47 -39.78 -14.02
H38A POV U . -27.23 -39.57 -13.09
H39 POV U . -28.75 -41.95 -12.95
H39A POV U . -27.35 -41.72 -12.30
N POV V . -22.35 -27.51 48.96
P POV V . -18.18 -24.81 49.58
C1 POV V . -17.88 -24.39 46.98
C2 POV V . -17.99 -23.13 46.11
C3 POV V . -18.81 -23.31 44.85
C210 POV V . -10.61 -16.16 40.12
C310 POV V . -14.79 -14.64 37.39
C11 POV V . -20.00 -26.44 48.57
O11 POV V . -18.67 -24.22 48.14
C211 POV V . -9.57 -15.19 39.65
C311 POV V . -13.51 -13.82 37.27
C12 POV V . -20.85 -27.66 48.87
O12 POV V . -18.95 -26.28 49.50
C212 POV V . -8.38 -15.89 39.00
C312 POV V . -13.64 -12.67 36.28
C13 POV V . -23.01 -28.83 49.15
O13 POV V . -16.71 -25.05 49.49
C213 POV V . -7.48 -14.95 38.21
C313 POV V . -12.31 -12.03 35.89
C14 POV V . -22.84 -26.92 47.69
O14 POV V . -18.77 -24.03 50.70
C214 POV V . -7.02 -13.73 39.01
C15 POV V . -22.75 -26.59 50.08
C215 POV V . -7.89 -12.50 38.77
C21 POV V . -15.86 -23.36 45.00
O21 POV V . -16.70 -22.64 45.74
C22 POV V . -15.08 -22.49 44.05
O22 POV V . -15.77 -24.56 45.07
C23 POV V . -13.90 -21.78 44.70
C24 POV V . -12.67 -21.77 43.79
C25 POV V . -12.71 -20.70 42.72
C26 POV V . -11.35 -20.54 42.05
C27 POV V . -11.32 -19.47 40.97
C28 POV V . -11.52 -18.07 41.53
C29 POV V . -10.48 -17.10 41.06
C31 POV V . -18.36 -21.14 44.01
O31 POV V . -19.26 -22.04 44.39
C32 POV V . -18.28 -21.04 42.51
O32 POV V . -17.72 -20.49 44.78
C33 POV V . -17.28 -20.01 42.03
C34 POV V . -16.71 -20.37 40.66
C35 POV V . -15.34 -19.76 40.39
C36 POV V . -15.38 -18.63 39.37
C37 POV V . -16.11 -17.38 39.85
C38 POV V . -16.12 -16.28 38.80
C39 POV V . -14.77 -15.65 38.54
H29 POV V . -9.61 -17.17 41.48
H1 POV V . -18.18 -25.17 46.47
H1A POV V . -16.95 -24.55 47.22
H2 POV V . -18.44 -22.48 46.68
H3 POV V . -18.27 -23.75 44.16
H3A POV V . -19.57 -23.90 45.03
H310 POV V . -15.54 -14.04 37.51
H31A POV V . -14.93 -15.12 36.56
H210 POV V . -11.47 -16.10 39.69
H11 POV V . -19.64 -26.51 47.68
H11A POV V . -20.57 -25.64 48.59
H211 POV V . -9.96 -14.57 39.02
H21A POV V . -9.26 -14.66 40.40
H311 POV V . -13.28 -13.46 38.14
H31B POV V . -12.78 -14.39 36.99
H12 POV V . -20.54 -28.04 49.71
H12A POV V . -20.67 -28.31 48.17
H22 POV V . -14.75 -23.04 43.32
H212 POV V . -7.85 -16.33 39.69
H22A POV V . -15.67 -21.83 43.67
H21B POV V . -8.71 -16.58 38.41
H32 POV V . -18.03 -21.91 42.15
H312 POV V . -14.08 -13.00 35.48
H32A POV V . -19.16 -20.83 42.16
H31C POV V . -14.21 -11.98 36.66
H13 POV V . -23.96 -28.71 49.22
H13A POV V . -22.79 -29.40 48.40
H13B POV V . -22.66 -29.24 49.97
H23 POV V . -14.15 -20.87 44.91
H213 POV V . -6.70 -15.44 37.91
H23A POV V . -13.68 -22.22 45.54
H21C POV V . -7.95 -14.66 37.42
H33 POV V . -17.71 -19.14 41.98
H33A POV V . -16.56 -19.93 42.67
H14 POV V . -23.80 -26.81 47.74
H14A POV V . -22.42 -26.06 47.56
H14B POV V . -22.61 -27.51 46.95
H24 POV V . -11.88 -21.64 44.34
H214 POV V . -7.03 -13.95 39.95
H24A POV V . -12.59 -22.64 43.37
H21D POV V . -6.10 -13.53 38.77
H34 POV V . -16.64 -21.32 40.59
H34A POV V . -17.32 -20.07 39.97
H15 POV V . -23.72 -26.54 50.10
H15A POV V . -22.43 -26.97 50.92
H15B POV V . -22.37 -25.72 49.93
H25 POV V . -13.37 -20.93 42.05
H25A POV V . -12.98 -19.85 43.11
H35 POV V . -14.97 -19.42 41.23
H35A POV V . -14.74 -20.46 40.07
H26 POV V . -10.69 -20.32 42.73
H26A POV V . -11.10 -21.38 41.65
H36 POV V . -14.47 -18.38 39.13
H36A POV V . -15.81 -18.95 38.56
H27 POV V . -10.47 -19.50 40.51
H27A POV V . -12.00 -19.65 40.31
H37 POV V . -17.02 -17.62 40.09
H37A POV V . -15.68 -17.04 40.65
H28 POV V . -12.39 -17.74 41.26
H28A POV V . -11.51 -18.10 42.49
H38 POV V . -16.46 -16.65 37.96
H38A POV V . -16.75 -15.59 39.06
H39 POV V . -14.12 -16.34 38.34
H39A POV V . -14.47 -15.20 39.34
N POV W . -2.91 -57.07 20.63
P POV W . -4.50 -54.04 18.33
C1 POV W . -5.44 -52.17 16.72
C2 POV W . -6.63 -51.20 16.62
C3 POV W . -7.84 -51.82 15.96
C210 POV W . -14.23 -47.38 16.94
C310 POV W . -6.46 -54.73 13.87
C11 POV W . -5.17 -56.20 19.67
O11 POV W . -5.70 -53.14 17.71
C211 POV W . -15.52 -48.07 17.26
C311 POV W . -6.29 -54.33 12.41
C12 POV W . -4.00 -57.18 19.60
O12 POV W . -5.34 -55.46 18.48
C212 POV W . -15.37 -49.10 18.38
C312 POV W . -6.93 -52.98 12.10
C13 POV W . -2.33 -55.70 20.68
O13 POV W . -4.22 -53.49 19.70
C213 POV W . -14.98 -48.50 19.72
C313 POV W . -8.44 -53.05 11.93
C14 POV W . -3.49 -57.40 21.96
O14 POV W . -3.41 -54.22 17.33
C214 POV W . -14.77 -49.55 20.80
C314 POV W . -9.13 -51.70 12.03
C15 POV W . -1.81 -58.05 20.37
C315 POV W . -8.62 -50.67 11.03
C316 POV W . -8.84 -51.09 9.58
C21 POV W . -5.53 -50.09 14.81
O21 POV W . -6.32 -50.02 15.88
C22 POV W . -6.30 -49.76 13.55
O22 POV W . -4.36 -50.35 14.86
C23 POV W . -6.56 -48.28 13.33
C24 POV W . -8.02 -47.92 13.61
C25 POV W . -8.39 -48.07 15.08
C26 POV W . -9.56 -47.19 15.50
C27 POV W . -10.87 -47.93 15.66
C28 POV W . -12.07 -46.98 15.66
C29 POV W . -13.36 -47.67 15.97
C31 POV W . -10.01 -52.54 16.59
O31 POV W . -8.79 -52.15 16.97
C32 POV W . -10.59 -53.50 17.57
O32 POV W . -10.53 -52.15 15.58
C33 POV W . -11.50 -54.56 16.96
C34 POV W . -10.74 -55.43 15.96
C35 POV W . -9.55 -56.18 16.55
C36 POV W . -8.97 -57.19 15.57
C37 POV W . -7.55 -57.63 15.88
C38 POV W . -6.52 -56.56 15.61
C39 POV W . -6.34 -56.22 14.14
H29 POV W . -13.60 -48.43 15.40
H1 POV W . -5.28 -52.60 15.86
H1A POV W . -4.63 -51.68 16.95
H2 POV W . -6.82 -50.99 17.54
H3 POV W . -8.23 -51.19 15.33
H3A POV W . -7.59 -52.61 15.46
H310 POV W . -5.79 -54.26 14.40
H31A POV W . -7.32 -54.42 14.17
H210 POV W . -13.99 -46.63 17.51
H11 POV W . -5.98 -56.69 19.86
H11A POV W . -5.02 -55.59 20.40
H211 POV W . -16.18 -47.40 17.52
H21A POV W . -15.86 -48.50 16.46
H311 POV W . -5.34 -54.29 12.21
H31B POV W . -6.68 -55.01 11.84
H12 POV W . -3.60 -57.09 18.73
H12A POV W . -4.37 -58.07 19.66
H22 POV W . -5.81 -50.11 12.79
H212 POV W . -16.20 -49.59 18.47
H22A POV W . -7.15 -50.23 13.57
H21B POV W . -14.69 -49.75 18.11
H32 POV W . -9.87 -53.94 18.05
H312 POV W . -6.72 -52.36 12.81
H32A POV W . -11.10 -53.01 18.23
H31C POV W . -6.54 -52.63 11.28
H13 POV W . -1.63 -55.68 21.35
H13A POV W . -1.97 -55.48 19.81
H13B POV W . -3.04 -55.07 20.92
H23 POV W . -5.98 -47.76 13.90
H213 POV W . -14.16 -47.99 19.61
H23A POV W . -6.35 -48.05 12.41
H21C POV W . -15.67 -47.89 20.00
H33 POV W . -11.86 -55.12 17.67
H313 POV W . -8.64 -53.46 11.08
H33A POV W . -12.24 -54.13 16.52
H31D POV W . -8.80 -53.64 12.61
H14 POV W . -2.79 -57.34 22.63
H14A POV W . -4.20 -56.78 22.16
H14B POV W . -3.84 -58.31 21.93
H24 POV W . -8.18 -47.00 13.33
H24A POV W . -8.59 -48.48 13.08
H34 POV W . -11.36 -56.08 15.58
H314 POV W . -10.08 -51.82 11.90
H34A POV W . -10.42 -54.87 15.24
H31E POV W . -9.01 -51.35 12.92
H15 POV W . -1.12 -57.94 21.04
H15A POV W . -2.17 -58.94 20.39
H15B POV W . -1.43 -57.86 19.49
H25 POV W . -8.62 -48.99 15.26
H25A POV W . -7.62 -47.86 15.62
H35 POV W . -8.87 -55.55 16.81
H315 POV W . -9.06 -49.82 11.18
H35A POV W . -9.83 -56.65 17.35
H31F POV W . -7.67 -50.52 11.17
H26 POV W . -9.33 -46.75 16.34
H26A POV W . -9.67 -46.48 14.83
H36 POV W . -9.55 -57.98 15.53
H316 POV W . -8.50 -50.40 8.99
H36A POV W . -8.98 -56.80 14.67
H31G POV W . -8.36 -51.92 9.42
H31H POV W . -9.79 -51.21 9.43
H27 POV W . -10.97 -48.57 14.94
H27A POV W . -10.86 -48.43 16.49
H37 POV W . -7.50 -57.90 16.81
H37A POV W . -7.34 -58.42 15.37
H28 POV W . -11.92 -46.28 16.31
H28A POV W . -12.14 -46.56 14.80
H38 POV W . -6.77 -55.75 16.09
H38A POV W . -5.66 -56.85 15.97
H39 POV W . -7.01 -56.70 13.61
H39A POV W . -5.47 -56.54 13.83
P POV X . -12.89 -46.11 25.81
C1 POV X . -15.52 -46.04 25.57
C2 POV X . -15.68 -45.32 24.23
C3 POV X . -15.86 -43.83 24.37
C210 POV X . -18.88 -42.49 16.23
C310 POV X . -15.65 -39.85 14.44
O11 POV X . -14.35 -45.54 26.19
C211 POV X . -19.48 -42.83 14.91
C311 POV X . -17.15 -39.73 14.67
O12 POV X . -12.37 -46.48 27.34
C212 POV X . -20.92 -42.33 14.81
C312 POV X . -17.71 -38.40 14.21
O13 POV X . -13.09 -47.40 25.07
C213 POV X . -21.61 -42.75 13.52
C313 POV X . -18.01 -38.35 12.71
O14 POV X . -12.02 -45.02 25.26
C214 POV X . -23.01 -42.16 13.39
C314 POV X . -18.72 -37.07 12.29
C215 POV X . -23.03 -40.71 12.95
C315 POV X . -19.53 -37.22 11.02
C216 POV X . -22.77 -40.53 11.45
C316 POV X . -18.70 -37.69 9.84
C217 POV X . -23.20 -39.17 10.93
C218 POV X . -23.05 -39.04 9.42
C21 POV X . -16.69 -46.92 22.75
O21 POV X . -16.81 -45.82 23.49
C22 POV X . -17.96 -47.28 22.04
O22 POV X . -15.66 -47.55 22.69
C23 POV X . -19.06 -46.23 22.15
C24 POV X . -18.76 -45.00 21.31
C25 POV X . -19.30 -43.71 21.93
C26 POV X . -18.90 -42.47 21.15
C27 POV X . -19.43 -42.44 19.72
C28 POV X . -18.36 -42.85 18.69
C29 POV X . -18.97 -43.19 17.37
C31 POV X . -15.75 -42.17 22.68
O31 POV X . -16.30 -43.30 23.13
C32 POV X . -15.05 -42.44 21.38
O32 POV X . -15.83 -41.10 23.24
C33 POV X . -14.79 -43.91 21.12
C34 POV X . -13.79 -44.11 19.98
C35 POV X . -14.38 -43.99 18.59
C36 POV X . -14.57 -42.54 18.16
C37 POV X . -14.20 -42.25 16.70
C38 POV X . -15.41 -41.98 15.83
C39 POV X . -15.09 -41.27 14.51
H29 POV X . -19.48 -44.00 17.33
H1 POV X . -16.29 -45.90 26.13
H1A POV X . -15.44 -47.00 25.43
H2 POV X . -14.86 -45.51 23.75
H3 POV X . -16.50 -43.63 25.07
H3A POV X . -15.02 -43.42 24.64
H310 POV X . -15.44 -39.49 13.57
H31A POV X . -15.19 -39.30 15.10
H210 POV X . -18.36 -41.67 16.27
H211 POV X . -18.95 -42.44 14.20
H21A POV X . -19.47 -43.79 14.78
H311 POV X . -17.60 -40.46 14.21
H31B POV X . -17.34 -39.84 15.62
H22 POV X . -17.77 -47.42 21.11
H212 POV X . -21.43 -42.66 15.57
H22A POV X . -18.30 -48.11 22.40
H21B POV X . -20.92 -41.36 14.87
H32 POV X . -15.59 -42.08 20.66
H312 POV X . -18.53 -38.21 14.69
H32A POV X . -14.21 -41.96 21.38
H31C POV X . -17.08 -37.70 14.42
H23 POV X . -19.90 -46.62 21.86
H213 POV X . -21.08 -42.46 12.76
H23A POV X . -19.18 -45.98 23.08
H21C POV X . -21.67 -43.72 13.49
H33 POV X . -14.45 -44.33 21.93
H313 POV X . -17.19 -38.45 12.21
H33A POV X . -15.62 -44.36 20.90
H31D POV X . -18.57 -39.12 12.48
H24 POV X . -17.79 -44.93 21.20
H214 POV X . -23.52 -42.70 12.76
H24A POV X . -19.13 -45.11 20.42
H21D POV X . -23.47 -42.24 14.24
H34 POV X . -13.08 -43.47 20.08
H314 POV X . -19.29 -36.78 13.00
H34A POV X . -13.40 -45.00 20.08
H31E POV X . -18.05 -36.38 12.16
H25 POV X . -20.26 -43.77 21.98
H215 POV X . -23.88 -40.32 13.16
H25A POV X . -18.96 -43.63 22.83
H21E POV X . -22.36 -40.22 13.44
H35 POV X . -13.81 -44.45 17.95
H315 POV X . -20.25 -37.85 11.17
H35A POV X . -15.24 -44.44 18.56
H31F POV X . -19.94 -36.37 10.80
H26 POV X . -19.22 -41.69 21.62
H216 POV X . -21.83 -40.67 11.27
H26A POV X . -17.93 -42.39 21.12
H21F POV X . -23.25 -41.22 10.96
H36 POV X . -15.48 -42.28 18.30
H316 POV X . -19.26 -37.77 9.05
H36A POV X . -14.02 -41.97 18.73
H31G POV X . -17.99 -37.05 9.67
H31H POV X . -18.30 -38.56 10.05
H27 POV X . -20.19 -43.05 19.65
H217 POV X . -24.12 -39.01 11.17
H27A POV X . -19.76 -41.57 19.51
H21G POV X . -22.67 -38.48 11.36
H37 POV X . -13.60 -41.48 16.67
H37A POV X . -13.71 -43.01 16.35
H28 POV X . -17.74 -42.12 18.59
H218 POV X . -23.33 -38.15 9.15
H28A POV X . -17.87 -43.61 19.03
H21H POV X . -22.12 -39.17 9.18
H21J POV X . -23.59 -39.71 8.98
H38 POV X . -15.85 -42.83 15.63
H38A POV X . -16.05 -41.45 16.33
H39 POV X . -15.44 -41.79 13.79
H39A POV X . -14.13 -41.24 14.41
P POV Y . -18.92 -39.50 29.03
C1 POV Y . -20.90 -38.86 27.40
C2 POV Y . -22.15 -39.48 26.76
C3 POV Y . -21.84 -40.30 25.53
C210 POV Y . -21.86 -32.77 19.90
C310 POV Y . -22.91 -35.82 13.48
O11 POV Y . -20.16 -39.88 28.03
C211 POV Y . -22.39 -31.41 20.29
C311 POV Y . -22.42 -34.93 12.34
O12 POV Y . -19.78 -38.54 30.07
C212 POV Y . -23.88 -31.29 19.99
C312 POV Y . -23.38 -33.77 12.04
O13 POV Y . -18.55 -40.76 29.74
C213 POV Y . -24.50 -30.00 20.51
C313 POV Y . -22.80 -32.71 11.12
O14 POV Y . -17.89 -38.66 28.33
C214 POV Y . -24.15 -28.80 19.64
C215 POV Y . -25.37 -28.03 19.15
C216 POV Y . -25.00 -26.86 18.23
C217 POV Y . -26.20 -26.01 17.82
C21 POV Y . -23.80 -37.79 27.23
O21 POV Y . -23.09 -38.48 26.34
C22 POV Y . -24.79 -36.89 26.52
O22 POV Y . -23.66 -37.87 28.42
C23 POV Y . -24.16 -36.03 25.44
C24 POV Y . -25.19 -35.52 24.44
C25 POV Y . -24.57 -34.70 23.32
C26 POV Y . -23.65 -35.51 22.42
C27 POV Y . -22.16 -35.24 22.67
C28 POV Y . -21.71 -33.86 22.19
C29 POV Y . -21.57 -33.79 20.70
C31 POV Y . -21.29 -39.42 23.40
O31 POV Y . -22.17 -39.54 24.38
C32 POV Y . -21.98 -39.35 22.07
O32 POV Y . -20.10 -39.40 23.58
C33 POV Y . -21.05 -39.18 20.88
C34 POV Y . -21.77 -39.46 19.56
C35 POV Y . -21.22 -38.68 18.37
C36 POV Y . -21.69 -39.25 17.04
C37 POV Y . -21.22 -38.46 15.82
C38 POV Y . -22.30 -37.57 15.23
C39 POV Y . -21.84 -36.77 14.01
H29 POV Y . -21.24 -34.59 20.26
H1 POV Y . -20.36 -38.43 26.73
H1A POV Y . -21.16 -38.19 28.05
H2 POV Y . -22.53 -40.03 27.46
H3 POV Y . -20.90 -40.55 25.52
H3A POV Y . -22.35 -41.13 25.54
H310 POV Y . -23.22 -35.26 14.20
H31A POV Y . -23.66 -36.33 13.16
H210 POV Y . -21.71 -32.90 18.95
H211 POV Y . -22.23 -31.27 21.24
H21A POV Y . -21.90 -30.73 19.82
H311 POV Y . -21.55 -34.56 12.57
H31B POV Y . -22.30 -35.46 11.55
H22 POV Y . -25.49 -37.44 26.13
H212 POV Y . -24.01 -31.34 19.03
H22A POV Y . -25.21 -36.32 27.18
H21B POV Y . -24.35 -32.04 20.38
H32 POV Y . -22.50 -40.17 21.94
H312 POV Y . -24.18 -34.14 11.64
H32A POV Y . -22.61 -38.62 22.08
H31C POV Y . -23.64 -33.36 12.87
H23 POV Y . -23.70 -35.29 25.84
H213 POV Y . -25.46 -30.10 20.55
H23A POV Y . -23.49 -36.56 24.96
H21C POV Y . -24.19 -29.84 21.42
H33 POV Y . -20.70 -38.27 20.87
H33A POV Y . -20.29 -39.77 20.97
H24 POV Y . -25.67 -36.28 24.06
H214 POV Y . -23.58 -28.20 20.15
H24A POV Y . -25.85 -34.98 24.90
H21D POV Y . -23.64 -29.10 18.87
H34 POV Y . -21.71 -40.41 19.37
H34A POV Y . -22.71 -39.25 19.67
H25 POV Y . -25.28 -34.32 22.78
H215 POV Y . -25.96 -28.64 18.66
H25A POV Y . -24.08 -33.96 23.70
H21E POV Y . -25.86 -27.69 19.91
H35 POV Y . -21.50 -37.75 18.44
H35A POV Y . -20.25 -38.69 18.40
H26 POV Y . -23.82 -36.46 22.55
H216 POV Y . -24.35 -26.30 18.69
H26A POV Y . -23.85 -35.31 21.50
H21F POV Y . -24.57 -27.21 17.44
H36 POV Y . -21.38 -40.17 16.96
H36A POV Y . -22.66 -39.27 17.03
H27 POV Y . -21.99 -35.32 23.62
H27A POV Y . -21.64 -35.93 22.22
H37 POV Y . -20.45 -37.92 16.07
H37A POV Y . -20.91 -39.08 15.14
H28 POV Y . -22.34 -33.20 22.49
H28A POV Y . -20.86 -33.65 22.59
H38 POV Y . -23.06 -38.11 14.98
H38A POV Y . -22.59 -36.94 15.91
H39 POV Y . -21.59 -37.39 13.31
H39A POV Y . -21.04 -36.26 14.24
N POV Z . -16.99 -39.54 1.09
P POV Z . -16.99 -37.74 -3.65
C1 POV Z . -16.35 -35.59 -5.03
C2 POV Z . -15.24 -34.73 -4.41
C3 POV Z . -15.79 -33.61 -3.55
C210 POV Z . -12.30 -41.16 -0.96
C310 POV Z . -11.29 -40.31 5.82
C11 POV Z . -16.36 -38.79 -1.33
O11 POV Z . -17.11 -36.16 -3.99
C211 POV Z . -12.29 -40.54 0.41
C311 POV Z . -10.45 -40.75 7.01
C12 POV Z . -17.39 -38.88 -0.22
O12 POV Z . -16.49 -37.60 -2.08
C212 POV Z . -11.69 -41.48 1.45
C312 POV Z . -11.26 -41.53 8.04
C13 POV Z . -18.17 -39.75 1.97
O13 POV Z . -18.39 -38.29 -3.63
C213 POV Z . -12.62 -42.58 1.93
C313 POV Z . -11.69 -42.92 7.58
C14 POV Z . -16.05 -38.63 1.79
O14 POV Z . -15.91 -38.41 -4.44
C214 POV Z . -12.43 -42.91 3.40
C314 POV Z . -10.94 -44.05 8.30
C15 POV Z . -16.30 -40.85 0.87
C215 POV Z . -12.60 -44.39 3.74
C315 POV Z . -11.70 -45.36 8.32
C216 POV Z . -11.36 -45.23 3.46
C316 POV Z . -11.06 -46.40 9.22
C217 POV Z . -10.18 -44.88 4.36
C218 POV Z . -9.08 -45.94 4.33
C21 POV Z . -13.21 -33.65 -5.09
O21 POV Z . -14.40 -34.15 -5.41
C22 POV Z . -12.11 -34.63 -5.35
O22 POV Z . -13.06 -32.54 -4.66
C23 POV Z . -12.32 -36.01 -4.74
C24 POV Z . -11.12 -36.91 -4.95
C25 POV Z . -10.00 -36.66 -3.93
C26 POV Z . -10.33 -37.14 -2.54
C27 POV Z . -10.54 -38.65 -2.43
C28 POV Z . -12.01 -39.05 -2.33
C29 POV Z . -12.17 -40.53 -2.12
C31 POV Z . -14.05 -33.74 -1.94
O31 POV Z . -14.74 -33.01 -2.81
C32 POV Z . -14.88 -34.03 -0.73
O32 POV Z . -12.92 -34.11 -2.13
C33 POV Z . -14.07 -34.43 0.50
C34 POV Z . -14.31 -35.88 0.88
C35 POV Z . -13.79 -36.23 2.26
C36 POV Z . -12.58 -37.15 2.24
C37 POV Z . -12.00 -37.39 3.62
C38 POV Z . -11.45 -38.80 3.80
C39 POV Z . -10.80 -39.02 5.16
H29 POV Z . -12.19 -41.08 -2.92
H1 POV Z . -16.91 -35.05 -5.60
H1A POV Z . -15.97 -36.29 -5.59
H2 POV Z . -14.73 -35.34 -3.85
H3 POV Z . -16.22 -32.95 -4.11
H3A POV Z . -16.46 -33.96 -2.94
H310 POV Z . -11.28 -41.02 5.15
H31A POV Z . -12.20 -40.19 6.10
H210 POV Z . -12.38 -42.13 -0.99
H11 POV Z . -15.47 -38.84 -0.95
H11A POV Z . -16.46 -39.55 -1.92
H211 POV Z . -11.80 -39.71 0.39
H21A POV Z . -13.20 -40.33 0.66
H311 POV Z . -9.71 -41.29 6.71
H31B POV Z . -10.06 -39.97 7.44
H12 POV Z . -18.16 -39.37 -0.56
H12A POV Z . -17.68 -37.98 -0.01
H22 POV Z . -11.99 -34.73 -6.30
H212 POV Z . -10.89 -41.90 1.08
H22A POV Z . -11.27 -34.27 -5.00
H21B POV Z . -11.41 -40.96 2.22
H32 POV Z . -15.41 -33.25 -0.51
H312 POV Z . -10.74 -41.61 8.86
H32A POV Z . -15.49 -34.76 -0.93
H31C POV Z . -12.05 -41.02 8.27
H13 POV Z . -17.88 -40.17 2.79
H13A POV Z . -18.58 -38.89 2.15
H13B POV Z . -18.81 -40.32 1.51
H23 POV Z . -12.50 -35.92 -3.80
H213 POV Z . -13.54 -42.30 1.79
H23A POV Z . -13.10 -36.42 -5.14
H21C POV Z . -12.49 -43.38 1.40
H33 POV Z . -13.12 -34.29 0.32
H313 POV Z . -12.64 -43.02 7.73
H33A POV Z . -14.30 -33.84 1.24
H31D POV Z . -11.53 -42.99 6.63
H14 POV Z . -15.78 -39.03 2.63
H14A POV Z . -15.27 -38.48 1.23
H14B POV Z . -16.49 -37.79 1.96
H24 POV Z . -11.39 -37.84 -4.89
H214 POV Z . -11.53 -42.64 3.67
H24A POV Z . -10.77 -36.78 -5.85
H21D POV Z . -13.05 -42.39 3.93
H34 POV Z . -15.26 -36.06 0.84
H314 POV Z . -10.08 -44.18 7.86
H34A POV Z . -13.88 -36.45 0.23
H31E POV Z . -10.75 -43.77 9.21
H15 POV Z . -16.07 -41.23 1.73
H15A POV Z . -16.90 -41.44 0.40
H15B POV Z . -15.50 -40.70 0.35
H25 POV Z . -9.20 -37.11 -4.24
H215 POV Z . -12.85 -44.48 4.67
H25A POV Z . -9.81 -35.72 -3.91
H21E POV Z . -13.35 -44.74 3.22
H35 POV Z . -13.56 -35.41 2.74
H315 POV Z . -12.61 -45.20 8.62
H35A POV Z . -14.51 -36.65 2.77
H31F POV Z . -11.76 -45.71 7.42
H26 POV Z . -9.63 -36.88 -1.93
H216 POV Z . -11.59 -46.17 3.58
H26A POV Z . -11.14 -36.70 -2.23
H21F POV Z . -11.10 -45.12 2.54
H36 POV Z . -12.84 -38.00 1.85
H316 POV Z . -11.58 -47.22 9.19
H36A POV Z . -11.90 -36.77 1.67
H31G POV Z . -10.16 -46.57 8.90
H31H POV Z . -11.02 -46.06 10.13
H27 POV Z . -10.15 -39.07 -3.22
H217 POV Z . -9.80 -44.03 4.09
H27A POV Z . -10.06 -38.98 -1.66
H21G POV Z . -10.49 -44.78 5.27
H37 POV Z . -11.30 -36.75 3.79
H37A POV Z . -12.69 -37.23 4.29
H28 POV Z . -12.42 -38.57 -1.60
H218 POV Z . -8.36 -45.67 4.92
H28A POV Z . -12.48 -38.79 -3.14
H21H POV Z . -9.45 -46.79 4.64
H21J POV Z . -8.75 -46.04 3.42
H38 POV Z . -12.18 -39.43 3.69
H38A POV Z . -10.81 -38.98 3.11
H39 POV Z . -11.00 -38.28 5.74
H39A POV Z . -9.84 -39.06 5.05
N POV AA . -5.52 -25.98 -6.65
P POV AA . -7.90 -30.21 -6.26
C1 POV AA . -6.27 -31.99 -7.42
C2 POV AA . -5.94 -32.78 -6.15
C3 POV AA . -4.84 -32.16 -5.32
C210 POV AA . -6.88 -41.35 0.97
C310 POV AA . -2.42 -37.27 3.44
C11 POV AA . -7.45 -27.70 -6.79
O11 POV AA . -7.55 -31.40 -7.32
C211 POV AA . -7.81 -41.20 2.13
C311 POV AA . -1.61 -38.20 4.33
C12 POV AA . -6.56 -26.68 -7.47
O12 POV AA . -7.01 -29.02 -6.98
C212 POV AA . -7.53 -42.22 3.24
C312 POV AA . -0.91 -37.47 5.46
C13 POV AA . -6.15 -25.11 -5.62
O13 POV AA . -9.35 -29.89 -6.43
C213 POV AA . -7.93 -41.72 4.61
C313 POV AA . -1.77 -37.24 6.70
C14 POV AA . -4.68 -27.02 -6.00
O14 POV AA . -7.33 -30.50 -4.90
C214 POV AA . -7.62 -42.72 5.72
C314 POV AA . -1.00 -36.60 7.84
C15 POV AA . -4.61 -25.15 -7.51
C215 POV AA . -6.72 -42.15 6.82
C315 POV AA . -1.59 -36.87 9.20
C216 POV AA . -6.42 -43.16 7.92
C316 POV AA . -1.27 -38.26 9.73
C217 POV AA . -5.48 -44.28 7.50
C218 POV AA . -5.71 -45.56 8.30
C21 POV AA . -6.37 -35.12 -6.31
O21 POV AA . -5.51 -34.11 -6.46
C22 POV AA . -6.19 -35.76 -4.97
O22 POV AA . -7.15 -35.46 -7.15
C23 POV AA . -5.49 -37.11 -5.00
C24 POV AA . -4.97 -37.51 -3.62
C25 POV AA . -6.05 -37.49 -2.55
C26 POV AA . -5.54 -37.91 -1.18
C27 POV AA . -6.64 -38.03 -0.14
C28 POV AA . -7.51 -39.27 -0.33
C29 POV AA . -6.76 -40.53 -0.07
C31 POV AA . -3.86 -32.46 -3.19
O31 POV AA . -4.70 -32.90 -4.12
C32 POV AA . -3.19 -33.61 -2.49
O32 POV AA . -3.70 -31.29 -2.95
C33 POV AA . -4.14 -34.53 -1.75
C34 POV AA . -4.95 -33.77 -0.72
C35 POV AA . -5.18 -34.49 0.60
C36 POV AA . -4.06 -34.25 1.60
C37 POV AA . -2.72 -34.84 1.21
C38 POV AA . -2.76 -36.36 1.11
C39 POV AA . -1.81 -37.07 2.06
H29 POV AA . -6.10 -40.79 -0.74
H1 POV AA . -5.60 -31.30 -7.56
H1A POV AA . -6.24 -32.57 -8.20
H2 POV AA . -6.78 -32.78 -5.64
H3 POV AA . -4.01 -32.16 -5.82
H3A POV AA . -5.05 -31.24 -5.12
H310 POV AA . -3.32 -37.61 3.35
H31A POV AA . -2.50 -36.41 3.89
H210 POV AA . -6.31 -42.13 0.98
H11 POV AA . -7.49 -27.51 -5.84
H11A POV AA . -8.35 -27.61 -7.13
H211 POV AA . -7.73 -40.30 2.49
H21A POV AA . -8.72 -41.30 1.83
H311 POV AA . -2.21 -38.87 4.71
H31B POV AA . -0.96 -38.67 3.79
H12 POV AA . -7.13 -26.00 -7.87
H12A POV AA . -6.11 -27.13 -8.20
H22 POV AA . -5.68 -35.16 -4.40
H212 POV AA . -8.01 -43.04 3.05
H22A POV AA . -7.07 -35.88 -4.56
H21B POV AA . -6.58 -42.44 3.23
H32 POV AA . -2.69 -34.12 -3.13
H312 POV AA . -0.11 -37.97 5.71
H32A POV AA . -2.55 -33.25 -1.85
H31C POV AA . -0.60 -36.61 5.14
H13 POV AA . -5.46 -24.67 -5.11
H13A POV AA . -6.71 -24.45 -6.07
H13B POV AA . -6.70 -25.66 -5.03
H23 POV AA . -6.11 -37.79 -5.33
H213 POV AA . -7.46 -40.88 4.79
H23A POV AA . -4.75 -37.07 -5.63
H21C POV AA . -8.88 -41.52 4.62
H33 POV AA . -4.74 -34.97 -2.39
H313 POV AA . -2.53 -36.69 6.46
H33A POV AA . -3.64 -35.24 -1.32
H31D POV AA . -2.12 -38.09 7.00
H14 POV AA . -4.01 -26.59 -5.46
H14A POV AA . -5.25 -27.57 -5.43
H14B POV AA . -4.27 -27.57 -6.67
H24 POV AA . -4.59 -38.40 -3.68
H214 POV AA . -8.44 -43.02 6.12
H24A POV AA . -4.26 -36.91 -3.37
H21D POV AA . -7.19 -43.50 5.33
H34 POV AA . -4.50 -32.93 -0.54
H314 POV AA . -0.07 -36.92 7.81
H34A POV AA . -5.82 -33.55 -1.10
H31E POV AA . -0.95 -35.64 7.69
H15 POV AA . -3.95 -24.72 -6.95
H15A POV AA . -4.17 -25.75 -8.15
H15B POV AA . -5.13 -24.50 -7.99
H25 POV AA . -6.41 -36.59 -2.48
H215 POV AA . -5.89 -41.85 6.43
H25A POV AA . -6.77 -38.08 -2.81
H21E POV AA . -7.16 -41.37 7.21
H35 POV AA . -6.02 -34.20 0.99
H315 POV AA . -1.27 -36.21 9.83
H35A POV AA . -5.26 -35.44 0.43
H31F POV AA . -2.56 -36.77 9.15
H26 POV AA . -5.08 -38.77 -1.26
H216 POV AA . -6.03 -42.70 8.68
H26A POV AA . -4.86 -37.28 -0.88
H21F POV AA . -7.25 -43.55 8.23
H36 POV AA . -3.95 -33.29 1.72
H316 POV AA . -1.68 -38.37 10.60
H36A POV AA . -4.33 -34.62 2.46
H31G POV AA . -1.62 -38.92 9.11
H31H POV AA . -0.31 -38.36 9.80
H27 POV AA . -6.24 -38.04 0.75
H217 POV AA . -5.62 -44.47 6.55
H27A POV AA . -7.19 -37.23 -0.18
H21G POV AA . -4.57 -44.00 7.60
H37 POV AA . -2.44 -34.48 0.35
H37A POV AA . -2.05 -34.59 1.86
H28 POV AA . -8.27 -39.21 0.27
H218 POV AA . -5.08 -46.24 7.98
H28A POV AA . -7.86 -39.27 -1.24
H21H POV AA . -5.55 -45.38 9.23
H21J POV AA . -6.62 -45.86 8.16
H38 POV AA . -3.66 -36.66 1.29
H38A POV AA . -2.54 -36.63 0.20
H39 POV AA . -0.99 -36.55 2.14
H39A POV AA . -1.56 -37.93 1.69
N POV BA . -36.90 -14.92 -1.43
P POV BA . -32.00 -14.37 -1.80
C1 POV BA . -30.04 -15.43 -0.40
C2 POV BA . -28.98 -16.55 -0.49
C3 POV BA . -29.60 -17.92 -0.69
C310 POV BA . -25.37 -26.45 4.88
C11 POV BA . -34.43 -15.29 -2.15
O11 POV BA . -30.68 -15.31 -1.64
C311 POV BA . -24.67 -27.80 4.86
C12 POV BA . -35.44 -15.01 -1.06
O12 POV BA . -33.15 -15.56 -1.64
C13 POV BA . -37.11 -13.99 -2.57
O13 POV BA . -32.02 -13.90 -3.23
C14 POV BA . -37.37 -16.29 -1.83
O14 POV BA . -32.13 -13.40 -0.67
C15 POV BA . -37.73 -14.48 -0.28
C21 POV BA . -27.21 -15.74 0.90
O21 POV BA . -28.18 -16.62 0.68
C22 POV BA . -26.07 -16.36 1.64
O22 POV BA . -27.27 -14.59 0.54
C23 POV BA . -26.42 -16.84 3.04
C24 POV BA . -25.65 -18.09 3.41
C25 POV BA . -24.15 -17.88 3.47
C26 POV BA . -23.35 -19.17 3.65
C27 POV BA . -23.79 -20.00 4.85
C28 POV BA . -23.78 -19.23 6.16
C29 POV BA . -24.01 -20.12 7.34
C31 POV BA . -28.36 -19.94 -0.58
O31 POV BA . -28.59 -18.79 -1.20
C32 POV BA . -27.02 -20.48 -0.98
O32 POV BA . -29.12 -20.46 0.19
C33 POV BA . -26.42 -21.49 -0.01
C34 POV BA . -24.91 -21.37 0.04
C35 POV BA . -24.26 -22.13 1.17
C36 POV BA . -24.16 -23.62 0.89
C37 POV BA . -25.28 -24.46 1.52
C38 POV BA . -24.98 -24.83 2.96
C39 POV BA . -25.83 -25.97 3.50
H1 POV BA . -30.68 -15.63 0.31
H1A POV BA . -29.61 -14.59 -0.16
H2 POV BA . -28.46 -16.30 -1.27
H3 POV BA . -29.94 -18.26 0.15
H3A POV BA . -30.34 -17.86 -1.31
H310 POV BA . -26.14 -26.49 5.47
H31A POV BA . -24.76 -25.79 5.25
H11 POV BA . -34.72 -16.05 -2.68
H11A POV BA . -34.37 -14.52 -2.74
H12 POV BA . -35.19 -14.18 -0.64
H12A POV BA . -35.35 -15.71 -0.38
H22 POV BA . -25.74 -17.12 1.13
H22A POV BA . -25.35 -15.72 1.70
H32 POV BA . -27.11 -20.90 -1.85
H32A POV BA . -26.40 -19.74 -1.08
H13 POV BA . -38.07 -13.96 -2.78
H13A POV BA . -36.81 -13.11 -2.32
H13B POV BA . -36.63 -14.30 -3.34
H23 POV BA . -26.23 -16.13 3.68
H23A POV BA . -27.37 -17.01 3.09
H33 POV BA . -26.79 -21.35 0.87
H33A POV BA . -26.67 -22.39 -0.28
H14 POV BA . -38.31 -16.23 -2.07
H14A POV BA . -36.85 -16.59 -2.59
H14B POV BA . -37.25 -16.88 -1.08
H24 POV BA . -25.96 -18.41 4.27
H24A POV BA . -25.84 -18.79 2.76
H34 POV BA . -24.54 -21.68 -0.81
H34A POV BA . -24.67 -20.43 0.11
H15 POV BA . -38.66 -14.44 -0.56
H15A POV BA . -37.63 -15.12 0.45
H15B POV BA . -37.43 -13.60 0.01
H25 POV BA . -23.85 -17.44 2.66
H25A POV BA . -23.94 -17.29 4.22
H35 POV BA . -23.36 -21.78 1.32
H35A POV BA . -24.76 -21.99 1.98
H26 POV BA . -23.45 -19.71 2.85
H26A POV BA . -22.41 -18.96 3.74
H36 POV BA . -24.18 -23.77 -0.07
H36A POV BA . -23.31 -23.96 1.22
H27 POV BA . -24.69 -20.35 4.69
H27A POV BA . -23.20 -20.77 4.93
H37 POV BA . -26.11 -23.96 1.48
H37A POV BA . -25.41 -25.26 0.99
H28 POV BA . -22.94 -18.76 6.26
H28A POV BA . -24.48 -18.54 6.14
H38 POV BA . -24.04 -25.08 3.04
H38A POV BA . -25.12 -24.05 3.53
H39 POV BA . -25.80 -26.72 2.87
H39A POV BA . -26.76 -25.69 3.56
N POV CA . -24.92 -33.19 39.79
P POV CA . -23.45 -31.58 36.05
C1 POV CA . -24.43 -29.42 37.20
C2 POV CA . -25.78 -28.68 37.20
C3 POV CA . -26.78 -29.17 36.20
C310 POV CA . -28.47 -25.20 25.19
C11 POV CA . -22.89 -32.06 38.61
O11 POV CA . -24.61 -30.77 36.85
C311 POV CA . -29.97 -25.32 25.26
C12 POV CA . -23.74 -33.29 38.84
O12 POV CA . -22.41 -31.94 37.30
C312 POV CA . -30.61 -25.62 23.90
C13 POV CA . -24.55 -32.53 41.07
O13 POV CA . -22.76 -30.59 35.16
C14 POV CA . -25.97 -32.38 39.12
O14 POV CA . -23.97 -32.87 35.49
C15 POV CA . -25.49 -34.54 40.09
C21 POV CA . -26.16 -26.34 37.63
O21 POV CA . -25.59 -27.29 36.90
C22 POV CA . -25.65 -24.98 37.20
O22 POV CA . -26.97 -26.54 38.50
C23 POV CA . -26.52 -23.82 37.66
C24 POV CA . -26.03 -22.50 37.09
C25 POV CA . -24.66 -22.10 37.62
C31 POV CA . -27.59 -27.98 34.32
O31 POV CA . -27.42 -28.04 35.63
C32 POV CA . -27.27 -26.61 33.81
O32 POV CA . -27.96 -28.92 33.65
C33 POV CA . -27.27 -26.49 32.29
C34 POV CA . -28.65 -26.06 31.78
C35 POV CA . -28.67 -24.70 31.10
C36 POV CA . -28.73 -24.81 29.57
C37 POV CA . -27.52 -25.49 28.96
C38 POV CA . -27.78 -25.94 27.52
C39 POV CA . -27.81 -24.79 26.51
H1 POV CA . -23.83 -28.99 36.57
H1A POV CA . -24.02 -29.35 38.08
H2 POV CA . -26.13 -28.83 38.09
H3 POV CA . -26.33 -29.69 35.50
H3A POV CA . -27.42 -29.76 36.61
H310 POV CA . -28.09 -26.05 24.91
H31A POV CA . -28.23 -24.55 24.51
H11 POV CA . -23.41 -31.27 38.84
H11A POV CA . -22.14 -32.08 39.23
H311 POV CA . -30.22 -26.02 25.88
H31B POV CA . -30.34 -24.49 25.61
H12 POV CA . -23.15 -33.98 39.18
H12A POV CA . -24.07 -33.58 37.98
H22 POV CA . -24.76 -24.87 37.57
H22A POV CA . -25.58 -24.96 36.24
H32 POV CA . -27.90 -25.98 34.17
H32A POV CA . -26.39 -26.36 34.13
H13 POV CA . -25.33 -32.49 41.64
H13A POV CA . -23.86 -33.05 41.50
H13B POV CA . -24.23 -31.63 40.89
H23 POV CA . -27.44 -23.97 37.38
H23A POV CA . -26.53 -23.78 38.63
H33 POV CA . -26.61 -25.84 32.01
H33A POV CA . -27.03 -27.34 31.89
H14 POV CA . -26.74 -32.31 39.70
H14A POV CA . -25.62 -31.50 38.93
H14B POV CA . -26.23 -32.82 38.29
H24 POV CA . -26.00 -22.56 36.12
H24A POV CA . -26.66 -21.81 37.32
H34 POV CA . -28.97 -26.73 31.16
H34A POV CA . -29.27 -26.04 32.53
H15 POV CA . -26.24 -34.44 40.69
H15A POV CA . -25.78 -34.95 39.25
H15B POV CA . -24.81 -35.09 40.50
H35 POV CA . -29.44 -24.20 31.41
H35A POV CA . -27.87 -24.20 31.36
H36 POV CA . -29.52 -25.30 29.33
H36A POV CA . -28.82 -23.92 29.21
H37 POV CA . -26.76 -24.87 28.96
H37A POV CA . -27.26 -26.25 29.49
H38 POV CA . -27.10 -26.57 27.26
H38A POV CA . -28.63 -26.40 27.50
H39 POV CA . -26.90 -24.49 26.34
H39A POV CA . -28.29 -24.04 26.89
C210 POV DA . -19.52 -14.68 23.38
C211 POV DA . -20.20 -15.90 23.93
C212 POV DA . -19.28 -16.67 24.88
C213 POV DA . -19.59 -18.15 24.99
C214 POV DA . -21.08 -18.44 25.11
C215 POV DA . -21.78 -17.60 26.17
C21 POV DA . -18.69 -5.38 19.00
O21 POV DA . -19.32 -4.70 18.06
C22 POV DA . -19.36 -5.18 20.34
O22 POV DA . -17.72 -6.06 18.81
C23 POV DA . -20.23 -6.35 20.76
C24 POV DA . -19.43 -7.64 20.90
C25 POV DA . -20.23 -8.79 21.48
C26 POV DA . -19.38 -10.02 21.75
C27 POV DA . -20.12 -11.12 22.51
C28 POV DA . -19.16 -12.20 22.99
C29 POV DA . -19.86 -13.40 23.56
H29 POV DA . -20.64 -13.23 24.09
H210 POV DA . -18.74 -14.84 22.82
H211 POV DA . -21.00 -15.64 24.40
H21A POV DA . -20.46 -16.47 23.20
H22 POV DA . -18.69 -5.04 21.01
H212 POV DA . -18.36 -16.57 24.57
H22A POV DA . -19.91 -4.38 20.29
H21B POV DA . -19.32 -16.27 25.76
H23 POV DA . -20.66 -6.15 21.60
H213 POV DA . -19.24 -18.61 24.22
H23A POV DA . -20.94 -6.49 20.11
H21C POV DA . -19.13 -18.51 25.77
H24 POV DA . -19.09 -7.89 20.03
H214 POV DA . -21.50 -18.28 24.26
H24A POV DA . -18.66 -7.47 21.46
H21D POV DA . -21.21 -19.38 25.32
H25 POV DA . -20.65 -8.50 22.30
H25A POV DA . -20.95 -9.03 20.85
H26 POV DA . -19.08 -10.38 20.91
H26A POV DA . -18.61 -9.75 22.25
H27 POV DA . -20.57 -10.73 23.28
H27A POV DA . -20.80 -11.51 21.95
H28 POV DA . -18.60 -12.48 22.26
H28A POV DA . -18.57 -11.83 23.67
PG ATP EA . -9.64 22.45 -28.63
O1G ATP EA . -10.10 21.04 -28.54
O2G ATP EA . -8.64 22.70 -29.76
O3G ATP EA . -9.08 22.99 -27.32
PB ATP EA . -11.35 24.89 -28.70
O1B ATP EA . -11.28 25.72 -29.92
O2B ATP EA . -10.56 25.41 -27.50
O3B ATP EA . -10.87 23.41 -28.97
PA ATP EA . -13.75 23.41 -27.85
O1A ATP EA . -14.45 22.90 -29.05
O2A ATP EA . -12.86 22.42 -27.12
O3A ATP EA . -12.84 24.65 -28.21
O5' ATP EA . -14.78 24.01 -26.82
C5' ATP EA . -14.49 25.21 -26.09
C4' ATP EA . -15.53 25.41 -25.02
O4' ATP EA . -16.10 24.11 -24.76
C3' ATP EA . -14.90 25.73 -23.68
O3' ATP EA . -14.86 27.15 -23.60
C2' ATP EA . -16.00 25.29 -22.72
O2' ATP EA . -17.07 26.20 -22.90
C1' ATP EA . -16.50 24.02 -23.40
N9 ATP EA . -15.85 22.83 -22.86
C8 ATP EA . -14.68 22.26 -23.27
N7 ATP EA . -14.34 21.19 -22.59
C5 ATP EA . -15.36 21.05 -21.66
C6 ATP EA . -15.61 20.10 -20.64
N6 ATP EA . -14.79 19.08 -20.38
N1 ATP EA . -16.73 20.25 -19.91
C2 ATP EA . -17.54 21.27 -20.18
N3 ATP EA . -17.42 22.22 -21.10
C4 ATP EA . -16.30 22.05 -21.82
H5'1 ATP EA . -13.61 25.15 -25.69
H5'2 ATP EA . -14.47 25.98 -26.68
H4' ATP EA . -16.14 26.09 -25.31
H3' ATP EA . -14.02 25.34 -23.52
HO3' ATP EA . -14.51 27.38 -22.87
H2' ATP EA . -15.72 25.21 -21.79
HO2' ATP EA . -17.70 26.00 -22.38
H1' ATP EA . -17.46 23.94 -23.28
H8 ATP EA . -14.16 22.60 -23.96
HN61 ATP EA . -14.99 18.53 -19.74
HN62 ATP EA . -14.08 18.97 -20.83
H2 ATP EA . -18.29 21.33 -19.63
C1 HT1 FA . -9.24 -11.97 0.68
O1 HT1 FA . -9.57 -10.96 -0.17
C2 HT1 FA . -9.98 -13.14 0.71
C3 HT1 FA . -9.65 -14.15 1.58
C4 HT1 FA . -8.56 -14.02 2.44
C5 HT1 FA . -7.83 -12.84 2.40
C6 HT1 FA . -8.15 -11.82 1.53
C7 HT1 FA . -8.19 -15.08 3.37
N1 HT1 FA . -8.47 -15.03 4.70
C8 HT1 FA . -7.96 -16.18 5.27
C9 HT1 FA . -7.38 -16.89 4.23
N2 HT1 FA . -7.52 -16.18 3.04
C10 HT1 FA . -6.76 -18.11 4.48
C11 HT1 FA . -6.74 -18.59 5.76
C12 HT1 FA . -7.33 -17.89 6.81
C13 HT1 FA . -7.94 -16.66 6.57
C14 HT1 FA . -7.27 -18.46 8.17
N3 HT1 FA . -7.28 -17.72 9.30
C15 HT1 FA . -7.18 -18.60 10.36
C16 HT1 FA . -7.11 -19.87 9.78
N4 HT1 FA . -7.16 -19.76 8.39
C17 HT1 FA . -7.01 -21.00 10.59
C18 HT1 FA . -6.97 -20.83 11.95
C19 HT1 FA . -7.04 -19.56 12.54
C20 HT1 FA . -7.15 -18.43 11.73
N5 HT1 FA . -7.01 -19.44 13.92
C21 HT1 FA . -7.80 -20.28 14.82
C22 HT1 FA . -7.20 -20.26 16.21
N6 HT1 FA . -5.75 -20.33 16.14
C23 HT1 FA . -5.22 -19.08 15.57
C24 HT1 FA . -6.21 -18.43 14.63
C25 HT1 FA . -5.16 -20.60 17.45
C26 HT1 FA . -8.58 -10.44 -1.06
C27 HT1 FA . -8.14 -11.55 -1.97
H2 HT1 FA . -10.72 -13.24 0.15
H3 HT1 FA . -10.15 -14.93 1.61
H5 HT1 FA . -7.09 -12.75 2.97
H6 HT1 FA . -7.66 -11.04 1.52
HN1 HT1 FA . -8.88 -14.39 5.11
H10 HT1 FA . -6.35 -18.59 3.78
H11 HT1 FA . -6.33 -19.41 5.93
H13 HT1 FA . -8.33 -16.18 7.26
HN3 HT1 FA . -7.34 -16.86 9.36
H17 HT1 FA . -6.95 -21.85 10.21
H18 HT1 FA . -6.90 -21.59 12.50
H20 HT1 FA . -7.20 -17.59 12.11
H211 HT1 FA . -8.72 -19.98 14.85
H212 HT1 FA . -7.81 -21.20 14.49
H221 HT1 FA . -7.48 -19.46 16.68
H222 HT1 FA . -7.55 -21.01 16.73
H231 HT1 FA . -5.02 -18.47 16.30
H232 HT1 FA . -4.39 -19.26 15.11
H241 HT1 FA . -5.72 -17.89 13.99
H242 HT1 FA . -6.79 -17.84 15.13
H251 HT1 FA . -4.20 -20.64 17.36
H252 HT1 FA . -5.41 -19.89 18.06
H253 HT1 FA . -5.49 -21.45 17.77
H261 HT1 FA . -8.95 -9.71 -1.59
H262 HT1 FA . -7.83 -10.09 -0.56
H271 HT1 FA . -7.46 -11.22 -2.58
H272 HT1 FA . -7.77 -12.27 -1.42
H273 HT1 FA . -8.90 -11.88 -2.46
C1 HT1 GA . -2.16 -17.89 31.32
O1 HT1 GA . -2.02 -17.96 32.67
C2 HT1 GA . -1.95 -16.68 30.65
C3 HT1 GA . -2.07 -16.64 29.28
C4 HT1 GA . -2.38 -17.77 28.54
C5 HT1 GA . -2.55 -18.97 29.22
C6 HT1 GA . -2.46 -19.03 30.59
C7 HT1 GA . -2.47 -17.73 27.09
N1 HT1 GA . -3.60 -17.39 26.41
C8 HT1 GA . -3.30 -17.48 25.06
C9 HT1 GA . -1.97 -17.88 24.99
N2 HT1 GA . -1.46 -18.05 26.27
C10 HT1 GA . -1.37 -18.08 23.75
C11 HT1 GA . -2.11 -17.86 22.62
C12 HT1 GA . -3.44 -17.45 22.68
C13 HT1 GA . -4.05 -17.25 23.92
C14 HT1 GA . -4.18 -17.22 21.44
N3 HT1 GA . -3.87 -16.27 20.52
C15 HT1 GA . -4.79 -16.39 19.50
C16 HT1 GA . -5.63 -17.45 19.86
N4 HT1 GA . -5.23 -17.96 21.08
C17 HT1 GA . -6.69 -17.81 19.03
C18 HT1 GA . -6.87 -17.13 17.85
C19 HT1 GA . -6.03 -16.08 17.48
C20 HT1 GA . -4.99 -15.69 18.31
N5 HT1 GA . -6.25 -15.39 16.30
C21 HT1 GA . -7.44 -14.57 16.09
C22 HT1 GA . -7.47 -14.02 14.68
N6 HT1 GA . -6.29 -13.21 14.39
C23 HT1 GA . -5.06 -13.89 14.80
C24 HT1 GA . -5.30 -15.33 15.20
C25 HT1 GA . -6.38 -11.90 15.02
C26 HT1 GA . -0.86 -18.66 33.16
C27 HT1 GA . -0.15 -17.75 34.12
H2 HT1 GA . -1.75 -15.92 31.14
H3 HT1 GA . -1.93 -15.82 28.84
H5 HT1 GA . -2.75 -19.74 28.74
H6 HT1 GA . -2.58 -19.85 31.03
HN1 HT1 GA . -4.35 -17.16 26.75
H10 HT1 GA . -0.49 -18.36 23.70
H11 HT1 GA . -1.72 -17.98 21.78
H13 HT1 GA . -4.94 -16.98 23.97
HN3 HT1 GA . -3.23 -15.71 20.57
H17 HT1 GA . -7.26 -18.51 19.27
H18 HT1 GA . -7.57 -17.37 17.29
H20 HT1 GA . -4.44 -14.99 18.09
H211 HT1 GA . -8.24 -15.09 16.25
H212 HT1 GA . -7.45 -13.83 16.72
H221 HT1 GA . -7.53 -14.75 14.05
H222 HT1 GA . -8.27 -13.48 14.56
H231 HT1 GA . -4.41 -13.86 14.07
H232 HT1 GA . -4.66 -13.42 15.55
H241 HT1 GA . -4.48 -15.76 15.44
H242 HT1 GA . -5.66 -15.83 14.43
H251 HT1 GA . -5.58 -11.39 14.81
H252 HT1 GA . -7.16 -11.44 14.68
H253 HT1 GA . -6.45 -12.01 15.98
H261 HT1 GA . -1.11 -19.49 33.60
H262 HT1 GA . -0.27 -18.89 32.43
H271 HT1 GA . 0.64 -18.20 34.46
H272 HT1 GA . 0.11 -16.94 33.66
H273 HT1 GA . -0.75 -17.54 34.85
#